data_6NZX
# 
_entry.id   6NZX 
# 
_audit_conform.dict_name       mmcif_pdbx.dic 
_audit_conform.dict_version    5.397 
_audit_conform.dict_location   http://mmcif.pdb.org/dictionaries/ascii/mmcif_pdbx.dic 
# 
loop_
_database_2.database_id 
_database_2.database_code 
_database_2.pdbx_database_accession 
_database_2.pdbx_DOI 
PDB   6NZX         pdb_00006nzx 10.2210/pdb6nzx/pdb 
WWPDB D_1000239456 ?            ?                   
# 
loop_
_pdbx_audit_revision_history.ordinal 
_pdbx_audit_revision_history.data_content_type 
_pdbx_audit_revision_history.major_revision 
_pdbx_audit_revision_history.minor_revision 
_pdbx_audit_revision_history.revision_date 
1 'Structure model' 1 0 2019-03-06 
2 'Structure model' 1 1 2023-10-11 
3 'Structure model' 1 2 2024-10-30 
# 
_pdbx_audit_revision_details.ordinal             1 
_pdbx_audit_revision_details.revision_ordinal    1 
_pdbx_audit_revision_details.data_content_type   'Structure model' 
_pdbx_audit_revision_details.provider            repository 
_pdbx_audit_revision_details.type                'Initial release' 
_pdbx_audit_revision_details.description         ? 
_pdbx_audit_revision_details.details             ? 
# 
loop_
_pdbx_audit_revision_group.ordinal 
_pdbx_audit_revision_group.revision_ordinal 
_pdbx_audit_revision_group.data_content_type 
_pdbx_audit_revision_group.group 
1 2 'Structure model' 'Data collection'        
2 2 'Structure model' 'Database references'    
3 2 'Structure model' 'Derived calculations'   
4 2 'Structure model' 'Refinement description' 
5 3 'Structure model' 'Structure summary'      
# 
loop_
_pdbx_audit_revision_category.ordinal 
_pdbx_audit_revision_category.revision_ordinal 
_pdbx_audit_revision_category.data_content_type 
_pdbx_audit_revision_category.category 
1 2 'Structure model' chem_comp_atom                
2 2 'Structure model' chem_comp_bond                
3 2 'Structure model' database_2                    
4 2 'Structure model' pdbx_initial_refinement_model 
5 2 'Structure model' struct_conn                   
6 2 'Structure model' struct_conn_type              
7 3 'Structure model' pdbx_entry_details            
8 3 'Structure model' pdbx_modification_feature     
# 
loop_
_pdbx_audit_revision_item.ordinal 
_pdbx_audit_revision_item.revision_ordinal 
_pdbx_audit_revision_item.data_content_type 
_pdbx_audit_revision_item.item 
1  2 'Structure model' '_database_2.pdbx_DOI'                
2  2 'Structure model' '_database_2.pdbx_database_accession' 
3  2 'Structure model' '_struct_conn.conn_type_id'           
4  2 'Structure model' '_struct_conn.id'                     
5  2 'Structure model' '_struct_conn.pdbx_dist_value'        
6  2 'Structure model' '_struct_conn.pdbx_leaving_atom_flag' 
7  2 'Structure model' '_struct_conn.ptnr1_auth_seq_id'      
8  2 'Structure model' '_struct_conn.ptnr1_label_seq_id'     
9  2 'Structure model' '_struct_conn.ptnr2_label_atom_id'    
10 2 'Structure model' '_struct_conn_type.id'                
# 
_pdbx_database_status.status_code                     REL 
_pdbx_database_status.status_code_sf                  REL 
_pdbx_database_status.status_code_mr                  ? 
_pdbx_database_status.entry_id                        6NZX 
_pdbx_database_status.recvd_initial_deposition_date   2019-02-14 
_pdbx_database_status.SG_entry                        N 
_pdbx_database_status.deposit_site                    RCSB 
_pdbx_database_status.process_site                    RCSB 
_pdbx_database_status.status_code_cs                  ? 
_pdbx_database_status.methods_development_category    ? 
_pdbx_database_status.pdb_format_compatible           Y 
_pdbx_database_status.status_code_nmr_data            ? 
# 
loop_
_audit_author.name 
_audit_author.pdbx_ordinal 
_audit_author.identifier_ORCID 
'Teakel, S.L.'  1 0000-0002-7322-8677 
'Marama, M.S.'  2 0000-0002-7414-6470 
'Aragao, D.'    3 0000-0002-6551-4657 
'Forwood, J.K.' 4 0000-0003-3267-9997 
'Cahill, M.A.'  5 0000-0002-8593-8844 
# 
_citation.abstract                  ? 
_citation.abstract_id_CAS           ? 
_citation.book_id_ISBN              ? 
_citation.book_publisher            ? 
_citation.book_publisher_city       ? 
_citation.book_title                ? 
_citation.coordinate_linkage        ? 
_citation.country                   ? 
_citation.database_id_Medline       ? 
_citation.details                   ? 
_citation.id                        primary 
_citation.journal_abbrev            'To Be Published' 
_citation.journal_id_ASTM           ? 
_citation.journal_id_CSD            0353 
_citation.journal_id_ISSN           ? 
_citation.journal_full              ? 
_citation.journal_issue             ? 
_citation.journal_volume            ? 
_citation.language                  ? 
_citation.page_first                ? 
_citation.page_last                 ? 
_citation.title                     'Hadesarchaea YNP_N21 cytochrome b5 domain protein (KUO41884.1)' 
_citation.year                      ? 
_citation.database_id_CSD           ? 
_citation.pdbx_database_id_DOI      ? 
_citation.pdbx_database_id_PubMed   ? 
_citation.unpublished_flag          ? 
# 
loop_
_citation_author.citation_id 
_citation_author.name 
_citation_author.ordinal 
_citation_author.identifier_ORCID 
primary 'Teakel, S.L.'  1 0000-0002-7322-8677 
primary 'Marama, M.S.'  2 0000-0002-7414-6470 
primary 'Aragao, D.'    3 0000-0002-6551-4657 
primary 'Forwood, J.K.' 4 0000-0003-3267-9997 
primary 'Cahill, M.A.'  5 0000-0002-8593-8844 
# 
loop_
_entity.id 
_entity.type 
_entity.src_method 
_entity.pdbx_description 
_entity.formula_weight 
_entity.pdbx_number_of_molecules 
_entity.pdbx_ec 
_entity.pdbx_mutation 
_entity.pdbx_fragment 
_entity.details 
1 polymer     man 'Cytochrome B5'                   8626.714 1  ? ? ? ? 
2 non-polymer syn 'PROTOPORPHYRIN IX CONTAINING FE' 616.487  1  ? ? ? ? 
3 water       nat water                             18.015   21 ? ? ? ? 
# 
_entity_poly.entity_id                      1 
_entity_poly.type                           'polypeptide(L)' 
_entity_poly.nstd_linkage                   no 
_entity_poly.nstd_monomer                   no 
_entity_poly.pdbx_seq_one_letter_code       SMRVFTKEELSRYNGKEGAPAYVAYNGKVYDVTGSFHWKGGKHHVLHDAGQDLTESIGRAPHTAELLEKFPVVGVLRG 
_entity_poly.pdbx_seq_one_letter_code_can   SMRVFTKEELSRYNGKEGAPAYVAYNGKVYDVTGSFHWKGGKHHVLHDAGQDLTESIGRAPHTAELLEKFPVVGVLRG 
_entity_poly.pdbx_strand_id                 A 
_entity_poly.pdbx_target_identifier         ? 
# 
loop_
_pdbx_entity_nonpoly.entity_id 
_pdbx_entity_nonpoly.name 
_pdbx_entity_nonpoly.comp_id 
2 'PROTOPORPHYRIN IX CONTAINING FE' HEM 
3 water                             HOH 
# 
loop_
_entity_poly_seq.entity_id 
_entity_poly_seq.num 
_entity_poly_seq.mon_id 
_entity_poly_seq.hetero 
1 1  SER n 
1 2  MET n 
1 3  ARG n 
1 4  VAL n 
1 5  PHE n 
1 6  THR n 
1 7  LYS n 
1 8  GLU n 
1 9  GLU n 
1 10 LEU n 
1 11 SER n 
1 12 ARG n 
1 13 TYR n 
1 14 ASN n 
1 15 GLY n 
1 16 LYS n 
1 17 GLU n 
1 18 GLY n 
1 19 ALA n 
1 20 PRO n 
1 21 ALA n 
1 22 TYR n 
1 23 VAL n 
1 24 ALA n 
1 25 TYR n 
1 26 ASN n 
1 27 GLY n 
1 28 LYS n 
1 29 VAL n 
1 30 TYR n 
1 31 ASP n 
1 32 VAL n 
1 33 THR n 
1 34 GLY n 
1 35 SER n 
1 36 PHE n 
1 37 HIS n 
1 38 TRP n 
1 39 LYS n 
1 40 GLY n 
1 41 GLY n 
1 42 LYS n 
1 43 HIS n 
1 44 HIS n 
1 45 VAL n 
1 46 LEU n 
1 47 HIS n 
1 48 ASP n 
1 49 ALA n 
1 50 GLY n 
1 51 GLN n 
1 52 ASP n 
1 53 LEU n 
1 54 THR n 
1 55 GLU n 
1 56 SER n 
1 57 ILE n 
1 58 GLY n 
1 59 ARG n 
1 60 ALA n 
1 61 PRO n 
1 62 HIS n 
1 63 THR n 
1 64 ALA n 
1 65 GLU n 
1 66 LEU n 
1 67 LEU n 
1 68 GLU n 
1 69 LYS n 
1 70 PHE n 
1 71 PRO n 
1 72 VAL n 
1 73 VAL n 
1 74 GLY n 
1 75 VAL n 
1 76 LEU n 
1 77 ARG n 
1 78 GLY n 
# 
_entity_src_gen.entity_id                          1 
_entity_src_gen.pdbx_src_id                        1 
_entity_src_gen.pdbx_alt_source_flag               sample 
_entity_src_gen.pdbx_seq_type                      'Biological sequence' 
_entity_src_gen.pdbx_beg_seq_num                   1 
_entity_src_gen.pdbx_end_seq_num                   78 
_entity_src_gen.gene_src_common_name               ? 
_entity_src_gen.gene_src_genus                     ? 
_entity_src_gen.pdbx_gene_src_gene                 APU95_03975 
_entity_src_gen.gene_src_species                   ? 
_entity_src_gen.gene_src_strain                    ? 
_entity_src_gen.gene_src_tissue                    ? 
_entity_src_gen.gene_src_tissue_fraction           ? 
_entity_src_gen.gene_src_details                   ? 
_entity_src_gen.pdbx_gene_src_fragment             ? 
_entity_src_gen.pdbx_gene_src_scientific_name      'Hadesarchaea archaeon YNP_N21' 
_entity_src_gen.pdbx_gene_src_ncbi_taxonomy_id     1776333 
_entity_src_gen.pdbx_gene_src_variant              ? 
_entity_src_gen.pdbx_gene_src_cell_line            ? 
_entity_src_gen.pdbx_gene_src_atcc                 ? 
_entity_src_gen.pdbx_gene_src_organ                ? 
_entity_src_gen.pdbx_gene_src_organelle            ? 
_entity_src_gen.pdbx_gene_src_cell                 ? 
_entity_src_gen.pdbx_gene_src_cellular_location    ? 
_entity_src_gen.host_org_common_name               ? 
_entity_src_gen.pdbx_host_org_scientific_name      'Escherichia coli' 
_entity_src_gen.pdbx_host_org_ncbi_taxonomy_id     562 
_entity_src_gen.host_org_genus                     ? 
_entity_src_gen.pdbx_host_org_gene                 ? 
_entity_src_gen.pdbx_host_org_organ                ? 
_entity_src_gen.host_org_species                   ? 
_entity_src_gen.pdbx_host_org_tissue               ? 
_entity_src_gen.pdbx_host_org_tissue_fraction      ? 
_entity_src_gen.pdbx_host_org_strain               ? 
_entity_src_gen.pdbx_host_org_variant              ? 
_entity_src_gen.pdbx_host_org_cell_line            ? 
_entity_src_gen.pdbx_host_org_atcc                 ? 
_entity_src_gen.pdbx_host_org_culture_collection   ? 
_entity_src_gen.pdbx_host_org_cell                 ? 
_entity_src_gen.pdbx_host_org_organelle            ? 
_entity_src_gen.pdbx_host_org_cellular_location    ? 
_entity_src_gen.pdbx_host_org_vector_type          ? 
_entity_src_gen.pdbx_host_org_vector               ? 
_entity_src_gen.host_org_details                   ? 
_entity_src_gen.expression_system_id               ? 
_entity_src_gen.plasmid_name                       ? 
_entity_src_gen.plasmid_details                    ? 
_entity_src_gen.pdbx_description                   ? 
# 
loop_
_chem_comp.id 
_chem_comp.type 
_chem_comp.mon_nstd_flag 
_chem_comp.name 
_chem_comp.pdbx_synonyms 
_chem_comp.formula 
_chem_comp.formula_weight 
ALA 'L-peptide linking' y ALANINE                           ?    'C3 H7 N O2'       89.093  
ARG 'L-peptide linking' y ARGININE                          ?    'C6 H15 N4 O2 1'   175.209 
ASN 'L-peptide linking' y ASPARAGINE                        ?    'C4 H8 N2 O3'      132.118 
ASP 'L-peptide linking' y 'ASPARTIC ACID'                   ?    'C4 H7 N O4'       133.103 
GLN 'L-peptide linking' y GLUTAMINE                         ?    'C5 H10 N2 O3'     146.144 
GLU 'L-peptide linking' y 'GLUTAMIC ACID'                   ?    'C5 H9 N O4'       147.129 
GLY 'peptide linking'   y GLYCINE                           ?    'C2 H5 N O2'       75.067  
HEM non-polymer         . 'PROTOPORPHYRIN IX CONTAINING FE' HEME 'C34 H32 Fe N4 O4' 616.487 
HIS 'L-peptide linking' y HISTIDINE                         ?    'C6 H10 N3 O2 1'   156.162 
HOH non-polymer         . WATER                             ?    'H2 O'             18.015  
ILE 'L-peptide linking' y ISOLEUCINE                        ?    'C6 H13 N O2'      131.173 
LEU 'L-peptide linking' y LEUCINE                           ?    'C6 H13 N O2'      131.173 
LYS 'L-peptide linking' y LYSINE                            ?    'C6 H15 N2 O2 1'   147.195 
MET 'L-peptide linking' y METHIONINE                        ?    'C5 H11 N O2 S'    149.211 
PHE 'L-peptide linking' y PHENYLALANINE                     ?    'C9 H11 N O2'      165.189 
PRO 'L-peptide linking' y PROLINE                           ?    'C5 H9 N O2'       115.130 
SER 'L-peptide linking' y SERINE                            ?    'C3 H7 N O3'       105.093 
THR 'L-peptide linking' y THREONINE                         ?    'C4 H9 N O3'       119.119 
TRP 'L-peptide linking' y TRYPTOPHAN                        ?    'C11 H12 N2 O2'    204.225 
TYR 'L-peptide linking' y TYROSINE                          ?    'C9 H11 N O3'      181.189 
VAL 'L-peptide linking' y VALINE                            ?    'C5 H11 N O2'      117.146 
# 
loop_
_pdbx_poly_seq_scheme.asym_id 
_pdbx_poly_seq_scheme.entity_id 
_pdbx_poly_seq_scheme.seq_id 
_pdbx_poly_seq_scheme.mon_id 
_pdbx_poly_seq_scheme.ndb_seq_num 
_pdbx_poly_seq_scheme.pdb_seq_num 
_pdbx_poly_seq_scheme.auth_seq_num 
_pdbx_poly_seq_scheme.pdb_mon_id 
_pdbx_poly_seq_scheme.auth_mon_id 
_pdbx_poly_seq_scheme.pdb_strand_id 
_pdbx_poly_seq_scheme.pdb_ins_code 
_pdbx_poly_seq_scheme.hetero 
A 1 1  SER 1  0  ?  ?   ?   A . n 
A 1 2  MET 2  1  1  MET MET A . n 
A 1 3  ARG 3  2  2  ARG ARG A . n 
A 1 4  VAL 4  3  3  VAL VAL A . n 
A 1 5  PHE 5  4  4  PHE PHE A . n 
A 1 6  THR 6  5  5  THR THR A . n 
A 1 7  LYS 7  6  6  LYS LYS A . n 
A 1 8  GLU 8  7  7  GLU GLU A . n 
A 1 9  GLU 9  8  8  GLU GLU A . n 
A 1 10 LEU 10 9  9  LEU LEU A . n 
A 1 11 SER 11 10 10 SER SER A . n 
A 1 12 ARG 12 11 11 ARG ARG A . n 
A 1 13 TYR 13 12 12 TYR TYR A . n 
A 1 14 ASN 14 13 13 ASN ASN A . n 
A 1 15 GLY 15 14 14 GLY GLY A . n 
A 1 16 LYS 16 15 15 LYS LYS A . n 
A 1 17 GLU 17 16 16 GLU GLU A . n 
A 1 18 GLY 18 17 17 GLY GLY A . n 
A 1 19 ALA 19 18 18 ALA ALA A . n 
A 1 20 PRO 20 19 19 PRO PRO A . n 
A 1 21 ALA 21 20 20 ALA ALA A . n 
A 1 22 TYR 22 21 21 TYR TYR A . n 
A 1 23 VAL 23 22 22 VAL VAL A . n 
A 1 24 ALA 24 23 23 ALA ALA A . n 
A 1 25 TYR 25 24 24 TYR TYR A . n 
A 1 26 ASN 26 25 25 ASN ASN A . n 
A 1 27 GLY 27 26 26 GLY GLY A . n 
A 1 28 LYS 28 27 27 LYS LYS A . n 
A 1 29 VAL 29 28 28 VAL VAL A . n 
A 1 30 TYR 30 29 29 TYR TYR A . n 
A 1 31 ASP 31 30 30 ASP ASP A . n 
A 1 32 VAL 32 31 31 VAL VAL A . n 
A 1 33 THR 33 32 32 THR THR A . n 
A 1 34 GLY 34 33 33 GLY GLY A . n 
A 1 35 SER 35 34 34 SER SER A . n 
A 1 36 PHE 36 35 35 PHE PHE A . n 
A 1 37 HIS 37 36 36 HIS HIS A . n 
A 1 38 TRP 38 37 37 TRP TRP A . n 
A 1 39 LYS 39 38 38 LYS LYS A . n 
A 1 40 GLY 40 39 39 GLY GLY A . n 
A 1 41 GLY 41 40 40 GLY GLY A . n 
A 1 42 LYS 42 41 41 LYS LYS A . n 
A 1 43 HIS 43 42 42 HIS HIS A . n 
A 1 44 HIS 44 43 43 HIS HIS A . n 
A 1 45 VAL 45 44 44 VAL VAL A . n 
A 1 46 LEU 46 45 45 LEU LEU A . n 
A 1 47 HIS 47 46 46 HIS HIS A . n 
A 1 48 ASP 48 47 47 ASP ASP A . n 
A 1 49 ALA 49 48 48 ALA ALA A . n 
A 1 50 GLY 50 49 49 GLY GLY A . n 
A 1 51 GLN 51 50 50 GLN GLN A . n 
A 1 52 ASP 52 51 51 ASP ASP A . n 
A 1 53 LEU 53 52 52 LEU LEU A . n 
A 1 54 THR 54 53 53 THR THR A . n 
A 1 55 GLU 55 54 54 GLU GLU A . n 
A 1 56 SER 56 55 55 SER SER A . n 
A 1 57 ILE 57 56 56 ILE ILE A . n 
A 1 58 GLY 58 57 57 GLY GLY A . n 
A 1 59 ARG 59 58 58 ARG ARG A . n 
A 1 60 ALA 60 59 59 ALA ALA A . n 
A 1 61 PRO 61 60 60 PRO PRO A . n 
A 1 62 HIS 62 61 61 HIS HIS A . n 
A 1 63 THR 63 62 62 THR THR A . n 
A 1 64 ALA 64 63 63 ALA ALA A . n 
A 1 65 GLU 65 64 64 GLU GLU A . n 
A 1 66 LEU 66 65 65 LEU LEU A . n 
A 1 67 LEU 67 66 66 LEU LEU A . n 
A 1 68 GLU 68 67 67 GLU GLU A . n 
A 1 69 LYS 69 68 68 LYS LYS A . n 
A 1 70 PHE 70 69 69 PHE PHE A . n 
A 1 71 PRO 71 70 70 PRO PRO A . n 
A 1 72 VAL 72 71 71 VAL VAL A . n 
A 1 73 VAL 73 72 72 VAL VAL A . n 
A 1 74 GLY 74 73 73 GLY GLY A . n 
A 1 75 VAL 75 74 74 VAL VAL A . n 
A 1 76 LEU 76 75 75 LEU LEU A . n 
A 1 77 ARG 77 76 76 ARG ARG A . n 
A 1 78 GLY 78 77 ?  ?   ?   A . n 
# 
loop_
_pdbx_nonpoly_scheme.asym_id 
_pdbx_nonpoly_scheme.entity_id 
_pdbx_nonpoly_scheme.mon_id 
_pdbx_nonpoly_scheme.ndb_seq_num 
_pdbx_nonpoly_scheme.pdb_seq_num 
_pdbx_nonpoly_scheme.auth_seq_num 
_pdbx_nonpoly_scheme.pdb_mon_id 
_pdbx_nonpoly_scheme.auth_mon_id 
_pdbx_nonpoly_scheme.pdb_strand_id 
_pdbx_nonpoly_scheme.pdb_ins_code 
B 2 HEM 1  101 101 HEM HEM A . 
C 3 HOH 1  201 5   HOH HOH A . 
C 3 HOH 2  202 12  HOH HOH A . 
C 3 HOH 3  203 2   HOH HOH A . 
C 3 HOH 4  204 14  HOH HOH A . 
C 3 HOH 5  205 28  HOH HOH A . 
C 3 HOH 6  206 33  HOH HOH A . 
C 3 HOH 7  207 7   HOH HOH A . 
C 3 HOH 8  208 17  HOH HOH A . 
C 3 HOH 9  209 9   HOH HOH A . 
C 3 HOH 10 210 8   HOH HOH A . 
C 3 HOH 11 211 23  HOH HOH A . 
C 3 HOH 12 212 15  HOH HOH A . 
C 3 HOH 13 213 10  HOH HOH A . 
C 3 HOH 14 214 6   HOH HOH A . 
C 3 HOH 15 215 3   HOH HOH A . 
C 3 HOH 16 216 13  HOH HOH A . 
C 3 HOH 17 217 22  HOH HOH A . 
C 3 HOH 18 218 18  HOH HOH A . 
C 3 HOH 19 219 24  HOH HOH A . 
C 3 HOH 20 220 16  HOH HOH A . 
C 3 HOH 21 221 26  HOH HOH A . 
# 
loop_
_software.citation_id 
_software.classification 
_software.compiler_name 
_software.compiler_version 
_software.contact_author 
_software.contact_author_email 
_software.date 
_software.description 
_software.dependencies 
_software.hardware 
_software.language 
_software.location 
_software.mods 
_software.name 
_software.os 
_software.os_version 
_software.type 
_software.version 
_software.pdbx_ordinal 
? refinement       ? ? ? ? ? ? ? ? ? ? ? REFMAC  ? ? ? 5.8.0230 1 
? 'data reduction' ? ? ? ? ? ? ? ? ? ? ? XDS     ? ? ? .        2 
? 'data scaling'   ? ? ? ? ? ? ? ? ? ? ? Aimless ? ? ? .        3 
? phasing          ? ? ? ? ? ? ? ? ? ? ? PHASER  ? ? ? .        4 
? refinement       ? ? ? ? ? ? ? ? ? ? ? PHENIX  ? ? ? .        5 
# 
_cell.angle_alpha                  90.00 
_cell.angle_alpha_esd              ? 
_cell.angle_beta                   90.00 
_cell.angle_beta_esd               ? 
_cell.angle_gamma                  120.00 
_cell.angle_gamma_esd              ? 
_cell.entry_id                     6NZX 
_cell.details                      ? 
_cell.formula_units_Z              ? 
_cell.length_a                     72.170 
_cell.length_a_esd                 ? 
_cell.length_b                     72.170 
_cell.length_b_esd                 ? 
_cell.length_c                     22.810 
_cell.length_c_esd                 ? 
_cell.volume                       ? 
_cell.volume_esd                   ? 
_cell.Z_PDB                        6 
_cell.reciprocal_angle_alpha       ? 
_cell.reciprocal_angle_beta        ? 
_cell.reciprocal_angle_gamma       ? 
_cell.reciprocal_angle_alpha_esd   ? 
_cell.reciprocal_angle_beta_esd    ? 
_cell.reciprocal_angle_gamma_esd   ? 
_cell.reciprocal_length_a          ? 
_cell.reciprocal_length_b          ? 
_cell.reciprocal_length_c          ? 
_cell.reciprocal_length_a_esd      ? 
_cell.reciprocal_length_b_esd      ? 
_cell.reciprocal_length_c_esd      ? 
_cell.pdbx_unique_axis             ? 
# 
_symmetry.entry_id                         6NZX 
_symmetry.cell_setting                     ? 
_symmetry.Int_Tables_number                173 
_symmetry.space_group_name_Hall            ? 
_symmetry.space_group_name_H-M             'P 63' 
_symmetry.pdbx_full_space_group_name_H-M   ? 
# 
_exptl.absorpt_coefficient_mu     ? 
_exptl.absorpt_correction_T_max   ? 
_exptl.absorpt_correction_T_min   ? 
_exptl.absorpt_correction_type    ? 
_exptl.absorpt_process_details    ? 
_exptl.entry_id                   6NZX 
_exptl.crystals_number            1 
_exptl.details                    ? 
_exptl.method                     'X-RAY DIFFRACTION' 
_exptl.method_details             ? 
# 
_exptl_crystal.colour                      ? 
_exptl_crystal.density_diffrn              ? 
_exptl_crystal.density_Matthews            1.99 
_exptl_crystal.density_method              ? 
_exptl_crystal.density_percent_sol         38.12 
_exptl_crystal.description                 ? 
_exptl_crystal.F_000                       ? 
_exptl_crystal.id                          1 
_exptl_crystal.preparation                 ? 
_exptl_crystal.size_max                    ? 
_exptl_crystal.size_mid                    ? 
_exptl_crystal.size_min                    ? 
_exptl_crystal.size_rad                    ? 
_exptl_crystal.colour_lustre               ? 
_exptl_crystal.colour_modifier             ? 
_exptl_crystal.colour_primary              ? 
_exptl_crystal.density_meas                ? 
_exptl_crystal.density_meas_esd            ? 
_exptl_crystal.density_meas_gt             ? 
_exptl_crystal.density_meas_lt             ? 
_exptl_crystal.density_meas_temp           ? 
_exptl_crystal.density_meas_temp_esd       ? 
_exptl_crystal.density_meas_temp_gt        ? 
_exptl_crystal.density_meas_temp_lt        ? 
_exptl_crystal.pdbx_crystal_image_url      ? 
_exptl_crystal.pdbx_crystal_image_format   ? 
_exptl_crystal.pdbx_mosaicity              ? 
_exptl_crystal.pdbx_mosaicity_esd          ? 
# 
_exptl_crystal_grow.apparatus       ? 
_exptl_crystal_grow.atmosphere      ? 
_exptl_crystal_grow.crystal_id      1 
_exptl_crystal_grow.details         ? 
_exptl_crystal_grow.method          'VAPOR DIFFUSION, HANGING DROP' 
_exptl_crystal_grow.method_ref      ? 
_exptl_crystal_grow.pH              5.0 
_exptl_crystal_grow.pressure        ? 
_exptl_crystal_grow.pressure_esd    ? 
_exptl_crystal_grow.seeding         ? 
_exptl_crystal_grow.seeding_ref     ? 
_exptl_crystal_grow.temp            296.15 
_exptl_crystal_grow.temp_details    ? 
_exptl_crystal_grow.temp_esd        ? 
_exptl_crystal_grow.time            ? 
_exptl_crystal_grow.pdbx_details    '0.1M sodium citrate, 2M ammonium sulfate, pH 5.0' 
_exptl_crystal_grow.pdbx_pH_range   ? 
# 
_diffrn.ambient_environment              ? 
_diffrn.ambient_temp                     100 
_diffrn.ambient_temp_details             ? 
_diffrn.ambient_temp_esd                 ? 
_diffrn.crystal_id                       1 
_diffrn.crystal_support                  ? 
_diffrn.crystal_treatment                ? 
_diffrn.details                          ? 
_diffrn.id                               1 
_diffrn.ambient_pressure                 ? 
_diffrn.ambient_pressure_esd             ? 
_diffrn.ambient_pressure_gt              ? 
_diffrn.ambient_pressure_lt              ? 
_diffrn.ambient_temp_gt                  ? 
_diffrn.ambient_temp_lt                  ? 
_diffrn.pdbx_serial_crystal_experiment   N 
# 
_diffrn_detector.details                      ? 
_diffrn_detector.detector                     PIXEL 
_diffrn_detector.diffrn_id                    1 
_diffrn_detector.type                         'DECTRIS EIGER X 16M' 
_diffrn_detector.area_resol_mean              ? 
_diffrn_detector.dtime                        ? 
_diffrn_detector.pdbx_frames_total            ? 
_diffrn_detector.pdbx_collection_time_total   ? 
_diffrn_detector.pdbx_collection_date         2018-06-05 
_diffrn_detector.pdbx_frequency               ? 
# 
_diffrn_radiation.collimation                      ? 
_diffrn_radiation.diffrn_id                        1 
_diffrn_radiation.filter_edge                      ? 
_diffrn_radiation.inhomogeneity                    ? 
_diffrn_radiation.monochromator                    ? 
_diffrn_radiation.polarisn_norm                    ? 
_diffrn_radiation.polarisn_ratio                   ? 
_diffrn_radiation.probe                            ? 
_diffrn_radiation.type                             ? 
_diffrn_radiation.xray_symbol                      ? 
_diffrn_radiation.wavelength_id                    1 
_diffrn_radiation.pdbx_monochromatic_or_laue_m_l   M 
_diffrn_radiation.pdbx_wavelength_list             ? 
_diffrn_radiation.pdbx_wavelength                  ? 
_diffrn_radiation.pdbx_diffrn_protocol             'SINGLE WAVELENGTH' 
_diffrn_radiation.pdbx_analyzer                    ? 
_diffrn_radiation.pdbx_scattering_type             x-ray 
# 
_diffrn_radiation_wavelength.id           1 
_diffrn_radiation_wavelength.wavelength   0.95370 
_diffrn_radiation_wavelength.wt           1.0 
# 
_diffrn_source.current                     ? 
_diffrn_source.details                     ? 
_diffrn_source.diffrn_id                   1 
_diffrn_source.power                       ? 
_diffrn_source.size                        ? 
_diffrn_source.source                      SYNCHROTRON 
_diffrn_source.target                      ? 
_diffrn_source.type                        'AUSTRALIAN SYNCHROTRON BEAMLINE MX2' 
_diffrn_source.voltage                     ? 
_diffrn_source.take-off_angle              ? 
_diffrn_source.pdbx_wavelength_list        0.95370 
_diffrn_source.pdbx_wavelength             ? 
_diffrn_source.pdbx_synchrotron_beamline   MX2 
_diffrn_source.pdbx_synchrotron_site       'Australian Synchrotron' 
# 
_reflns.B_iso_Wilson_estimate            ? 
_reflns.entry_id                         6NZX 
_reflns.data_reduction_details           ? 
_reflns.data_reduction_method            ? 
_reflns.d_resolution_high                1.9 
_reflns.d_resolution_low                 23.62 
_reflns.details                          ? 
_reflns.limit_h_max                      ? 
_reflns.limit_h_min                      ? 
_reflns.limit_k_max                      ? 
_reflns.limit_k_min                      ? 
_reflns.limit_l_max                      ? 
_reflns.limit_l_min                      ? 
_reflns.number_all                       ? 
_reflns.number_obs                       5554 
_reflns.observed_criterion               ? 
_reflns.observed_criterion_F_max         ? 
_reflns.observed_criterion_F_min         ? 
_reflns.observed_criterion_I_max         ? 
_reflns.observed_criterion_I_min         ? 
_reflns.observed_criterion_sigma_F       ? 
_reflns.observed_criterion_sigma_I       ? 
_reflns.percent_possible_obs             100 
_reflns.R_free_details                   ? 
_reflns.Rmerge_F_all                     ? 
_reflns.Rmerge_F_obs                     ? 
_reflns.Friedel_coverage                 ? 
_reflns.number_gt                        ? 
_reflns.threshold_expression             ? 
_reflns.pdbx_redundancy                  20.7 
_reflns.pdbx_Rmerge_I_obs                0.179 
_reflns.pdbx_Rmerge_I_all                ? 
_reflns.pdbx_Rsym_value                  ? 
_reflns.pdbx_netI_over_av_sigmaI         ? 
_reflns.pdbx_netI_over_sigmaI            15.8 
_reflns.pdbx_res_netI_over_av_sigmaI_2   ? 
_reflns.pdbx_res_netI_over_sigmaI_2      ? 
_reflns.pdbx_chi_squared                 0.94 
_reflns.pdbx_scaling_rejects             ? 
_reflns.pdbx_d_res_high_opt              ? 
_reflns.pdbx_d_res_low_opt               ? 
_reflns.pdbx_d_res_opt_method            ? 
_reflns.phase_calculation_details        ? 
_reflns.pdbx_Rrim_I_all                  0.183 
_reflns.pdbx_Rpim_I_all                  0.04 
_reflns.pdbx_d_opt                       ? 
_reflns.pdbx_number_measured_all         ? 
_reflns.pdbx_diffrn_id                   1 
_reflns.pdbx_ordinal                     1 
_reflns.pdbx_CC_half                     ? 
_reflns.pdbx_R_split                     ? 
# 
_reflns_shell.d_res_high                  1.9 
_reflns_shell.d_res_low                   1.94 
_reflns_shell.meanI_over_sigI_all         ? 
_reflns_shell.meanI_over_sigI_obs         1.7 
_reflns_shell.number_measured_all         ? 
_reflns_shell.number_measured_obs         ? 
_reflns_shell.number_possible             ? 
_reflns_shell.number_unique_all           ? 
_reflns_shell.number_unique_obs           363 
_reflns_shell.percent_possible_all        100 
_reflns_shell.percent_possible_obs        ? 
_reflns_shell.Rmerge_F_all                ? 
_reflns_shell.Rmerge_F_obs                ? 
_reflns_shell.Rmerge_I_all                ? 
_reflns_shell.Rmerge_I_obs                2.1 
_reflns_shell.meanI_over_sigI_gt          ? 
_reflns_shell.meanI_over_uI_all           ? 
_reflns_shell.meanI_over_uI_gt            ? 
_reflns_shell.number_measured_gt          ? 
_reflns_shell.number_unique_gt            ? 
_reflns_shell.percent_possible_gt         ? 
_reflns_shell.Rmerge_F_gt                 ? 
_reflns_shell.Rmerge_I_gt                 ? 
_reflns_shell.pdbx_redundancy             20.8 
_reflns_shell.pdbx_Rsym_value             ? 
_reflns_shell.pdbx_chi_squared            0.94 
_reflns_shell.pdbx_netI_over_sigmaI_all   ? 
_reflns_shell.pdbx_netI_over_sigmaI_obs   ? 
_reflns_shell.pdbx_Rrim_I_all             2.152 
_reflns_shell.pdbx_Rpim_I_all             0.470 
_reflns_shell.pdbx_rejects                ? 
_reflns_shell.pdbx_ordinal                1 
_reflns_shell.pdbx_diffrn_id              1 
_reflns_shell.pdbx_CC_half                ? 
_reflns_shell.pdbx_R_split                ? 
# 
_refine.aniso_B[1][1]                            -0.87 
_refine.aniso_B[1][2]                            -0.44 
_refine.aniso_B[1][3]                            0.00 
_refine.aniso_B[2][2]                            -0.87 
_refine.aniso_B[2][3]                            0.00 
_refine.aniso_B[3][3]                            2.83 
_refine.B_iso_max                                ? 
_refine.B_iso_mean                               28.629 
_refine.B_iso_min                                ? 
_refine.correlation_coeff_Fo_to_Fc               0.940 
_refine.correlation_coeff_Fo_to_Fc_free          0.926 
_refine.details                                  'HYDROGENS HAVE BEEN ADDED IN THE RIDING POSITIONS' 
_refine.diff_density_max                         ? 
_refine.diff_density_max_esd                     ? 
_refine.diff_density_min                         ? 
_refine.diff_density_min_esd                     ? 
_refine.diff_density_rms                         ? 
_refine.diff_density_rms_esd                     ? 
_refine.entry_id                                 6NZX 
_refine.pdbx_refine_id                           'X-RAY DIFFRACTION' 
_refine.ls_abs_structure_details                 ? 
_refine.ls_abs_structure_Flack                   ? 
_refine.ls_abs_structure_Flack_esd               ? 
_refine.ls_abs_structure_Rogers                  ? 
_refine.ls_abs_structure_Rogers_esd              ? 
_refine.ls_d_res_high                            1.90 
_refine.ls_d_res_low                             20.00 
_refine.ls_extinction_coef                       ? 
_refine.ls_extinction_coef_esd                   ? 
_refine.ls_extinction_expression                 ? 
_refine.ls_extinction_method                     ? 
_refine.ls_goodness_of_fit_all                   ? 
_refine.ls_goodness_of_fit_all_esd               ? 
_refine.ls_goodness_of_fit_obs                   ? 
_refine.ls_goodness_of_fit_obs_esd               ? 
_refine.ls_hydrogen_treatment                    ? 
_refine.ls_matrix_type                           ? 
_refine.ls_number_constraints                    ? 
_refine.ls_number_parameters                     ? 
_refine.ls_number_reflns_all                     ? 
_refine.ls_number_reflns_obs                     5262 
_refine.ls_number_reflns_R_free                  280 
_refine.ls_number_reflns_R_work                  ? 
_refine.ls_number_restraints                     ? 
_refine.ls_percent_reflns_obs                    99.87 
_refine.ls_percent_reflns_R_free                 5.1 
_refine.ls_R_factor_all                          ? 
_refine.ls_R_factor_obs                          0.22266 
_refine.ls_R_factor_R_free                       0.26067 
_refine.ls_R_factor_R_free_error                 ? 
_refine.ls_R_factor_R_free_error_details         ? 
_refine.ls_R_factor_R_work                       0.22060 
_refine.ls_R_Fsqd_factor_obs                     ? 
_refine.ls_R_I_factor_obs                        ? 
_refine.ls_redundancy_reflns_all                 ? 
_refine.ls_redundancy_reflns_obs                 ? 
_refine.ls_restrained_S_all                      ? 
_refine.ls_restrained_S_obs                      ? 
_refine.ls_shift_over_esd_max                    ? 
_refine.ls_shift_over_esd_mean                   ? 
_refine.ls_structure_factor_coef                 ? 
_refine.ls_weighting_details                     ? 
_refine.ls_weighting_scheme                      ? 
_refine.ls_wR_factor_all                         ? 
_refine.ls_wR_factor_obs                         ? 
_refine.ls_wR_factor_R_free                      ? 
_refine.ls_wR_factor_R_work                      ? 
_refine.occupancy_max                            ? 
_refine.occupancy_min                            ? 
_refine.solvent_model_details                    ? 
_refine.solvent_model_param_bsol                 ? 
_refine.solvent_model_param_ksol                 ? 
_refine.ls_R_factor_gt                           ? 
_refine.ls_goodness_of_fit_gt                    ? 
_refine.ls_goodness_of_fit_ref                   ? 
_refine.ls_shift_over_su_max                     ? 
_refine.ls_shift_over_su_max_lt                  ? 
_refine.ls_shift_over_su_mean                    ? 
_refine.ls_shift_over_su_mean_lt                 ? 
_refine.pdbx_ls_sigma_I                          ? 
_refine.pdbx_ls_sigma_F                          ? 
_refine.pdbx_ls_sigma_Fsqd                       ? 
_refine.pdbx_data_cutoff_high_absF               ? 
_refine.pdbx_data_cutoff_high_rms_absF           ? 
_refine.pdbx_data_cutoff_low_absF                ? 
_refine.pdbx_isotropic_thermal_model             ? 
_refine.pdbx_ls_cross_valid_method               THROUGHOUT 
_refine.pdbx_method_to_determine_struct          'MOLECULAR REPLACEMENT' 
_refine.pdbx_starting_model                      1J03 
_refine.pdbx_stereochemistry_target_values       ? 
_refine.pdbx_R_Free_selection_details            RANDOM 
_refine.pdbx_stereochem_target_val_spec_case     ? 
_refine.pdbx_overall_ESU_R                       0.215 
_refine.pdbx_overall_ESU_R_Free                  0.179 
_refine.pdbx_solvent_vdw_probe_radii             1.20 
_refine.pdbx_solvent_ion_probe_radii             0.80 
_refine.pdbx_solvent_shrinkage_radii             0.80 
_refine.pdbx_real_space_R                        ? 
_refine.pdbx_density_correlation                 ? 
_refine.pdbx_pd_number_of_powder_patterns        ? 
_refine.pdbx_pd_number_of_points                 ? 
_refine.pdbx_pd_meas_number_of_points            ? 
_refine.pdbx_pd_proc_ls_prof_R_factor            ? 
_refine.pdbx_pd_proc_ls_prof_wR_factor           ? 
_refine.pdbx_pd_Marquardt_correlation_coeff      ? 
_refine.pdbx_pd_Fsqrd_R_factor                   ? 
_refine.pdbx_pd_ls_matrix_band_width             ? 
_refine.pdbx_overall_phase_error                 ? 
_refine.pdbx_overall_SU_R_free_Cruickshank_DPI   ? 
_refine.pdbx_overall_SU_R_free_Blow_DPI          ? 
_refine.pdbx_overall_SU_R_Blow_DPI               ? 
_refine.pdbx_TLS_residual_ADP_flag               ? 
_refine.pdbx_diffrn_id                           1 
_refine.overall_SU_B                             6.359 
_refine.overall_SU_ML                            0.177 
_refine.overall_SU_R_Cruickshank_DPI             ? 
_refine.overall_SU_R_free                        ? 
_refine.overall_FOM_free_R_set                   ? 
_refine.overall_FOM_work_R_set                   ? 
_refine.pdbx_average_fsc_overall                 ? 
_refine.pdbx_average_fsc_work                    ? 
_refine.pdbx_average_fsc_free                    ? 
# 
_refine_hist.pdbx_refine_id                   'X-RAY DIFFRACTION' 
_refine_hist.cycle_id                         1 
_refine_hist.pdbx_number_atoms_protein        599 
_refine_hist.pdbx_number_atoms_nucleic_acid   0 
_refine_hist.pdbx_number_atoms_ligand         43 
_refine_hist.number_atoms_solvent             21 
_refine_hist.number_atoms_total               663 
_refine_hist.d_res_high                       1.90 
_refine_hist.d_res_low                        20.00 
# 
loop_
_refine_ls_restr.pdbx_refine_id 
_refine_ls_restr.criterion 
_refine_ls_restr.dev_ideal 
_refine_ls_restr.dev_ideal_target 
_refine_ls_restr.number 
_refine_ls_restr.rejects 
_refine_ls_restr.type 
_refine_ls_restr.weight 
_refine_ls_restr.pdbx_restraint_function 
'X-RAY DIFFRACTION' ? 0.010  0.015  668  ? r_bond_refined_d             ? ? 
'X-RAY DIFFRACTION' ? 0.002  0.017  584  ? r_bond_other_d               ? ? 
'X-RAY DIFFRACTION' ? 2.350  1.775  912  ? r_angle_refined_deg          ? ? 
'X-RAY DIFFRACTION' ? 0.885  1.714  1356 ? r_angle_other_deg            ? ? 
'X-RAY DIFFRACTION' ? 7.955  5.000  75   ? r_dihedral_angle_1_deg       ? ? 
'X-RAY DIFFRACTION' ? 30.711 21.212 33   ? r_dihedral_angle_2_deg       ? ? 
'X-RAY DIFFRACTION' ? 15.835 15.000 100  ? r_dihedral_angle_3_deg       ? ? 
'X-RAY DIFFRACTION' ? 14.840 15.000 4    ? r_dihedral_angle_4_deg       ? ? 
'X-RAY DIFFRACTION' ? 0.058  0.200  72   ? r_chiral_restr               ? ? 
'X-RAY DIFFRACTION' ? 0.009  0.020  760  ? r_gen_planes_refined         ? ? 
'X-RAY DIFFRACTION' ? 0.010  0.020  142  ? r_gen_planes_other           ? ? 
'X-RAY DIFFRACTION' ? ?      ?      ?    ? r_nbd_refined                ? ? 
'X-RAY DIFFRACTION' ? ?      ?      ?    ? r_nbd_other                  ? ? 
'X-RAY DIFFRACTION' ? ?      ?      ?    ? r_nbtor_refined              ? ? 
'X-RAY DIFFRACTION' ? ?      ?      ?    ? r_nbtor_other                ? ? 
'X-RAY DIFFRACTION' ? ?      ?      ?    ? r_xyhbond_nbd_refined        ? ? 
'X-RAY DIFFRACTION' ? ?      ?      ?    ? r_xyhbond_nbd_other          ? ? 
'X-RAY DIFFRACTION' ? ?      ?      ?    ? r_metal_ion_refined          ? ? 
'X-RAY DIFFRACTION' ? ?      ?      ?    ? r_metal_ion_other            ? ? 
'X-RAY DIFFRACTION' ? ?      ?      ?    ? r_symmetry_vdw_refined       ? ? 
'X-RAY DIFFRACTION' ? ?      ?      ?    ? r_symmetry_vdw_other         ? ? 
'X-RAY DIFFRACTION' ? ?      ?      ?    ? r_symmetry_hbond_refined     ? ? 
'X-RAY DIFFRACTION' ? ?      ?      ?    ? r_symmetry_hbond_other       ? ? 
'X-RAY DIFFRACTION' ? ?      ?      ?    ? r_symmetry_metal_ion_refined ? ? 
'X-RAY DIFFRACTION' ? ?      ?      ?    ? r_symmetry_metal_ion_other   ? ? 
'X-RAY DIFFRACTION' ? 2.214  2.709  303  ? r_mcbond_it                  ? ? 
'X-RAY DIFFRACTION' ? 2.114  2.701  302  ? r_mcbond_other               ? ? 
'X-RAY DIFFRACTION' ? 3.471  4.050  377  ? r_mcangle_it                 ? ? 
'X-RAY DIFFRACTION' ? 3.481  4.054  378  ? r_mcangle_other              ? ? 
'X-RAY DIFFRACTION' ? 2.621  3.065  365  ? r_scbond_it                  ? ? 
'X-RAY DIFFRACTION' ? 2.565  3.048  363  ? r_scbond_other               ? ? 
'X-RAY DIFFRACTION' ? ?      ?      ?    ? r_scangle_it                 ? ? 
'X-RAY DIFFRACTION' ? 4.132  4.444  536  ? r_scangle_other              ? ? 
'X-RAY DIFFRACTION' ? 5.832  31.198 771  ? r_long_range_B_refined       ? ? 
'X-RAY DIFFRACTION' ? 5.890  31.200 768  ? r_long_range_B_other         ? ? 
'X-RAY DIFFRACTION' ? ?      ?      ?    ? r_rigid_bond_restr           ? ? 
'X-RAY DIFFRACTION' ? ?      ?      ?    ? r_sphericity_free            ? ? 
'X-RAY DIFFRACTION' ? ?      ?      ?    ? r_sphericity_bonded          ? ? 
# 
_refine_ls_shell.pdbx_refine_id                   'X-RAY DIFFRACTION' 
_refine_ls_shell.d_res_high                       1.900 
_refine_ls_shell.d_res_low                        1.949 
_refine_ls_shell.number_reflns_all                ? 
_refine_ls_shell.number_reflns_obs                ? 
_refine_ls_shell.number_reflns_R_free             16 
_refine_ls_shell.number_reflns_R_work             375 
_refine_ls_shell.percent_reflns_obs               100.00 
_refine_ls_shell.percent_reflns_R_free            ? 
_refine_ls_shell.R_factor_all                     ? 
_refine_ls_shell.R_factor_obs                     ? 
_refine_ls_shell.R_factor_R_free                  0.318 
_refine_ls_shell.R_factor_R_free_error            ? 
_refine_ls_shell.R_factor_R_work                  0.372 
_refine_ls_shell.redundancy_reflns_all            ? 
_refine_ls_shell.redundancy_reflns_obs            ? 
_refine_ls_shell.wR_factor_all                    ? 
_refine_ls_shell.wR_factor_obs                    ? 
_refine_ls_shell.wR_factor_R_free                 ? 
_refine_ls_shell.wR_factor_R_work                 ? 
_refine_ls_shell.pdbx_total_number_of_bins_used   20 
_refine_ls_shell.pdbx_phase_error                 ? 
_refine_ls_shell.pdbx_fsc_work                    ? 
_refine_ls_shell.pdbx_fsc_free                    ? 
# 
_struct.entry_id                     6NZX 
_struct.title                        'Hadesarchaea YNP_N21 cytochrome b5 domain protein (KUO41884.1)' 
_struct.pdbx_model_details           ? 
_struct.pdbx_formula_weight          ? 
_struct.pdbx_formula_weight_method   ? 
_struct.pdbx_model_type_details      ? 
_struct.pdbx_CASP_flag               N 
# 
_struct_keywords.entry_id        6NZX 
_struct_keywords.text            
'Cytochrome B5, metal-binding, heme-binding, electron transport, transport, HEME BINDING PROTEIN, METAL BINDING PROTEIN' 
_struct_keywords.pdbx_keywords   'METAL BINDING PROTEIN' 
# 
loop_
_struct_asym.id 
_struct_asym.pdbx_blank_PDB_chainid_flag 
_struct_asym.pdbx_modified 
_struct_asym.entity_id 
_struct_asym.details 
A N N 1 ? 
B N N 2 ? 
C N N 3 ? 
# 
_struct_ref.id                         1 
_struct_ref.db_name                    UNP 
_struct_ref.db_code                    A0A147JZ41_9EURY 
_struct_ref.pdbx_db_accession          A0A147JZ41 
_struct_ref.pdbx_db_isoform            ? 
_struct_ref.entity_id                  1 
_struct_ref.pdbx_seq_one_letter_code   MRVFTKEELSRYNGKEGAPAYVAYNGKVYDVTGSFHWKGGKHHVLHDAGQDLTESIGRAPHTAELLEKFPVVGVLRG 
_struct_ref.pdbx_align_begin           1 
# 
_struct_ref_seq.align_id                      1 
_struct_ref_seq.ref_id                        1 
_struct_ref_seq.pdbx_PDB_id_code              6NZX 
_struct_ref_seq.pdbx_strand_id                A 
_struct_ref_seq.seq_align_beg                 2 
_struct_ref_seq.pdbx_seq_align_beg_ins_code   ? 
_struct_ref_seq.seq_align_end                 78 
_struct_ref_seq.pdbx_seq_align_end_ins_code   ? 
_struct_ref_seq.pdbx_db_accession             A0A147JZ41 
_struct_ref_seq.db_align_beg                  1 
_struct_ref_seq.pdbx_db_align_beg_ins_code    ? 
_struct_ref_seq.db_align_end                  77 
_struct_ref_seq.pdbx_db_align_end_ins_code    ? 
_struct_ref_seq.pdbx_auth_seq_align_beg       1 
_struct_ref_seq.pdbx_auth_seq_align_end       77 
# 
_struct_ref_seq_dif.align_id                     1 
_struct_ref_seq_dif.pdbx_pdb_id_code             6NZX 
_struct_ref_seq_dif.mon_id                       SER 
_struct_ref_seq_dif.pdbx_pdb_strand_id           A 
_struct_ref_seq_dif.seq_num                      1 
_struct_ref_seq_dif.pdbx_pdb_ins_code            ? 
_struct_ref_seq_dif.pdbx_seq_db_name             UNP 
_struct_ref_seq_dif.pdbx_seq_db_accession_code   A0A147JZ41 
_struct_ref_seq_dif.db_mon_id                    ? 
_struct_ref_seq_dif.pdbx_seq_db_seq_num          ? 
_struct_ref_seq_dif.details                      'expression tag' 
_struct_ref_seq_dif.pdbx_auth_seq_num            0 
_struct_ref_seq_dif.pdbx_ordinal                 1 
# 
_pdbx_struct_assembly.id                   1 
_pdbx_struct_assembly.details              author_and_software_defined_assembly 
_pdbx_struct_assembly.method_details       PISA 
_pdbx_struct_assembly.oligomeric_details   monomeric 
_pdbx_struct_assembly.oligomeric_count     1 
# 
_pdbx_struct_assembly_gen.assembly_id       1 
_pdbx_struct_assembly_gen.oper_expression   1 
_pdbx_struct_assembly_gen.asym_id_list      A,B,C 
# 
_pdbx_struct_assembly_auth_evidence.id                     1 
_pdbx_struct_assembly_auth_evidence.assembly_id            1 
_pdbx_struct_assembly_auth_evidence.experimental_support   'gel filtration' 
_pdbx_struct_assembly_auth_evidence.details                ? 
# 
_pdbx_struct_oper_list.id                   1 
_pdbx_struct_oper_list.type                 'identity operation' 
_pdbx_struct_oper_list.name                 1_555 
_pdbx_struct_oper_list.symmetry_operation   x,y,z 
_pdbx_struct_oper_list.matrix[1][1]         1.0000000000 
_pdbx_struct_oper_list.matrix[1][2]         0.0000000000 
_pdbx_struct_oper_list.matrix[1][3]         0.0000000000 
_pdbx_struct_oper_list.vector[1]            0.0000000000 
_pdbx_struct_oper_list.matrix[2][1]         0.0000000000 
_pdbx_struct_oper_list.matrix[2][2]         1.0000000000 
_pdbx_struct_oper_list.matrix[2][3]         0.0000000000 
_pdbx_struct_oper_list.vector[2]            0.0000000000 
_pdbx_struct_oper_list.matrix[3][1]         0.0000000000 
_pdbx_struct_oper_list.matrix[3][2]         0.0000000000 
_pdbx_struct_oper_list.matrix[3][3]         1.0000000000 
_pdbx_struct_oper_list.vector[3]            0.0000000000 
# 
loop_
_struct_conf.conf_type_id 
_struct_conf.id 
_struct_conf.pdbx_PDB_helix_id 
_struct_conf.beg_label_comp_id 
_struct_conf.beg_label_asym_id 
_struct_conf.beg_label_seq_id 
_struct_conf.pdbx_beg_PDB_ins_code 
_struct_conf.end_label_comp_id 
_struct_conf.end_label_asym_id 
_struct_conf.end_label_seq_id 
_struct_conf.pdbx_end_PDB_ins_code 
_struct_conf.beg_auth_comp_id 
_struct_conf.beg_auth_asym_id 
_struct_conf.beg_auth_seq_id 
_struct_conf.end_auth_comp_id 
_struct_conf.end_auth_asym_id 
_struct_conf.end_auth_seq_id 
_struct_conf.pdbx_PDB_helix_class 
_struct_conf.details 
_struct_conf.pdbx_PDB_helix_length 
HELX_P HELX_P1 AA1 THR A 6  ? ARG A 12 ? THR A 5  ARG A 11 1 ? 7 
HELX_P HELX_P2 AA2 TRP A 38 ? GLY A 40 ? TRP A 37 GLY A 39 5 ? 3 
HELX_P HELX_P3 AA3 THR A 54 ? ALA A 60 ? THR A 53 ALA A 59 5 ? 7 
HELX_P HELX_P4 AA4 THR A 63 ? PHE A 70 ? THR A 62 PHE A 69 5 ? 8 
# 
_struct_conf_type.id          HELX_P 
_struct_conf_type.criteria    ? 
_struct_conf_type.reference   ? 
# 
loop_
_struct_conn.id 
_struct_conn.conn_type_id 
_struct_conn.pdbx_leaving_atom_flag 
_struct_conn.pdbx_PDB_id 
_struct_conn.ptnr1_label_asym_id 
_struct_conn.ptnr1_label_comp_id 
_struct_conn.ptnr1_label_seq_id 
_struct_conn.ptnr1_label_atom_id 
_struct_conn.pdbx_ptnr1_label_alt_id 
_struct_conn.pdbx_ptnr1_PDB_ins_code 
_struct_conn.pdbx_ptnr1_standard_comp_id 
_struct_conn.ptnr1_symmetry 
_struct_conn.ptnr2_label_asym_id 
_struct_conn.ptnr2_label_comp_id 
_struct_conn.ptnr2_label_seq_id 
_struct_conn.ptnr2_label_atom_id 
_struct_conn.pdbx_ptnr2_label_alt_id 
_struct_conn.pdbx_ptnr2_PDB_ins_code 
_struct_conn.ptnr1_auth_asym_id 
_struct_conn.ptnr1_auth_comp_id 
_struct_conn.ptnr1_auth_seq_id 
_struct_conn.ptnr2_auth_asym_id 
_struct_conn.ptnr2_auth_comp_id 
_struct_conn.ptnr2_auth_seq_id 
_struct_conn.ptnr2_symmetry 
_struct_conn.pdbx_ptnr3_label_atom_id 
_struct_conn.pdbx_ptnr3_label_seq_id 
_struct_conn.pdbx_ptnr3_label_comp_id 
_struct_conn.pdbx_ptnr3_label_asym_id 
_struct_conn.pdbx_ptnr3_label_alt_id 
_struct_conn.pdbx_ptnr3_PDB_ins_code 
_struct_conn.details 
_struct_conn.pdbx_dist_value 
_struct_conn.pdbx_value_order 
_struct_conn.pdbx_role 
covale1 covale none ? A HIS 47 NE2 ? ? ? 1_555 B HEM . CAB ? ? A HIS 46 A HEM 101 1_555 ? ? ? ? ? ? ? 1.341 ? ? 
metalc1 metalc ?    ? A HIS 43 NE2 ? ? ? 1_555 B HEM . FE  ? ? A HIS 42 A HEM 101 1_555 ? ? ? ? ? ? ? 1.913 ? ? 
metalc2 metalc ?    ? A HIS 62 NE2 ? ? ? 1_555 B HEM . FE  ? ? A HIS 61 A HEM 101 1_555 ? ? ? ? ? ? ? 1.936 ? ? 
# 
loop_
_struct_conn_type.id 
_struct_conn_type.criteria 
_struct_conn_type.reference 
covale ? ? 
metalc ? ? 
# 
loop_
_pdbx_struct_conn_angle.id 
_pdbx_struct_conn_angle.ptnr1_label_atom_id 
_pdbx_struct_conn_angle.ptnr1_label_alt_id 
_pdbx_struct_conn_angle.ptnr1_label_asym_id 
_pdbx_struct_conn_angle.ptnr1_label_comp_id 
_pdbx_struct_conn_angle.ptnr1_label_seq_id 
_pdbx_struct_conn_angle.ptnr1_auth_atom_id 
_pdbx_struct_conn_angle.ptnr1_auth_asym_id 
_pdbx_struct_conn_angle.ptnr1_auth_comp_id 
_pdbx_struct_conn_angle.ptnr1_auth_seq_id 
_pdbx_struct_conn_angle.ptnr1_PDB_ins_code 
_pdbx_struct_conn_angle.ptnr1_symmetry 
_pdbx_struct_conn_angle.ptnr2_label_atom_id 
_pdbx_struct_conn_angle.ptnr2_label_alt_id 
_pdbx_struct_conn_angle.ptnr2_label_asym_id 
_pdbx_struct_conn_angle.ptnr2_label_comp_id 
_pdbx_struct_conn_angle.ptnr2_label_seq_id 
_pdbx_struct_conn_angle.ptnr2_auth_atom_id 
_pdbx_struct_conn_angle.ptnr2_auth_asym_id 
_pdbx_struct_conn_angle.ptnr2_auth_comp_id 
_pdbx_struct_conn_angle.ptnr2_auth_seq_id 
_pdbx_struct_conn_angle.ptnr2_PDB_ins_code 
_pdbx_struct_conn_angle.ptnr2_symmetry 
_pdbx_struct_conn_angle.ptnr3_label_atom_id 
_pdbx_struct_conn_angle.ptnr3_label_alt_id 
_pdbx_struct_conn_angle.ptnr3_label_asym_id 
_pdbx_struct_conn_angle.ptnr3_label_comp_id 
_pdbx_struct_conn_angle.ptnr3_label_seq_id 
_pdbx_struct_conn_angle.ptnr3_auth_atom_id 
_pdbx_struct_conn_angle.ptnr3_auth_asym_id 
_pdbx_struct_conn_angle.ptnr3_auth_comp_id 
_pdbx_struct_conn_angle.ptnr3_auth_seq_id 
_pdbx_struct_conn_angle.ptnr3_PDB_ins_code 
_pdbx_struct_conn_angle.ptnr3_symmetry 
_pdbx_struct_conn_angle.value 
_pdbx_struct_conn_angle.value_esd 
1  NE2 ? A HIS 43 ? A HIS 42  ? 1_555 FE ? B HEM . ? A HEM 101 ? 1_555 NA  ? B HEM .  ? A HEM 101 ? 1_555 90.6  ? 
2  NE2 ? A HIS 43 ? A HIS 42  ? 1_555 FE ? B HEM . ? A HEM 101 ? 1_555 NB  ? B HEM .  ? A HEM 101 ? 1_555 85.6  ? 
3  NA  ? B HEM .  ? A HEM 101 ? 1_555 FE ? B HEM . ? A HEM 101 ? 1_555 NB  ? B HEM .  ? A HEM 101 ? 1_555 89.9  ? 
4  NE2 ? A HIS 43 ? A HIS 42  ? 1_555 FE ? B HEM . ? A HEM 101 ? 1_555 NC  ? B HEM .  ? A HEM 101 ? 1_555 88.9  ? 
5  NA  ? B HEM .  ? A HEM 101 ? 1_555 FE ? B HEM . ? A HEM 101 ? 1_555 NC  ? B HEM .  ? A HEM 101 ? 1_555 179.5 ? 
6  NB  ? B HEM .  ? A HEM 101 ? 1_555 FE ? B HEM . ? A HEM 101 ? 1_555 NC  ? B HEM .  ? A HEM 101 ? 1_555 90.4  ? 
7  NE2 ? A HIS 43 ? A HIS 42  ? 1_555 FE ? B HEM . ? A HEM 101 ? 1_555 ND  ? B HEM .  ? A HEM 101 ? 1_555 93.1  ? 
8  NA  ? B HEM .  ? A HEM 101 ? 1_555 FE ? B HEM . ? A HEM 101 ? 1_555 ND  ? B HEM .  ? A HEM 101 ? 1_555 88.8  ? 
9  NB  ? B HEM .  ? A HEM 101 ? 1_555 FE ? B HEM . ? A HEM 101 ? 1_555 ND  ? B HEM .  ? A HEM 101 ? 1_555 178.1 ? 
10 NC  ? B HEM .  ? A HEM 101 ? 1_555 FE ? B HEM . ? A HEM 101 ? 1_555 ND  ? B HEM .  ? A HEM 101 ? 1_555 90.9  ? 
11 NE2 ? A HIS 43 ? A HIS 42  ? 1_555 FE ? B HEM . ? A HEM 101 ? 1_555 NE2 ? A HIS 62 ? A HIS 61  ? 1_555 179.5 ? 
12 NA  ? B HEM .  ? A HEM 101 ? 1_555 FE ? B HEM . ? A HEM 101 ? 1_555 NE2 ? A HIS 62 ? A HIS 61  ? 1_555 89.9  ? 
13 NB  ? B HEM .  ? A HEM 101 ? 1_555 FE ? B HEM . ? A HEM 101 ? 1_555 NE2 ? A HIS 62 ? A HIS 61  ? 1_555 94.4  ? 
14 NC  ? B HEM .  ? A HEM 101 ? 1_555 FE ? B HEM . ? A HEM 101 ? 1_555 NE2 ? A HIS 62 ? A HIS 61  ? 1_555 90.5  ? 
15 ND  ? B HEM .  ? A HEM 101 ? 1_555 FE ? B HEM . ? A HEM 101 ? 1_555 NE2 ? A HIS 62 ? A HIS 61  ? 1_555 87.0  ? 
# 
_pdbx_modification_feature.ordinal                            1 
_pdbx_modification_feature.label_comp_id                      HEM 
_pdbx_modification_feature.label_asym_id                      B 
_pdbx_modification_feature.label_seq_id                       . 
_pdbx_modification_feature.label_alt_id                       ? 
_pdbx_modification_feature.modified_residue_label_comp_id     HIS 
_pdbx_modification_feature.modified_residue_label_asym_id     A 
_pdbx_modification_feature.modified_residue_label_seq_id      47 
_pdbx_modification_feature.modified_residue_label_alt_id      ? 
_pdbx_modification_feature.auth_comp_id                       HEM 
_pdbx_modification_feature.auth_asym_id                       A 
_pdbx_modification_feature.auth_seq_id                        101 
_pdbx_modification_feature.PDB_ins_code                       ? 
_pdbx_modification_feature.symmetry                           1_555 
_pdbx_modification_feature.modified_residue_auth_comp_id      HIS 
_pdbx_modification_feature.modified_residue_auth_asym_id      A 
_pdbx_modification_feature.modified_residue_auth_seq_id       46 
_pdbx_modification_feature.modified_residue_PDB_ins_code      ? 
_pdbx_modification_feature.modified_residue_symmetry          1_555 
_pdbx_modification_feature.comp_id_linking_atom               CAB 
_pdbx_modification_feature.modified_residue_id_linking_atom   NE2 
_pdbx_modification_feature.modified_residue_id                HIS 
_pdbx_modification_feature.ref_pcm_id                         6 
_pdbx_modification_feature.ref_comp_id                        HEM 
_pdbx_modification_feature.type                               None 
_pdbx_modification_feature.category                           Heme/heme-like 
# 
loop_
_struct_sheet.id 
_struct_sheet.type 
_struct_sheet.number_strands 
_struct_sheet.details 
AA1 ? 4 ? 
AA2 ? 2 ? 
# 
loop_
_struct_sheet_order.sheet_id 
_struct_sheet_order.range_id_1 
_struct_sheet_order.range_id_2 
_struct_sheet_order.offset 
_struct_sheet_order.sense 
AA1 1 2 ? parallel      
AA1 2 3 ? anti-parallel 
AA1 3 4 ? anti-parallel 
AA2 1 2 ? anti-parallel 
# 
loop_
_struct_sheet_range.sheet_id 
_struct_sheet_range.id 
_struct_sheet_range.beg_label_comp_id 
_struct_sheet_range.beg_label_asym_id 
_struct_sheet_range.beg_label_seq_id 
_struct_sheet_range.pdbx_beg_PDB_ins_code 
_struct_sheet_range.end_label_comp_id 
_struct_sheet_range.end_label_asym_id 
_struct_sheet_range.end_label_seq_id 
_struct_sheet_range.pdbx_end_PDB_ins_code 
_struct_sheet_range.beg_auth_comp_id 
_struct_sheet_range.beg_auth_asym_id 
_struct_sheet_range.beg_auth_seq_id 
_struct_sheet_range.end_auth_comp_id 
_struct_sheet_range.end_auth_asym_id 
_struct_sheet_range.end_auth_seq_id 
AA1 1 ARG A 3  ? PHE A 5  ? ARG A 2  PHE A 4  
AA1 2 VAL A 72 ? LEU A 76 ? VAL A 71 LEU A 75 
AA1 3 LYS A 28 ? ASP A 31 ? LYS A 27 ASP A 30 
AA1 4 TYR A 22 ? TYR A 25 ? TYR A 21 TYR A 24 
AA2 1 LYS A 42 ? HIS A 43 ? LYS A 41 HIS A 42 
AA2 2 HIS A 47 ? ASP A 48 ? HIS A 46 ASP A 47 
# 
loop_
_pdbx_struct_sheet_hbond.sheet_id 
_pdbx_struct_sheet_hbond.range_id_1 
_pdbx_struct_sheet_hbond.range_id_2 
_pdbx_struct_sheet_hbond.range_1_label_atom_id 
_pdbx_struct_sheet_hbond.range_1_label_comp_id 
_pdbx_struct_sheet_hbond.range_1_label_asym_id 
_pdbx_struct_sheet_hbond.range_1_label_seq_id 
_pdbx_struct_sheet_hbond.range_1_PDB_ins_code 
_pdbx_struct_sheet_hbond.range_1_auth_atom_id 
_pdbx_struct_sheet_hbond.range_1_auth_comp_id 
_pdbx_struct_sheet_hbond.range_1_auth_asym_id 
_pdbx_struct_sheet_hbond.range_1_auth_seq_id 
_pdbx_struct_sheet_hbond.range_2_label_atom_id 
_pdbx_struct_sheet_hbond.range_2_label_comp_id 
_pdbx_struct_sheet_hbond.range_2_label_asym_id 
_pdbx_struct_sheet_hbond.range_2_label_seq_id 
_pdbx_struct_sheet_hbond.range_2_PDB_ins_code 
_pdbx_struct_sheet_hbond.range_2_auth_atom_id 
_pdbx_struct_sheet_hbond.range_2_auth_comp_id 
_pdbx_struct_sheet_hbond.range_2_auth_asym_id 
_pdbx_struct_sheet_hbond.range_2_auth_seq_id 
AA1 1 2 N PHE A 5  ? N PHE A 4  O VAL A 75 ? O VAL A 74 
AA1 2 3 O GLY A 74 ? O GLY A 73 N VAL A 29 ? N VAL A 28 
AA1 3 4 O TYR A 30 ? O TYR A 29 N VAL A 23 ? N VAL A 22 
AA2 1 2 N HIS A 43 ? N HIS A 42 O HIS A 47 ? O HIS A 46 
# 
_struct_site.id                   AC1 
_struct_site.pdbx_evidence_code   Software 
_struct_site.pdbx_auth_asym_id    A 
_struct_site.pdbx_auth_comp_id    HEM 
_struct_site.pdbx_auth_seq_id     101 
_struct_site.pdbx_auth_ins_code   ? 
_struct_site.pdbx_num_residues    16 
_struct_site.details              'binding site for residue HEM A 101' 
# 
loop_
_struct_site_gen.id 
_struct_site_gen.site_id 
_struct_site_gen.pdbx_num_res 
_struct_site_gen.label_comp_id 
_struct_site_gen.label_asym_id 
_struct_site_gen.label_seq_id 
_struct_site_gen.pdbx_auth_ins_code 
_struct_site_gen.auth_comp_id 
_struct_site_gen.auth_asym_id 
_struct_site_gen.auth_seq_id 
_struct_site_gen.label_atom_id 
_struct_site_gen.label_alt_id 
_struct_site_gen.symmetry 
_struct_site_gen.details 
1  AC1 16 SER A 35 ? SER A 34 . ? 1_555 ? 
2  AC1 16 HIS A 37 ? HIS A 36 . ? 1_555 ? 
3  AC1 16 TRP A 38 ? TRP A 37 . ? 1_555 ? 
4  AC1 16 HIS A 43 ? HIS A 42 . ? 1_555 ? 
5  AC1 16 HIS A 44 ? HIS A 43 . ? 1_555 ? 
6  AC1 16 HIS A 47 ? HIS A 46 . ? 1_555 ? 
7  AC1 16 LEU A 53 ? LEU A 52 . ? 1_555 ? 
8  AC1 16 GLU A 55 ? GLU A 54 . ? 6_554 ? 
9  AC1 16 SER A 56 ? SER A 55 . ? 1_555 ? 
10 AC1 16 ARG A 59 ? ARG A 58 . ? 1_555 ? 
11 AC1 16 ALA A 60 ? ALA A 59 . ? 1_555 ? 
12 AC1 16 PRO A 61 ? PRO A 60 . ? 1_555 ? 
13 AC1 16 HIS A 62 ? HIS A 61 . ? 1_555 ? 
14 AC1 16 LEU A 66 ? LEU A 65 . ? 1_555 ? 
15 AC1 16 LYS A 69 ? LYS A 68 . ? 1_555 ? 
16 AC1 16 PHE A 70 ? PHE A 69 . ? 1_555 ? 
# 
_pdbx_entry_details.entry_id                   6NZX 
_pdbx_entry_details.compound_details           ? 
_pdbx_entry_details.source_details             ? 
_pdbx_entry_details.nonpolymer_details         ? 
_pdbx_entry_details.sequence_details           ? 
_pdbx_entry_details.has_ligand_of_interest     ? 
_pdbx_entry_details.has_protein_modification   Y 
# 
_pdbx_validate_torsion.id              1 
_pdbx_validate_torsion.PDB_model_num   1 
_pdbx_validate_torsion.auth_comp_id    VAL 
_pdbx_validate_torsion.auth_asym_id    A 
_pdbx_validate_torsion.auth_seq_id     44 
_pdbx_validate_torsion.PDB_ins_code    ? 
_pdbx_validate_torsion.label_alt_id    ? 
_pdbx_validate_torsion.phi             80.89 
_pdbx_validate_torsion.psi             -45.10 
# 
_pdbx_validate_planes.id              1 
_pdbx_validate_planes.PDB_model_num   1 
_pdbx_validate_planes.auth_comp_id    ARG 
_pdbx_validate_planes.auth_asym_id    A 
_pdbx_validate_planes.auth_seq_id     58 
_pdbx_validate_planes.PDB_ins_code    ? 
_pdbx_validate_planes.label_alt_id    ? 
_pdbx_validate_planes.rmsd            0.096 
_pdbx_validate_planes.type            'SIDE CHAIN' 
# 
loop_
_pdbx_unobs_or_zero_occ_residues.id 
_pdbx_unobs_or_zero_occ_residues.PDB_model_num 
_pdbx_unobs_or_zero_occ_residues.polymer_flag 
_pdbx_unobs_or_zero_occ_residues.occupancy_flag 
_pdbx_unobs_or_zero_occ_residues.auth_asym_id 
_pdbx_unobs_or_zero_occ_residues.auth_comp_id 
_pdbx_unobs_or_zero_occ_residues.auth_seq_id 
_pdbx_unobs_or_zero_occ_residues.PDB_ins_code 
_pdbx_unobs_or_zero_occ_residues.label_asym_id 
_pdbx_unobs_or_zero_occ_residues.label_comp_id 
_pdbx_unobs_or_zero_occ_residues.label_seq_id 
1 1 Y 1 A SER 0  ? A SER 1  
2 1 Y 1 A GLY 77 ? A GLY 78 
# 
loop_
_chem_comp_atom.comp_id 
_chem_comp_atom.atom_id 
_chem_comp_atom.type_symbol 
_chem_comp_atom.pdbx_aromatic_flag 
_chem_comp_atom.pdbx_stereo_config 
_chem_comp_atom.pdbx_ordinal 
ALA N    N  N N 1   
ALA CA   C  N S 2   
ALA C    C  N N 3   
ALA O    O  N N 4   
ALA CB   C  N N 5   
ALA OXT  O  N N 6   
ALA H    H  N N 7   
ALA H2   H  N N 8   
ALA HA   H  N N 9   
ALA HB1  H  N N 10  
ALA HB2  H  N N 11  
ALA HB3  H  N N 12  
ALA HXT  H  N N 13  
ARG N    N  N N 14  
ARG CA   C  N S 15  
ARG C    C  N N 16  
ARG O    O  N N 17  
ARG CB   C  N N 18  
ARG CG   C  N N 19  
ARG CD   C  N N 20  
ARG NE   N  N N 21  
ARG CZ   C  N N 22  
ARG NH1  N  N N 23  
ARG NH2  N  N N 24  
ARG OXT  O  N N 25  
ARG H    H  N N 26  
ARG H2   H  N N 27  
ARG HA   H  N N 28  
ARG HB2  H  N N 29  
ARG HB3  H  N N 30  
ARG HG2  H  N N 31  
ARG HG3  H  N N 32  
ARG HD2  H  N N 33  
ARG HD3  H  N N 34  
ARG HE   H  N N 35  
ARG HH11 H  N N 36  
ARG HH12 H  N N 37  
ARG HH21 H  N N 38  
ARG HH22 H  N N 39  
ARG HXT  H  N N 40  
ASN N    N  N N 41  
ASN CA   C  N S 42  
ASN C    C  N N 43  
ASN O    O  N N 44  
ASN CB   C  N N 45  
ASN CG   C  N N 46  
ASN OD1  O  N N 47  
ASN ND2  N  N N 48  
ASN OXT  O  N N 49  
ASN H    H  N N 50  
ASN H2   H  N N 51  
ASN HA   H  N N 52  
ASN HB2  H  N N 53  
ASN HB3  H  N N 54  
ASN HD21 H  N N 55  
ASN HD22 H  N N 56  
ASN HXT  H  N N 57  
ASP N    N  N N 58  
ASP CA   C  N S 59  
ASP C    C  N N 60  
ASP O    O  N N 61  
ASP CB   C  N N 62  
ASP CG   C  N N 63  
ASP OD1  O  N N 64  
ASP OD2  O  N N 65  
ASP OXT  O  N N 66  
ASP H    H  N N 67  
ASP H2   H  N N 68  
ASP HA   H  N N 69  
ASP HB2  H  N N 70  
ASP HB3  H  N N 71  
ASP HD2  H  N N 72  
ASP HXT  H  N N 73  
GLN N    N  N N 74  
GLN CA   C  N S 75  
GLN C    C  N N 76  
GLN O    O  N N 77  
GLN CB   C  N N 78  
GLN CG   C  N N 79  
GLN CD   C  N N 80  
GLN OE1  O  N N 81  
GLN NE2  N  N N 82  
GLN OXT  O  N N 83  
GLN H    H  N N 84  
GLN H2   H  N N 85  
GLN HA   H  N N 86  
GLN HB2  H  N N 87  
GLN HB3  H  N N 88  
GLN HG2  H  N N 89  
GLN HG3  H  N N 90  
GLN HE21 H  N N 91  
GLN HE22 H  N N 92  
GLN HXT  H  N N 93  
GLU N    N  N N 94  
GLU CA   C  N S 95  
GLU C    C  N N 96  
GLU O    O  N N 97  
GLU CB   C  N N 98  
GLU CG   C  N N 99  
GLU CD   C  N N 100 
GLU OE1  O  N N 101 
GLU OE2  O  N N 102 
GLU OXT  O  N N 103 
GLU H    H  N N 104 
GLU H2   H  N N 105 
GLU HA   H  N N 106 
GLU HB2  H  N N 107 
GLU HB3  H  N N 108 
GLU HG2  H  N N 109 
GLU HG3  H  N N 110 
GLU HE2  H  N N 111 
GLU HXT  H  N N 112 
GLY N    N  N N 113 
GLY CA   C  N N 114 
GLY C    C  N N 115 
GLY O    O  N N 116 
GLY OXT  O  N N 117 
GLY H    H  N N 118 
GLY H2   H  N N 119 
GLY HA2  H  N N 120 
GLY HA3  H  N N 121 
GLY HXT  H  N N 122 
HEM CHA  C  N N 123 
HEM CHB  C  N N 124 
HEM CHC  C  N N 125 
HEM CHD  C  N N 126 
HEM C1A  C  Y N 127 
HEM C2A  C  Y N 128 
HEM C3A  C  Y N 129 
HEM C4A  C  Y N 130 
HEM CMA  C  N N 131 
HEM CAA  C  N N 132 
HEM CBA  C  N N 133 
HEM CGA  C  N N 134 
HEM O1A  O  N N 135 
HEM O2A  O  N N 136 
HEM C1B  C  N N 137 
HEM C2B  C  N N 138 
HEM C3B  C  N N 139 
HEM C4B  C  N N 140 
HEM CMB  C  N N 141 
HEM CAB  C  N N 142 
HEM CBB  C  N N 143 
HEM C1C  C  Y N 144 
HEM C2C  C  Y N 145 
HEM C3C  C  Y N 146 
HEM C4C  C  Y N 147 
HEM CMC  C  N N 148 
HEM CAC  C  N N 149 
HEM CBC  C  N N 150 
HEM C1D  C  N N 151 
HEM C2D  C  N N 152 
HEM C3D  C  N N 153 
HEM C4D  C  N N 154 
HEM CMD  C  N N 155 
HEM CAD  C  N N 156 
HEM CBD  C  N N 157 
HEM CGD  C  N N 158 
HEM O1D  O  N N 159 
HEM O2D  O  N N 160 
HEM NA   N  Y N 161 
HEM NB   N  N N 162 
HEM NC   N  Y N 163 
HEM ND   N  N N 164 
HEM FE   FE N N 165 
HEM HHB  H  N N 166 
HEM HHC  H  N N 167 
HEM HHD  H  N N 168 
HEM HMA  H  N N 169 
HEM HMAA H  N N 170 
HEM HMAB H  N N 171 
HEM HAA  H  N N 172 
HEM HAAA H  N N 173 
HEM HBA  H  N N 174 
HEM HBAA H  N N 175 
HEM HMB  H  N N 176 
HEM HMBA H  N N 177 
HEM HMBB H  N N 178 
HEM HAB  H  N N 179 
HEM HBB  H  N N 180 
HEM HBBA H  N N 181 
HEM HMC  H  N N 182 
HEM HMCA H  N N 183 
HEM HMCB H  N N 184 
HEM HAC  H  N N 185 
HEM HBC  H  N N 186 
HEM HBCA H  N N 187 
HEM HMD  H  N N 188 
HEM HMDA H  N N 189 
HEM HMDB H  N N 190 
HEM HAD  H  N N 191 
HEM HADA H  N N 192 
HEM HBD  H  N N 193 
HEM HBDA H  N N 194 
HEM H2A  H  N N 195 
HEM H2D  H  N N 196 
HEM HHA  H  N N 197 
HIS N    N  N N 198 
HIS CA   C  N S 199 
HIS C    C  N N 200 
HIS O    O  N N 201 
HIS CB   C  N N 202 
HIS CG   C  Y N 203 
HIS ND1  N  Y N 204 
HIS CD2  C  Y N 205 
HIS CE1  C  Y N 206 
HIS NE2  N  Y N 207 
HIS OXT  O  N N 208 
HIS H    H  N N 209 
HIS H2   H  N N 210 
HIS HA   H  N N 211 
HIS HB2  H  N N 212 
HIS HB3  H  N N 213 
HIS HD1  H  N N 214 
HIS HD2  H  N N 215 
HIS HE1  H  N N 216 
HIS HE2  H  N N 217 
HIS HXT  H  N N 218 
HOH O    O  N N 219 
HOH H1   H  N N 220 
HOH H2   H  N N 221 
ILE N    N  N N 222 
ILE CA   C  N S 223 
ILE C    C  N N 224 
ILE O    O  N N 225 
ILE CB   C  N S 226 
ILE CG1  C  N N 227 
ILE CG2  C  N N 228 
ILE CD1  C  N N 229 
ILE OXT  O  N N 230 
ILE H    H  N N 231 
ILE H2   H  N N 232 
ILE HA   H  N N 233 
ILE HB   H  N N 234 
ILE HG12 H  N N 235 
ILE HG13 H  N N 236 
ILE HG21 H  N N 237 
ILE HG22 H  N N 238 
ILE HG23 H  N N 239 
ILE HD11 H  N N 240 
ILE HD12 H  N N 241 
ILE HD13 H  N N 242 
ILE HXT  H  N N 243 
LEU N    N  N N 244 
LEU CA   C  N S 245 
LEU C    C  N N 246 
LEU O    O  N N 247 
LEU CB   C  N N 248 
LEU CG   C  N N 249 
LEU CD1  C  N N 250 
LEU CD2  C  N N 251 
LEU OXT  O  N N 252 
LEU H    H  N N 253 
LEU H2   H  N N 254 
LEU HA   H  N N 255 
LEU HB2  H  N N 256 
LEU HB3  H  N N 257 
LEU HG   H  N N 258 
LEU HD11 H  N N 259 
LEU HD12 H  N N 260 
LEU HD13 H  N N 261 
LEU HD21 H  N N 262 
LEU HD22 H  N N 263 
LEU HD23 H  N N 264 
LEU HXT  H  N N 265 
LYS N    N  N N 266 
LYS CA   C  N S 267 
LYS C    C  N N 268 
LYS O    O  N N 269 
LYS CB   C  N N 270 
LYS CG   C  N N 271 
LYS CD   C  N N 272 
LYS CE   C  N N 273 
LYS NZ   N  N N 274 
LYS OXT  O  N N 275 
LYS H    H  N N 276 
LYS H2   H  N N 277 
LYS HA   H  N N 278 
LYS HB2  H  N N 279 
LYS HB3  H  N N 280 
LYS HG2  H  N N 281 
LYS HG3  H  N N 282 
LYS HD2  H  N N 283 
LYS HD3  H  N N 284 
LYS HE2  H  N N 285 
LYS HE3  H  N N 286 
LYS HZ1  H  N N 287 
LYS HZ2  H  N N 288 
LYS HZ3  H  N N 289 
LYS HXT  H  N N 290 
MET N    N  N N 291 
MET CA   C  N S 292 
MET C    C  N N 293 
MET O    O  N N 294 
MET CB   C  N N 295 
MET CG   C  N N 296 
MET SD   S  N N 297 
MET CE   C  N N 298 
MET OXT  O  N N 299 
MET H    H  N N 300 
MET H2   H  N N 301 
MET HA   H  N N 302 
MET HB2  H  N N 303 
MET HB3  H  N N 304 
MET HG2  H  N N 305 
MET HG3  H  N N 306 
MET HE1  H  N N 307 
MET HE2  H  N N 308 
MET HE3  H  N N 309 
MET HXT  H  N N 310 
PHE N    N  N N 311 
PHE CA   C  N S 312 
PHE C    C  N N 313 
PHE O    O  N N 314 
PHE CB   C  N N 315 
PHE CG   C  Y N 316 
PHE CD1  C  Y N 317 
PHE CD2  C  Y N 318 
PHE CE1  C  Y N 319 
PHE CE2  C  Y N 320 
PHE CZ   C  Y N 321 
PHE OXT  O  N N 322 
PHE H    H  N N 323 
PHE H2   H  N N 324 
PHE HA   H  N N 325 
PHE HB2  H  N N 326 
PHE HB3  H  N N 327 
PHE HD1  H  N N 328 
PHE HD2  H  N N 329 
PHE HE1  H  N N 330 
PHE HE2  H  N N 331 
PHE HZ   H  N N 332 
PHE HXT  H  N N 333 
PRO N    N  N N 334 
PRO CA   C  N S 335 
PRO C    C  N N 336 
PRO O    O  N N 337 
PRO CB   C  N N 338 
PRO CG   C  N N 339 
PRO CD   C  N N 340 
PRO OXT  O  N N 341 
PRO H    H  N N 342 
PRO HA   H  N N 343 
PRO HB2  H  N N 344 
PRO HB3  H  N N 345 
PRO HG2  H  N N 346 
PRO HG3  H  N N 347 
PRO HD2  H  N N 348 
PRO HD3  H  N N 349 
PRO HXT  H  N N 350 
SER N    N  N N 351 
SER CA   C  N S 352 
SER C    C  N N 353 
SER O    O  N N 354 
SER CB   C  N N 355 
SER OG   O  N N 356 
SER OXT  O  N N 357 
SER H    H  N N 358 
SER H2   H  N N 359 
SER HA   H  N N 360 
SER HB2  H  N N 361 
SER HB3  H  N N 362 
SER HG   H  N N 363 
SER HXT  H  N N 364 
THR N    N  N N 365 
THR CA   C  N S 366 
THR C    C  N N 367 
THR O    O  N N 368 
THR CB   C  N R 369 
THR OG1  O  N N 370 
THR CG2  C  N N 371 
THR OXT  O  N N 372 
THR H    H  N N 373 
THR H2   H  N N 374 
THR HA   H  N N 375 
THR HB   H  N N 376 
THR HG1  H  N N 377 
THR HG21 H  N N 378 
THR HG22 H  N N 379 
THR HG23 H  N N 380 
THR HXT  H  N N 381 
TRP N    N  N N 382 
TRP CA   C  N S 383 
TRP C    C  N N 384 
TRP O    O  N N 385 
TRP CB   C  N N 386 
TRP CG   C  Y N 387 
TRP CD1  C  Y N 388 
TRP CD2  C  Y N 389 
TRP NE1  N  Y N 390 
TRP CE2  C  Y N 391 
TRP CE3  C  Y N 392 
TRP CZ2  C  Y N 393 
TRP CZ3  C  Y N 394 
TRP CH2  C  Y N 395 
TRP OXT  O  N N 396 
TRP H    H  N N 397 
TRP H2   H  N N 398 
TRP HA   H  N N 399 
TRP HB2  H  N N 400 
TRP HB3  H  N N 401 
TRP HD1  H  N N 402 
TRP HE1  H  N N 403 
TRP HE3  H  N N 404 
TRP HZ2  H  N N 405 
TRP HZ3  H  N N 406 
TRP HH2  H  N N 407 
TRP HXT  H  N N 408 
TYR N    N  N N 409 
TYR CA   C  N S 410 
TYR C    C  N N 411 
TYR O    O  N N 412 
TYR CB   C  N N 413 
TYR CG   C  Y N 414 
TYR CD1  C  Y N 415 
TYR CD2  C  Y N 416 
TYR CE1  C  Y N 417 
TYR CE2  C  Y N 418 
TYR CZ   C  Y N 419 
TYR OH   O  N N 420 
TYR OXT  O  N N 421 
TYR H    H  N N 422 
TYR H2   H  N N 423 
TYR HA   H  N N 424 
TYR HB2  H  N N 425 
TYR HB3  H  N N 426 
TYR HD1  H  N N 427 
TYR HD2  H  N N 428 
TYR HE1  H  N N 429 
TYR HE2  H  N N 430 
TYR HH   H  N N 431 
TYR HXT  H  N N 432 
VAL N    N  N N 433 
VAL CA   C  N S 434 
VAL C    C  N N 435 
VAL O    O  N N 436 
VAL CB   C  N N 437 
VAL CG1  C  N N 438 
VAL CG2  C  N N 439 
VAL OXT  O  N N 440 
VAL H    H  N N 441 
VAL H2   H  N N 442 
VAL HA   H  N N 443 
VAL HB   H  N N 444 
VAL HG11 H  N N 445 
VAL HG12 H  N N 446 
VAL HG13 H  N N 447 
VAL HG21 H  N N 448 
VAL HG22 H  N N 449 
VAL HG23 H  N N 450 
VAL HXT  H  N N 451 
# 
loop_
_chem_comp_bond.comp_id 
_chem_comp_bond.atom_id_1 
_chem_comp_bond.atom_id_2 
_chem_comp_bond.value_order 
_chem_comp_bond.pdbx_aromatic_flag 
_chem_comp_bond.pdbx_stereo_config 
_chem_comp_bond.pdbx_ordinal 
ALA N   CA   sing N N 1   
ALA N   H    sing N N 2   
ALA N   H2   sing N N 3   
ALA CA  C    sing N N 4   
ALA CA  CB   sing N N 5   
ALA CA  HA   sing N N 6   
ALA C   O    doub N N 7   
ALA C   OXT  sing N N 8   
ALA CB  HB1  sing N N 9   
ALA CB  HB2  sing N N 10  
ALA CB  HB3  sing N N 11  
ALA OXT HXT  sing N N 12  
ARG N   CA   sing N N 13  
ARG N   H    sing N N 14  
ARG N   H2   sing N N 15  
ARG CA  C    sing N N 16  
ARG CA  CB   sing N N 17  
ARG CA  HA   sing N N 18  
ARG C   O    doub N N 19  
ARG C   OXT  sing N N 20  
ARG CB  CG   sing N N 21  
ARG CB  HB2  sing N N 22  
ARG CB  HB3  sing N N 23  
ARG CG  CD   sing N N 24  
ARG CG  HG2  sing N N 25  
ARG CG  HG3  sing N N 26  
ARG CD  NE   sing N N 27  
ARG CD  HD2  sing N N 28  
ARG CD  HD3  sing N N 29  
ARG NE  CZ   sing N N 30  
ARG NE  HE   sing N N 31  
ARG CZ  NH1  sing N N 32  
ARG CZ  NH2  doub N N 33  
ARG NH1 HH11 sing N N 34  
ARG NH1 HH12 sing N N 35  
ARG NH2 HH21 sing N N 36  
ARG NH2 HH22 sing N N 37  
ARG OXT HXT  sing N N 38  
ASN N   CA   sing N N 39  
ASN N   H    sing N N 40  
ASN N   H2   sing N N 41  
ASN CA  C    sing N N 42  
ASN CA  CB   sing N N 43  
ASN CA  HA   sing N N 44  
ASN C   O    doub N N 45  
ASN C   OXT  sing N N 46  
ASN CB  CG   sing N N 47  
ASN CB  HB2  sing N N 48  
ASN CB  HB3  sing N N 49  
ASN CG  OD1  doub N N 50  
ASN CG  ND2  sing N N 51  
ASN ND2 HD21 sing N N 52  
ASN ND2 HD22 sing N N 53  
ASN OXT HXT  sing N N 54  
ASP N   CA   sing N N 55  
ASP N   H    sing N N 56  
ASP N   H2   sing N N 57  
ASP CA  C    sing N N 58  
ASP CA  CB   sing N N 59  
ASP CA  HA   sing N N 60  
ASP C   O    doub N N 61  
ASP C   OXT  sing N N 62  
ASP CB  CG   sing N N 63  
ASP CB  HB2  sing N N 64  
ASP CB  HB3  sing N N 65  
ASP CG  OD1  doub N N 66  
ASP CG  OD2  sing N N 67  
ASP OD2 HD2  sing N N 68  
ASP OXT HXT  sing N N 69  
GLN N   CA   sing N N 70  
GLN N   H    sing N N 71  
GLN N   H2   sing N N 72  
GLN CA  C    sing N N 73  
GLN CA  CB   sing N N 74  
GLN CA  HA   sing N N 75  
GLN C   O    doub N N 76  
GLN C   OXT  sing N N 77  
GLN CB  CG   sing N N 78  
GLN CB  HB2  sing N N 79  
GLN CB  HB3  sing N N 80  
GLN CG  CD   sing N N 81  
GLN CG  HG2  sing N N 82  
GLN CG  HG3  sing N N 83  
GLN CD  OE1  doub N N 84  
GLN CD  NE2  sing N N 85  
GLN NE2 HE21 sing N N 86  
GLN NE2 HE22 sing N N 87  
GLN OXT HXT  sing N N 88  
GLU N   CA   sing N N 89  
GLU N   H    sing N N 90  
GLU N   H2   sing N N 91  
GLU CA  C    sing N N 92  
GLU CA  CB   sing N N 93  
GLU CA  HA   sing N N 94  
GLU C   O    doub N N 95  
GLU C   OXT  sing N N 96  
GLU CB  CG   sing N N 97  
GLU CB  HB2  sing N N 98  
GLU CB  HB3  sing N N 99  
GLU CG  CD   sing N N 100 
GLU CG  HG2  sing N N 101 
GLU CG  HG3  sing N N 102 
GLU CD  OE1  doub N N 103 
GLU CD  OE2  sing N N 104 
GLU OE2 HE2  sing N N 105 
GLU OXT HXT  sing N N 106 
GLY N   CA   sing N N 107 
GLY N   H    sing N N 108 
GLY N   H2   sing N N 109 
GLY CA  C    sing N N 110 
GLY CA  HA2  sing N N 111 
GLY CA  HA3  sing N N 112 
GLY C   O    doub N N 113 
GLY C   OXT  sing N N 114 
GLY OXT HXT  sing N N 115 
HEM CHA C1A  sing N N 116 
HEM CHA C4D  doub N N 117 
HEM CHA HHA  sing N N 118 
HEM CHB C4A  sing N N 119 
HEM CHB C1B  doub N N 120 
HEM CHB HHB  sing N N 121 
HEM CHC C4B  sing N N 122 
HEM CHC C1C  doub N N 123 
HEM CHC HHC  sing N N 124 
HEM CHD C4C  doub N N 125 
HEM CHD C1D  sing N N 126 
HEM CHD HHD  sing N N 127 
HEM C1A C2A  doub Y N 128 
HEM C1A NA   sing Y N 129 
HEM C2A C3A  sing Y N 130 
HEM C2A CAA  sing N N 131 
HEM C3A C4A  doub Y N 132 
HEM C3A CMA  sing N N 133 
HEM C4A NA   sing Y N 134 
HEM CMA HMA  sing N N 135 
HEM CMA HMAA sing N N 136 
HEM CMA HMAB sing N N 137 
HEM CAA CBA  sing N N 138 
HEM CAA HAA  sing N N 139 
HEM CAA HAAA sing N N 140 
HEM CBA CGA  sing N N 141 
HEM CBA HBA  sing N N 142 
HEM CBA HBAA sing N N 143 
HEM CGA O1A  doub N N 144 
HEM CGA O2A  sing N N 145 
HEM C1B C2B  sing N N 146 
HEM C1B NB   sing N N 147 
HEM C2B C3B  doub N N 148 
HEM C2B CMB  sing N N 149 
HEM C3B C4B  sing N N 150 
HEM C3B CAB  sing N N 151 
HEM C4B NB   doub N N 152 
HEM CMB HMB  sing N N 153 
HEM CMB HMBA sing N N 154 
HEM CMB HMBB sing N N 155 
HEM CAB CBB  doub N N 156 
HEM CAB HAB  sing N N 157 
HEM CBB HBB  sing N N 158 
HEM CBB HBBA sing N N 159 
HEM C1C C2C  sing Y N 160 
HEM C1C NC   sing Y N 161 
HEM C2C C3C  doub Y N 162 
HEM C2C CMC  sing N N 163 
HEM C3C C4C  sing Y N 164 
HEM C3C CAC  sing N N 165 
HEM C4C NC   sing Y N 166 
HEM CMC HMC  sing N N 167 
HEM CMC HMCA sing N N 168 
HEM CMC HMCB sing N N 169 
HEM CAC CBC  doub N N 170 
HEM CAC HAC  sing N N 171 
HEM CBC HBC  sing N N 172 
HEM CBC HBCA sing N N 173 
HEM C1D C2D  sing N N 174 
HEM C1D ND   doub N N 175 
HEM C2D C3D  doub N N 176 
HEM C2D CMD  sing N N 177 
HEM C3D C4D  sing N N 178 
HEM C3D CAD  sing N N 179 
HEM C4D ND   sing N N 180 
HEM CMD HMD  sing N N 181 
HEM CMD HMDA sing N N 182 
HEM CMD HMDB sing N N 183 
HEM CAD CBD  sing N N 184 
HEM CAD HAD  sing N N 185 
HEM CAD HADA sing N N 186 
HEM CBD CGD  sing N N 187 
HEM CBD HBD  sing N N 188 
HEM CBD HBDA sing N N 189 
HEM CGD O1D  doub N N 190 
HEM CGD O2D  sing N N 191 
HEM O2A H2A  sing N N 192 
HEM O2D H2D  sing N N 193 
HEM FE  NA   sing N N 194 
HEM FE  NB   sing N N 195 
HEM FE  NC   sing N N 196 
HEM FE  ND   sing N N 197 
HIS N   CA   sing N N 198 
HIS N   H    sing N N 199 
HIS N   H2   sing N N 200 
HIS CA  C    sing N N 201 
HIS CA  CB   sing N N 202 
HIS CA  HA   sing N N 203 
HIS C   O    doub N N 204 
HIS C   OXT  sing N N 205 
HIS CB  CG   sing N N 206 
HIS CB  HB2  sing N N 207 
HIS CB  HB3  sing N N 208 
HIS CG  ND1  sing Y N 209 
HIS CG  CD2  doub Y N 210 
HIS ND1 CE1  doub Y N 211 
HIS ND1 HD1  sing N N 212 
HIS CD2 NE2  sing Y N 213 
HIS CD2 HD2  sing N N 214 
HIS CE1 NE2  sing Y N 215 
HIS CE1 HE1  sing N N 216 
HIS NE2 HE2  sing N N 217 
HIS OXT HXT  sing N N 218 
HOH O   H1   sing N N 219 
HOH O   H2   sing N N 220 
ILE N   CA   sing N N 221 
ILE N   H    sing N N 222 
ILE N   H2   sing N N 223 
ILE CA  C    sing N N 224 
ILE CA  CB   sing N N 225 
ILE CA  HA   sing N N 226 
ILE C   O    doub N N 227 
ILE C   OXT  sing N N 228 
ILE CB  CG1  sing N N 229 
ILE CB  CG2  sing N N 230 
ILE CB  HB   sing N N 231 
ILE CG1 CD1  sing N N 232 
ILE CG1 HG12 sing N N 233 
ILE CG1 HG13 sing N N 234 
ILE CG2 HG21 sing N N 235 
ILE CG2 HG22 sing N N 236 
ILE CG2 HG23 sing N N 237 
ILE CD1 HD11 sing N N 238 
ILE CD1 HD12 sing N N 239 
ILE CD1 HD13 sing N N 240 
ILE OXT HXT  sing N N 241 
LEU N   CA   sing N N 242 
LEU N   H    sing N N 243 
LEU N   H2   sing N N 244 
LEU CA  C    sing N N 245 
LEU CA  CB   sing N N 246 
LEU CA  HA   sing N N 247 
LEU C   O    doub N N 248 
LEU C   OXT  sing N N 249 
LEU CB  CG   sing N N 250 
LEU CB  HB2  sing N N 251 
LEU CB  HB3  sing N N 252 
LEU CG  CD1  sing N N 253 
LEU CG  CD2  sing N N 254 
LEU CG  HG   sing N N 255 
LEU CD1 HD11 sing N N 256 
LEU CD1 HD12 sing N N 257 
LEU CD1 HD13 sing N N 258 
LEU CD2 HD21 sing N N 259 
LEU CD2 HD22 sing N N 260 
LEU CD2 HD23 sing N N 261 
LEU OXT HXT  sing N N 262 
LYS N   CA   sing N N 263 
LYS N   H    sing N N 264 
LYS N   H2   sing N N 265 
LYS CA  C    sing N N 266 
LYS CA  CB   sing N N 267 
LYS CA  HA   sing N N 268 
LYS C   O    doub N N 269 
LYS C   OXT  sing N N 270 
LYS CB  CG   sing N N 271 
LYS CB  HB2  sing N N 272 
LYS CB  HB3  sing N N 273 
LYS CG  CD   sing N N 274 
LYS CG  HG2  sing N N 275 
LYS CG  HG3  sing N N 276 
LYS CD  CE   sing N N 277 
LYS CD  HD2  sing N N 278 
LYS CD  HD3  sing N N 279 
LYS CE  NZ   sing N N 280 
LYS CE  HE2  sing N N 281 
LYS CE  HE3  sing N N 282 
LYS NZ  HZ1  sing N N 283 
LYS NZ  HZ2  sing N N 284 
LYS NZ  HZ3  sing N N 285 
LYS OXT HXT  sing N N 286 
MET N   CA   sing N N 287 
MET N   H    sing N N 288 
MET N   H2   sing N N 289 
MET CA  C    sing N N 290 
MET CA  CB   sing N N 291 
MET CA  HA   sing N N 292 
MET C   O    doub N N 293 
MET C   OXT  sing N N 294 
MET CB  CG   sing N N 295 
MET CB  HB2  sing N N 296 
MET CB  HB3  sing N N 297 
MET CG  SD   sing N N 298 
MET CG  HG2  sing N N 299 
MET CG  HG3  sing N N 300 
MET SD  CE   sing N N 301 
MET CE  HE1  sing N N 302 
MET CE  HE2  sing N N 303 
MET CE  HE3  sing N N 304 
MET OXT HXT  sing N N 305 
PHE N   CA   sing N N 306 
PHE N   H    sing N N 307 
PHE N   H2   sing N N 308 
PHE CA  C    sing N N 309 
PHE CA  CB   sing N N 310 
PHE CA  HA   sing N N 311 
PHE C   O    doub N N 312 
PHE C   OXT  sing N N 313 
PHE CB  CG   sing N N 314 
PHE CB  HB2  sing N N 315 
PHE CB  HB3  sing N N 316 
PHE CG  CD1  doub Y N 317 
PHE CG  CD2  sing Y N 318 
PHE CD1 CE1  sing Y N 319 
PHE CD1 HD1  sing N N 320 
PHE CD2 CE2  doub Y N 321 
PHE CD2 HD2  sing N N 322 
PHE CE1 CZ   doub Y N 323 
PHE CE1 HE1  sing N N 324 
PHE CE2 CZ   sing Y N 325 
PHE CE2 HE2  sing N N 326 
PHE CZ  HZ   sing N N 327 
PHE OXT HXT  sing N N 328 
PRO N   CA   sing N N 329 
PRO N   CD   sing N N 330 
PRO N   H    sing N N 331 
PRO CA  C    sing N N 332 
PRO CA  CB   sing N N 333 
PRO CA  HA   sing N N 334 
PRO C   O    doub N N 335 
PRO C   OXT  sing N N 336 
PRO CB  CG   sing N N 337 
PRO CB  HB2  sing N N 338 
PRO CB  HB3  sing N N 339 
PRO CG  CD   sing N N 340 
PRO CG  HG2  sing N N 341 
PRO CG  HG3  sing N N 342 
PRO CD  HD2  sing N N 343 
PRO CD  HD3  sing N N 344 
PRO OXT HXT  sing N N 345 
SER N   CA   sing N N 346 
SER N   H    sing N N 347 
SER N   H2   sing N N 348 
SER CA  C    sing N N 349 
SER CA  CB   sing N N 350 
SER CA  HA   sing N N 351 
SER C   O    doub N N 352 
SER C   OXT  sing N N 353 
SER CB  OG   sing N N 354 
SER CB  HB2  sing N N 355 
SER CB  HB3  sing N N 356 
SER OG  HG   sing N N 357 
SER OXT HXT  sing N N 358 
THR N   CA   sing N N 359 
THR N   H    sing N N 360 
THR N   H2   sing N N 361 
THR CA  C    sing N N 362 
THR CA  CB   sing N N 363 
THR CA  HA   sing N N 364 
THR C   O    doub N N 365 
THR C   OXT  sing N N 366 
THR CB  OG1  sing N N 367 
THR CB  CG2  sing N N 368 
THR CB  HB   sing N N 369 
THR OG1 HG1  sing N N 370 
THR CG2 HG21 sing N N 371 
THR CG2 HG22 sing N N 372 
THR CG2 HG23 sing N N 373 
THR OXT HXT  sing N N 374 
TRP N   CA   sing N N 375 
TRP N   H    sing N N 376 
TRP N   H2   sing N N 377 
TRP CA  C    sing N N 378 
TRP CA  CB   sing N N 379 
TRP CA  HA   sing N N 380 
TRP C   O    doub N N 381 
TRP C   OXT  sing N N 382 
TRP CB  CG   sing N N 383 
TRP CB  HB2  sing N N 384 
TRP CB  HB3  sing N N 385 
TRP CG  CD1  doub Y N 386 
TRP CG  CD2  sing Y N 387 
TRP CD1 NE1  sing Y N 388 
TRP CD1 HD1  sing N N 389 
TRP CD2 CE2  doub Y N 390 
TRP CD2 CE3  sing Y N 391 
TRP NE1 CE2  sing Y N 392 
TRP NE1 HE1  sing N N 393 
TRP CE2 CZ2  sing Y N 394 
TRP CE3 CZ3  doub Y N 395 
TRP CE3 HE3  sing N N 396 
TRP CZ2 CH2  doub Y N 397 
TRP CZ2 HZ2  sing N N 398 
TRP CZ3 CH2  sing Y N 399 
TRP CZ3 HZ3  sing N N 400 
TRP CH2 HH2  sing N N 401 
TRP OXT HXT  sing N N 402 
TYR N   CA   sing N N 403 
TYR N   H    sing N N 404 
TYR N   H2   sing N N 405 
TYR CA  C    sing N N 406 
TYR CA  CB   sing N N 407 
TYR CA  HA   sing N N 408 
TYR C   O    doub N N 409 
TYR C   OXT  sing N N 410 
TYR CB  CG   sing N N 411 
TYR CB  HB2  sing N N 412 
TYR CB  HB3  sing N N 413 
TYR CG  CD1  doub Y N 414 
TYR CG  CD2  sing Y N 415 
TYR CD1 CE1  sing Y N 416 
TYR CD1 HD1  sing N N 417 
TYR CD2 CE2  doub Y N 418 
TYR CD2 HD2  sing N N 419 
TYR CE1 CZ   doub Y N 420 
TYR CE1 HE1  sing N N 421 
TYR CE2 CZ   sing Y N 422 
TYR CE2 HE2  sing N N 423 
TYR CZ  OH   sing N N 424 
TYR OH  HH   sing N N 425 
TYR OXT HXT  sing N N 426 
VAL N   CA   sing N N 427 
VAL N   H    sing N N 428 
VAL N   H2   sing N N 429 
VAL CA  C    sing N N 430 
VAL CA  CB   sing N N 431 
VAL CA  HA   sing N N 432 
VAL C   O    doub N N 433 
VAL C   OXT  sing N N 434 
VAL CB  CG1  sing N N 435 
VAL CB  CG2  sing N N 436 
VAL CB  HB   sing N N 437 
VAL CG1 HG11 sing N N 438 
VAL CG1 HG12 sing N N 439 
VAL CG1 HG13 sing N N 440 
VAL CG2 HG21 sing N N 441 
VAL CG2 HG22 sing N N 442 
VAL CG2 HG23 sing N N 443 
VAL OXT HXT  sing N N 444 
# 
_pdbx_initial_refinement_model.id               1 
_pdbx_initial_refinement_model.entity_id_list   ? 
_pdbx_initial_refinement_model.type             'experimental model' 
_pdbx_initial_refinement_model.source_name      PDB 
_pdbx_initial_refinement_model.accession_code   1J03 
_pdbx_initial_refinement_model.details          ? 
# 
_atom_sites.entry_id                    6NZX 
_atom_sites.fract_transf_matrix[1][1]   0.00818698 
_atom_sites.fract_transf_matrix[1][2]   0.01355048 
_atom_sites.fract_transf_matrix[1][3]   0.00231228 
_atom_sites.fract_transf_matrix[2][1]   0.01463880 
_atom_sites.fract_transf_matrix[2][2]   0.00166632 
_atom_sites.fract_transf_matrix[2][3]   -0.00623930 
_atom_sites.fract_transf_matrix[3][1]   -0.01748064 
_atom_sites.fract_transf_matrix[3][2]   0.01679477 
_atom_sites.fract_transf_matrix[3][3]   -0.03652819 
_atom_sites.fract_transf_vector[1]      -0.154752 
_atom_sites.fract_transf_vector[2]      -0.407612 
_atom_sites.fract_transf_vector[3]      0.096476 
# 
loop_
_atom_type.symbol 
C  
FE 
N  
O  
S  
# 
loop_
_atom_site.group_PDB 
_atom_site.id 
_atom_site.type_symbol 
_atom_site.label_atom_id 
_atom_site.label_alt_id 
_atom_site.label_comp_id 
_atom_site.label_asym_id 
_atom_site.label_entity_id 
_atom_site.label_seq_id 
_atom_site.pdbx_PDB_ins_code 
_atom_site.Cartn_x 
_atom_site.Cartn_y 
_atom_site.Cartn_z 
_atom_site.occupancy 
_atom_site.B_iso_or_equiv 
_atom_site.pdbx_formal_charge 
_atom_site.auth_seq_id 
_atom_site.auth_comp_id 
_atom_site.auth_asym_id 
_atom_site.auth_atom_id 
_atom_site.pdbx_PDB_model_num 
ATOM   1   N  N   . MET A 1 2  ? -9.582  -11.782 6.123   1.00 30.20 ? 1   MET A N   1 
ATOM   2   C  CA  . MET A 1 2  ? -9.068  -11.580 4.754   1.00 29.54 ? 1   MET A CA  1 
ATOM   3   C  C   . MET A 1 2  ? -10.220 -11.119 3.854   1.00 29.05 ? 1   MET A C   1 
ATOM   4   O  O   . MET A 1 2  ? -11.204 -11.821 3.714   1.00 30.82 ? 1   MET A O   1 
ATOM   5   C  CB  . MET A 1 2  ? -8.475  -12.888 4.224   1.00 32.13 ? 1   MET A CB  1 
ATOM   6   C  CG  . MET A 1 2  ? -7.510  -12.717 3.074   1.00 36.02 ? 1   MET A CG  1 
ATOM   7   S  SD  . MET A 1 2  ? -5.955  -11.871 3.487   1.00 41.82 ? 1   MET A SD  1 
ATOM   8   C  CE  . MET A 1 2  ? -5.879  -11.994 5.271   1.00 37.34 ? 1   MET A CE  1 
ATOM   9   N  N   . ARG A 1 3  ? -10.080 -9.931  3.256   1.00 26.10 ? 2   ARG A N   1 
ATOM   10  C  CA  . ARG A 1 3  ? -11.092 -9.363  2.397   1.00 28.05 ? 2   ARG A CA  1 
ATOM   11  C  C   . ARG A 1 3  ? -10.596 -9.317  0.942   1.00 24.58 ? 2   ARG A C   1 
ATOM   12  O  O   . ARG A 1 3  ? -9.414  -9.522  0.644   1.00 22.15 ? 2   ARG A O   1 
ATOM   13  C  CB  . ARG A 1 3  ? -11.522 -8.009  2.971   1.00 34.56 ? 2   ARG A CB  1 
ATOM   14  C  CG  . ARG A 1 3  ? -12.516 -8.150  4.120   1.00 42.43 ? 2   ARG A CG  1 
ATOM   15  C  CD  . ARG A 1 3  ? -12.824 -6.893  4.918   1.00 48.73 ? 2   ARG A CD  1 
ATOM   16  N  NE  . ARG A 1 3  ? -13.352 -5.814  4.093   1.00 55.79 ? 2   ARG A NE  1 
ATOM   17  C  CZ  . ARG A 1 3  ? -12.730 -4.664  3.859   1.00 58.03 ? 2   ARG A CZ  1 
ATOM   18  N  NH1 . ARG A 1 3  ? -11.580 -4.397  4.458   1.00 59.28 ? 2   ARG A NH1 1 
ATOM   19  N  NH2 . ARG A 1 3  ? -13.265 -3.786  3.028   1.00 59.68 ? 2   ARG A NH2 1 
ATOM   20  N  N   . VAL A 1 4  ? -11.543 -9.060  0.033   1.00 21.12 ? 3   VAL A N   1 
ATOM   21  C  CA  . VAL A 1 4  ? -11.291 -8.861  -1.370  1.00 21.38 ? 3   VAL A CA  1 
ATOM   22  C  C   . VAL A 1 4  ? -11.604 -7.391  -1.683  1.00 22.84 ? 3   VAL A C   1 
ATOM   23  O  O   . VAL A 1 4  ? -12.730 -6.921  -1.453  1.00 22.95 ? 3   VAL A O   1 
ATOM   24  C  CB  . VAL A 1 4  ? -12.111 -9.813  -2.263  1.00 20.07 ? 3   VAL A CB  1 
ATOM   25  C  CG1 . VAL A 1 4  ? -11.836 -9.594  -3.741  1.00 20.84 ? 3   VAL A CG1 1 
ATOM   26  C  CG2 . VAL A 1 4  ? -11.886 -11.264 -1.902  1.00 19.83 ? 3   VAL A CG2 1 
ATOM   27  N  N   . PHE A 1 5  ? -10.577 -6.692  -2.185  1.00 21.13 ? 4   PHE A N   1 
ATOM   28  C  CA  . PHE A 1 5  ? -10.611 -5.290  -2.508  1.00 20.98 ? 4   PHE A CA  1 
ATOM   29  C  C   . PHE A 1 5  ? -10.638 -5.152  -4.031  1.00 20.26 ? 4   PHE A C   1 
ATOM   30  O  O   . PHE A 1 5  ? -9.913  -5.809  -4.745  1.00 22.72 ? 4   PHE A O   1 
ATOM   31  C  CB  . PHE A 1 5  ? -9.386  -4.570  -1.926  1.00 20.95 ? 4   PHE A CB  1 
ATOM   32  C  CG  . PHE A 1 5  ? -9.308  -4.521  -0.416  1.00 21.29 ? 4   PHE A CG  1 
ATOM   33  C  CD1 . PHE A 1 5  ? -9.912  -3.501  0.298   1.00 22.67 ? 4   PHE A CD1 1 
ATOM   34  C  CD2 . PHE A 1 5  ? -8.611  -5.489  0.297   1.00 22.43 ? 4   PHE A CD2 1 
ATOM   35  C  CE1 . PHE A 1 5  ? -9.817  -3.445  1.684   1.00 23.83 ? 4   PHE A CE1 1 
ATOM   36  C  CE2 . PHE A 1 5  ? -8.541  -5.447  1.681   1.00 20.93 ? 4   PHE A CE2 1 
ATOM   37  C  CZ  . PHE A 1 5  ? -9.156  -4.433  2.375   1.00 22.89 ? 4   PHE A CZ  1 
ATOM   38  N  N   . THR A 1 6  ? -11.522 -4.302  -4.524  1.00 20.80 ? 5   THR A N   1 
ATOM   39  C  CA  . THR A 1 6  ? -11.371 -3.734  -5.829  1.00 21.39 ? 5   THR A CA  1 
ATOM   40  C  C   . THR A 1 6  ? -10.365 -2.581  -5.697  1.00 20.64 ? 5   THR A C   1 
ATOM   41  O  O   . THR A 1 6  ? -10.080 -2.113  -4.584  1.00 19.58 ? 5   THR A O   1 
ATOM   42  C  CB  . THR A 1 6  ? -12.733 -3.296  -6.389  1.00 21.11 ? 5   THR A CB  1 
ATOM   43  O  OG1 . THR A 1 6  ? -13.115 -2.124  -5.681  1.00 19.45 ? 5   THR A OG1 1 
ATOM   44  C  CG2 . THR A 1 6  ? -13.811 -4.354  -6.266  1.00 21.42 ? 5   THR A CG2 1 
ATOM   45  N  N   . LYS A 1 7  ? -9.844  -2.121  -6.829  1.00 20.90 ? 6   LYS A N   1 
ATOM   46  C  CA  . LYS A 1 7  ? -8.924  -1.010  -6.873  1.00 22.66 ? 6   LYS A CA  1 
ATOM   47  C  C   . LYS A 1 7  ? -9.647  0.279   -6.480  1.00 23.09 ? 6   LYS A C   1 
ATOM   48  O  O   . LYS A 1 7  ? -9.032  1.185   -5.931  1.00 22.49 ? 6   LYS A O   1 
ATOM   49  C  CB  . LYS A 1 7  ? -8.324  -0.842  -8.270  1.00 24.44 ? 6   LYS A CB  1 
ATOM   50  C  CG  . LYS A 1 7  ? -7.204  -1.805  -8.600  1.00 24.76 ? 6   LYS A CG  1 
ATOM   51  C  CD  . LYS A 1 7  ? -6.550  -1.541  -9.935  1.00 26.17 ? 6   LYS A CD  1 
ATOM   52  C  CE  . LYS A 1 7  ? -5.284  -2.351  -10.111 1.00 27.48 ? 6   LYS A CE  1 
ATOM   53  N  NZ  . LYS A 1 7  ? -4.898  -2.469  -11.529 1.00 31.03 ? 6   LYS A NZ  1 
ATOM   54  N  N   . GLU A 1 8  ? -10.940 0.365   -6.799  1.00 25.23 ? 7   GLU A N   1 
ATOM   55  C  CA  . GLU A 1 8  ? -11.720 1.531   -6.450  1.00 26.53 ? 7   GLU A CA  1 
ATOM   56  C  C   . GLU A 1 8  ? -11.769 1.624   -4.921  1.00 24.79 ? 7   GLU A C   1 
ATOM   57  O  O   . GLU A 1 8  ? -11.486 2.674   -4.372  1.00 23.69 ? 7   GLU A O   1 
ATOM   58  C  CB  . GLU A 1 8  ? -13.100 1.473   -7.103  1.00 32.90 ? 7   GLU A CB  1 
ATOM   59  C  CG  . GLU A 1 8  ? -13.715 2.845   -7.336  1.00 39.36 ? 7   GLU A CG  1 
ATOM   60  C  CD  . GLU A 1 8  ? -14.716 2.885   -8.481  1.00 47.07 ? 7   GLU A CD  1 
ATOM   61  O  OE1 . GLU A 1 8  ? -15.330 1.830   -8.762  1.00 52.86 ? 7   GLU A OE1 1 
ATOM   62  O  OE2 . GLU A 1 8  ? -14.869 3.964   -9.101  1.00 54.12 ? 7   GLU A OE2 1 
ATOM   63  N  N   . GLU A 1 9  ? -12.047 0.492   -4.256  1.00 23.69 ? 8   GLU A N   1 
ATOM   64  C  CA  . GLU A 1 9  ? -12.132 0.432   -2.804  1.00 24.05 ? 8   GLU A CA  1 
ATOM   65  C  C   . GLU A 1 9  ? -10.762 0.655   -2.169  1.00 20.54 ? 8   GLU A C   1 
ATOM   66  O  O   . GLU A 1 9  ? -10.662 1.272   -1.112  1.00 21.07 ? 8   GLU A O   1 
ATOM   67  C  CB  . GLU A 1 9  ? -12.669 -0.918  -2.323  1.00 25.50 ? 8   GLU A CB  1 
ATOM   68  C  CG  . GLU A 1 9  ? -14.114 -1.157  -2.707  1.00 28.62 ? 8   GLU A CG  1 
ATOM   69  C  CD  . GLU A 1 9  ? -14.609 -2.568  -2.442  1.00 32.07 ? 8   GLU A CD  1 
ATOM   70  O  OE1 . GLU A 1 9  ? -13.785 -3.432  -2.023  1.00 30.04 ? 8   GLU A OE1 1 
ATOM   71  O  OE2 . GLU A 1 9  ? -15.817 -2.801  -2.671  1.00 36.33 ? 8   GLU A OE2 1 
ATOM   72  N  N   . LEU A 1 10 ? -9.715  0.113   -2.798  1.00 19.54 ? 9   LEU A N   1 
ATOM   73  C  CA  . LEU A 1 10 ? -8.370  0.224   -2.260  1.00 18.33 ? 9   LEU A CA  1 
ATOM   74  C  C   . LEU A 1 10 ? -7.914  1.690   -2.265  1.00 16.97 ? 9   LEU A C   1 
ATOM   75  O  O   . LEU A 1 10 ? -7.126  2.100   -1.402  1.00 16.49 ? 9   LEU A O   1 
ATOM   76  C  CB  . LEU A 1 10 ? -7.425  -0.665  -3.076  1.00 17.98 ? 9   LEU A CB  1 
ATOM   77  C  CG  . LEU A 1 10 ? -5.948  -0.512  -2.731  1.00 18.35 ? 9   LEU A CG  1 
ATOM   78  C  CD1 . LEU A 1 10 ? -5.644  -1.157  -1.382  1.00 18.91 ? 9   LEU A CD1 1 
ATOM   79  C  CD2 . LEU A 1 10 ? -5.070  -1.086  -3.825  1.00 19.31 ? 9   LEU A CD2 1 
ATOM   80  N  N   . SER A 1 11 ? -8.419  2.482   -3.222  1.00 18.14 ? 10  SER A N   1 
ATOM   81  C  CA  . SER A 1 11 ? -8.020  3.903   -3.381  1.00 18.93 ? 10  SER A CA  1 
ATOM   82  C  C   . SER A 1 11 ? -8.457  4.738   -2.174  1.00 19.53 ? 10  SER A C   1 
ATOM   83  O  O   . SER A 1 11 ? -7.844  5.776   -1.840  1.00 19.89 ? 10  SER A O   1 
ATOM   84  C  CB  . SER A 1 11 ? -8.564  4.461   -4.676  1.00 20.23 ? 10  SER A CB  1 
ATOM   85  O  OG  . SER A 1 11 ? -9.973  4.434   -4.664  1.00 21.22 ? 10  SER A OG  1 
ATOM   86  N  N   . ARG A 1 12 ? -9.506  4.275   -1.489  1.00 20.15 ? 11  ARG A N   1 
ATOM   87  C  CA  . ARG A 1 12 ? -9.994  4.922   -0.289  1.00 20.62 ? 11  ARG A CA  1 
ATOM   88  C  C   . ARG A 1 12 ? -8.967  4.859   0.843   1.00 19.93 ? 11  ARG A C   1 
ATOM   89  O  O   . ARG A 1 12 ? -9.059  5.679   1.744   1.00 19.15 ? 11  ARG A O   1 
ATOM   90  C  CB  . ARG A 1 12 ? -11.233 4.226   0.272   1.00 22.55 ? 11  ARG A CB  1 
ATOM   91  C  CG  . ARG A 1 12 ? -12.454 4.230   -0.630  1.00 23.64 ? 11  ARG A CG  1 
ATOM   92  C  CD  . ARG A 1 12 ? -13.484 3.385   0.077   1.00 24.82 ? 11  ARG A CD  1 
ATOM   93  N  NE  . ARG A 1 12 ? -14.605 2.955   -0.737  1.00 26.89 ? 11  ARG A NE  1 
ATOM   94  C  CZ  . ARG A 1 12 ? -15.514 2.081   -0.312  1.00 27.72 ? 11  ARG A CZ  1 
ATOM   95  N  NH1 . ARG A 1 12 ? -16.473 1.687   -1.129  1.00 26.81 ? 11  ARG A NH1 1 
ATOM   96  N  NH2 . ARG A 1 12 ? -15.446 1.599   0.926   1.00 24.77 ? 11  ARG A NH2 1 
ATOM   97  N  N   . TYR A 1 13 ? -8.078  3.846   0.839   1.00 19.34 ? 12  TYR A N   1 
ATOM   98  C  CA  . TYR A 1 13 ? -7.146  3.582   1.947   1.00 20.09 ? 12  TYR A CA  1 
ATOM   99  C  C   . TYR A 1 13 ? -5.830  4.303   1.642   1.00 21.41 ? 12  TYR A C   1 
ATOM   100 O  O   . TYR A 1 13 ? -4.804  3.676   1.387   1.00 20.25 ? 12  TYR A O   1 
ATOM   101 C  CB  . TYR A 1 13 ? -6.970  2.074   2.169   1.00 21.55 ? 12  TYR A CB  1 
ATOM   102 C  CG  . TYR A 1 13 ? -8.201  1.389   2.702   1.00 20.58 ? 12  TYR A CG  1 
ATOM   103 C  CD1 . TYR A 1 13 ? -8.379  1.196   4.056   1.00 20.01 ? 12  TYR A CD1 1 
ATOM   104 C  CD2 . TYR A 1 13 ? -9.210  0.960   1.852   1.00 20.68 ? 12  TYR A CD2 1 
ATOM   105 C  CE1 . TYR A 1 13 ? -9.532  0.596   4.550   1.00 21.74 ? 12  TYR A CE1 1 
ATOM   106 C  CE2 . TYR A 1 13 ? -10.366 0.363   2.334   1.00 20.23 ? 12  TYR A CE2 1 
ATOM   107 C  CZ  . TYR A 1 13 ? -10.531 0.178   3.692   1.00 20.31 ? 12  TYR A CZ  1 
ATOM   108 O  OH  . TYR A 1 13 ? -11.677 -0.390  4.187   1.00 19.66 ? 12  TYR A OH  1 
ATOM   109 N  N   . ASN A 1 14 ? -5.901  5.637   1.655   1.00 21.89 ? 13  ASN A N   1 
ATOM   110 C  CA  . ASN A 1 14 ? -4.894  6.497   1.060   1.00 23.50 ? 13  ASN A CA  1 
ATOM   111 C  C   . ASN A 1 14 ? -4.122  7.255   2.138   1.00 24.74 ? 13  ASN A C   1 
ATOM   112 O  O   . ASN A 1 14 ? -3.348  8.144   1.814   1.00 28.27 ? 13  ASN A O   1 
ATOM   113 C  CB  . ASN A 1 14 ? -5.512  7.473   0.058   1.00 24.00 ? 13  ASN A CB  1 
ATOM   114 C  CG  . ASN A 1 14 ? -6.549  8.395   0.666   1.00 24.52 ? 13  ASN A CG  1 
ATOM   115 O  OD1 . ASN A 1 14 ? -6.775  8.395   1.876   1.00 26.35 ? 13  ASN A OD1 1 
ATOM   116 N  ND2 . ASN A 1 14 ? -7.182  9.188   -0.171  1.00 27.24 ? 13  ASN A ND2 1 
ATOM   117 N  N   . GLY A 1 15 ? -4.350  6.910   3.409   1.00 24.72 ? 14  GLY A N   1 
ATOM   118 C  CA  . GLY A 1 15 ? -3.582  7.445   4.503   1.00 27.67 ? 14  GLY A CA  1 
ATOM   119 C  C   . GLY A 1 15 ? -3.950  8.884   4.858   1.00 31.23 ? 14  GLY A C   1 
ATOM   120 O  O   . GLY A 1 15 ? -3.355  9.436   5.771   1.00 34.33 ? 14  GLY A O   1 
ATOM   121 N  N   . LYS A 1 16 ? -4.951  9.467   4.180   1.00 33.14 ? 15  LYS A N   1 
ATOM   122 C  CA  . LYS A 1 16 ? -5.336  10.874  4.372   1.00 36.99 ? 15  LYS A CA  1 
ATOM   123 C  C   . LYS A 1 16 ? -6.572  10.973  5.270   1.00 39.31 ? 15  LYS A C   1 
ATOM   124 O  O   . LYS A 1 16 ? -7.442  10.110  5.247   1.00 36.70 ? 15  LYS A O   1 
ATOM   125 C  CB  . LYS A 1 16 ? -5.626  11.545  3.025   1.00 37.44 ? 15  LYS A CB  1 
ATOM   126 C  CG  . LYS A 1 16 ? -4.460  11.566  2.050   1.00 38.87 ? 15  LYS A CG  1 
ATOM   127 C  CD  . LYS A 1 16 ? -4.606  12.631  0.990   1.00 42.36 ? 15  LYS A CD  1 
ATOM   128 C  CE  . LYS A 1 16 ? -3.633  12.494  -0.158  1.00 41.84 ? 15  LYS A CE  1 
ATOM   129 N  NZ  . LYS A 1 16 ? -4.345  12.553  -1.456  1.00 43.80 ? 15  LYS A NZ  1 
ATOM   130 N  N   . GLU A 1 17 ? -6.624  12.043  6.071   1.00 44.88 ? 16  GLU A N   1 
ATOM   131 C  CA  . GLU A 1 17 ? -7.813  12.431  6.838   1.00 47.58 ? 16  GLU A CA  1 
ATOM   132 C  C   . GLU A 1 17 ? -8.256  11.286  7.757   1.00 44.66 ? 16  GLU A C   1 
ATOM   133 O  O   . GLU A 1 17 ? -9.448  11.071  7.947   1.00 48.76 ? 16  GLU A O   1 
ATOM   134 C  CB  . GLU A 1 17 ? -8.934  12.842  5.878   1.00 53.08 ? 16  GLU A CB  1 
ATOM   135 C  CG  . GLU A 1 17 ? -8.518  13.946  4.920   1.00 55.40 ? 16  GLU A CG  1 
ATOM   136 C  CD  . GLU A 1 17 ? -9.519  14.264  3.821   1.00 58.85 ? 16  GLU A CD  1 
ATOM   137 O  OE1 . GLU A 1 17 ? -10.634 14.725  4.144   1.00 64.60 ? 16  GLU A OE1 1 
ATOM   138 O  OE2 . GLU A 1 17 ? -9.180  14.040  2.643   1.00 58.74 ? 16  GLU A OE2 1 
ATOM   139 N  N   . GLY A 1 18 ? -7.281  10.562  8.321   1.00 39.85 ? 17  GLY A N   1 
ATOM   140 C  CA  . GLY A 1 18 ? -7.530  9.510   9.307   1.00 34.21 ? 17  GLY A CA  1 
ATOM   141 C  C   . GLY A 1 18 ? -7.757  8.137   8.689   1.00 29.89 ? 17  GLY A C   1 
ATOM   142 O  O   . GLY A 1 18 ? -7.954  7.181   9.409   1.00 29.83 ? 17  GLY A O   1 
ATOM   143 N  N   . ALA A 1 19 ? -7.782  8.041   7.357   1.00 27.69 ? 18  ALA A N   1 
ATOM   144 C  CA  . ALA A 1 19 ? -7.981  6.746   6.662   1.00 26.08 ? 18  ALA A CA  1 
ATOM   145 C  C   . ALA A 1 19 ? -6.696  5.926   6.758   1.00 24.80 ? 18  ALA A C   1 
ATOM   146 O  O   . ALA A 1 19 ? -5.602  6.487   6.744   1.00 24.60 ? 18  ALA A O   1 
ATOM   147 C  CB  . ALA A 1 19 ? -8.364  6.979   5.225   1.00 23.82 ? 18  ALA A CB  1 
ATOM   148 N  N   . PRO A 1 20 ? -6.763  4.583   6.865   1.00 23.75 ? 19  PRO A N   1 
ATOM   149 C  CA  . PRO A 1 20 ? -5.552  3.769   6.827   1.00 22.31 ? 19  PRO A CA  1 
ATOM   150 C  C   . PRO A 1 20 ? -4.851  3.901   5.471   1.00 20.01 ? 19  PRO A C   1 
ATOM   151 O  O   . PRO A 1 20 ? -5.459  4.310   4.470   1.00 19.03 ? 19  PRO A O   1 
ATOM   152 C  CB  . PRO A 1 20 ? -6.024  2.324   7.083   1.00 21.59 ? 19  PRO A CB  1 
ATOM   153 C  CG  . PRO A 1 20 ? -7.438  2.465   7.585   1.00 22.36 ? 19  PRO A CG  1 
ATOM   154 C  CD  . PRO A 1 20 ? -7.972  3.769   7.023   1.00 23.04 ? 19  PRO A CD  1 
ATOM   155 N  N   . ALA A 1 21 ? -3.560  3.577   5.473   1.00 18.46 ? 20  ALA A N   1 
ATOM   156 C  CA  . ALA A 1 21 ? -2.739  3.551   4.281   1.00 18.09 ? 20  ALA A CA  1 
ATOM   157 C  C   . ALA A 1 21 ? -2.447  2.082   3.937   1.00 17.00 ? 20  ALA A C   1 
ATOM   158 O  O   . ALA A 1 21 ? -1.804  1.339   4.712   1.00 17.30 ? 20  ALA A O   1 
ATOM   159 C  CB  . ALA A 1 21 ? -1.485  4.376   4.497   1.00 17.39 ? 20  ALA A CB  1 
ATOM   160 N  N   . TYR A 1 22 ? -3.003  1.653   2.807   1.00 17.37 ? 21  TYR A N   1 
ATOM   161 C  CA  . TYR A 1 22 ? -2.866  0.285   2.297   1.00 18.56 ? 21  TYR A CA  1 
ATOM   162 C  C   . TYR A 1 22 ? -2.140  0.371   0.957   1.00 18.93 ? 21  TYR A C   1 
ATOM   163 O  O   . TYR A 1 22 ? -2.327  1.327   0.219   1.00 18.64 ? 21  TYR A O   1 
ATOM   164 C  CB  . TYR A 1 22 ? -4.220  -0.359  2.002   1.00 19.11 ? 21  TYR A CB  1 
ATOM   165 C  CG  . TYR A 1 22 ? -5.059  -0.813  3.169   1.00 18.54 ? 21  TYR A CG  1 
ATOM   166 C  CD1 . TYR A 1 22 ? -4.688  -0.598  4.480   1.00 18.77 ? 21  TYR A CD1 1 
ATOM   167 C  CD2 . TYR A 1 22 ? -6.285  -1.415  2.933   1.00 17.91 ? 21  TYR A CD2 1 
ATOM   168 C  CE1 . TYR A 1 22 ? -5.492  -1.013  5.529   1.00 19.33 ? 21  TYR A CE1 1 
ATOM   169 C  CE2 . TYR A 1 22 ? -7.095  -1.853  3.970   1.00 18.99 ? 21  TYR A CE2 1 
ATOM   170 C  CZ  . TYR A 1 22 ? -6.702  -1.625  5.274   1.00 18.35 ? 21  TYR A CZ  1 
ATOM   171 O  OH  . TYR A 1 22 ? -7.488  -2.035  6.297   1.00 19.17 ? 21  TYR A OH  1 
ATOM   172 N  N   . VAL A 1 23 ? -1.331  -0.634  0.642   1.00 19.90 ? 22  VAL A N   1 
ATOM   173 C  CA  . VAL A 1 23 ? -0.672  -0.694  -0.652  1.00 19.15 ? 22  VAL A CA  1 
ATOM   174 C  C   . VAL A 1 23 ? -0.833  -2.116  -1.166  1.00 18.51 ? 22  VAL A C   1 
ATOM   175 O  O   . VAL A 1 23 ? -0.749  -3.033  -0.380  1.00 18.51 ? 22  VAL A O   1 
ATOM   176 C  CB  . VAL A 1 23 ? 0.816   -0.298  -0.570  1.00 19.98 ? 22  VAL A CB  1 
ATOM   177 C  CG1 . VAL A 1 23 ? 0.980   1.163   -0.212  1.00 20.92 ? 22  VAL A CG1 1 
ATOM   178 C  CG2 . VAL A 1 23 ? 1.587   -1.174  0.417   1.00 21.84 ? 22  VAL A CG2 1 
ATOM   179 N  N   . ALA A 1 24 ? -1.046  -2.277  -2.477  1.00 17.98 ? 23  ALA A N   1 
ATOM   180 C  CA  . ALA A 1 24 ? -1.142  -3.622  -3.044  1.00 18.36 ? 23  ALA A CA  1 
ATOM   181 C  C   . ALA A 1 24 ? 0.180   -3.968  -3.739  1.00 18.09 ? 23  ALA A C   1 
ATOM   182 O  O   . ALA A 1 24 ? 0.903   -3.091  -4.248  1.00 15.86 ? 23  ALA A O   1 
ATOM   183 C  CB  . ALA A 1 24 ? -2.333  -3.751  -3.957  1.00 18.41 ? 23  ALA A CB  1 
ATOM   184 N  N   . TYR A 1 25 ? 0.532   -5.254  -3.666  1.00 18.69 ? 24  TYR A N   1 
ATOM   185 C  CA  . TYR A 1 25 ? 1.706   -5.774  -4.340  1.00 20.36 ? 24  TYR A CA  1 
ATOM   186 C  C   . TYR A 1 25 ? 1.438   -7.226  -4.735  1.00 20.57 ? 24  TYR A C   1 
ATOM   187 O  O   . TYR A 1 25 ? 1.216   -8.046  -3.864  1.00 17.07 ? 24  TYR A O   1 
ATOM   188 C  CB  . TYR A 1 25 ? 2.964   -5.677  -3.468  1.00 22.76 ? 24  TYR A CB  1 
ATOM   189 C  CG  . TYR A 1 25 ? 4.187   -6.203  -4.178  1.00 25.59 ? 24  TYR A CG  1 
ATOM   190 C  CD1 . TYR A 1 25 ? 4.747   -7.425  -3.850  1.00 28.45 ? 24  TYR A CD1 1 
ATOM   191 C  CD2 . TYR A 1 25 ? 4.718   -5.518  -5.256  1.00 27.73 ? 24  TYR A CD2 1 
ATOM   192 C  CE1 . TYR A 1 25 ? 5.835   -7.932  -4.548  1.00 30.75 ? 24  TYR A CE1 1 
ATOM   193 C  CE2 . TYR A 1 25 ? 5.792   -6.013  -5.976  1.00 29.31 ? 24  TYR A CE2 1 
ATOM   194 C  CZ  . TYR A 1 25 ? 6.355   -7.223  -5.618  1.00 30.53 ? 24  TYR A CZ  1 
ATOM   195 O  OH  . TYR A 1 25 ? 7.430   -7.698  -6.310  1.00 36.52 ? 24  TYR A OH  1 
ATOM   196 N  N   . ASN A 1 26 ? 1.445   -7.502  -6.049  1.00 23.36 ? 25  ASN A N   1 
ATOM   197 C  CA  . ASN A 1 26 ? 1.338   -8.874  -6.580  1.00 25.82 ? 25  ASN A CA  1 
ATOM   198 C  C   . ASN A 1 26 ? 0.070   -9.554  -6.057  1.00 24.56 ? 25  ASN A C   1 
ATOM   199 O  O   . ASN A 1 26 ? 0.137   -10.726 -5.671  1.00 22.68 ? 25  ASN A O   1 
ATOM   200 C  CB  . ASN A 1 26 ? 2.546   -9.741  -6.188  1.00 27.20 ? 25  ASN A CB  1 
ATOM   201 C  CG  . ASN A 1 26 ? 3.713   -9.580  -7.128  1.00 33.06 ? 25  ASN A CG  1 
ATOM   202 O  OD1 . ASN A 1 26 ? 3.629   -8.839  -8.110  1.00 39.75 ? 25  ASN A OD1 1 
ATOM   203 N  ND2 . ASN A 1 26 ? 4.814   -10.247 -6.822  1.00 34.35 ? 25  ASN A ND2 1 
ATOM   204 N  N   . GLY A 1 27 ? -1.038  -8.795  -5.982  1.00 21.82 ? 26  GLY A N   1 
ATOM   205 C  CA  . GLY A 1 27 ? -2.360  -9.324  -5.681  1.00 20.67 ? 26  GLY A CA  1 
ATOM   206 C  C   . GLY A 1 27 ? -2.750  -9.275  -4.208  1.00 20.39 ? 26  GLY A C   1 
ATOM   207 O  O   . GLY A 1 27 ? -3.886  -9.595  -3.887  1.00 21.01 ? 26  GLY A O   1 
ATOM   208 N  N   . LYS A 1 28 ? -1.819  -8.898  -3.316  1.00 20.50 ? 27  LYS A N   1 
ATOM   209 C  CA  . LYS A 1 28 ? -2.027  -8.868  -1.857  1.00 20.82 ? 27  LYS A CA  1 
ATOM   210 C  C   . LYS A 1 28 ? -2.001  -7.420  -1.341  1.00 18.27 ? 27  LYS A C   1 
ATOM   211 O  O   . LYS A 1 28 ? -1.244  -6.601  -1.799  1.00 18.21 ? 27  LYS A O   1 
ATOM   212 C  CB  . LYS A 1 28 ? -0.953  -9.698  -1.149  1.00 24.61 ? 27  LYS A CB  1 
ATOM   213 C  CG  . LYS A 1 28 ? -1.125  -11.215 -1.231  1.00 27.86 ? 27  LYS A CG  1 
ATOM   214 C  CD  . LYS A 1 28 ? -0.266  -11.919 -0.203  1.00 30.56 ? 27  LYS A CD  1 
ATOM   215 C  CE  . LYS A 1 28 ? -0.715  -13.337 0.088   1.00 38.47 ? 27  LYS A CE  1 
ATOM   216 N  NZ  . LYS A 1 28 ? -0.197  -13.818 1.395   1.00 41.64 ? 27  LYS A NZ  1 
ATOM   217 N  N   . VAL A 1 29 ? -2.845  -7.127  -0.357  1.00 16.59 ? 28  VAL A N   1 
ATOM   218 C  CA  . VAL A 1 29 ? -3.011  -5.786  0.158   1.00 16.29 ? 28  VAL A CA  1 
ATOM   219 C  C   . VAL A 1 29 ? -2.433  -5.770  1.561   1.00 16.68 ? 28  VAL A C   1 
ATOM   220 O  O   . VAL A 1 29 ? -2.851  -6.585  2.403   1.00 16.11 ? 28  VAL A O   1 
ATOM   221 C  CB  . VAL A 1 29 ? -4.498  -5.383  0.141   1.00 16.39 ? 28  VAL A CB  1 
ATOM   222 C  CG1 . VAL A 1 29 ? -4.735  -4.012  0.765   1.00 17.45 ? 28  VAL A CG1 1 
ATOM   223 C  CG2 . VAL A 1 29 ? -5.052  -5.446  -1.277  1.00 15.73 ? 28  VAL A CG2 1 
ATOM   224 N  N   . TYR A 1 30 ? -1.515  -4.814  1.781   1.00 16.87 ? 29  TYR A N   1 
ATOM   225 C  CA  . TYR A 1 30 ? -0.743  -4.662  2.987   1.00 17.64 ? 29  TYR A CA  1 
ATOM   226 C  C   . TYR A 1 30 ? -1.197  -3.378  3.680   1.00 17.91 ? 29  TYR A C   1 
ATOM   227 O  O   . TYR A 1 30 ? -1.372  -2.381  3.022   1.00 17.51 ? 29  TYR A O   1 
ATOM   228 C  CB  . TYR A 1 30 ? 0.757   -4.590  2.664   1.00 17.99 ? 29  TYR A CB  1 
ATOM   229 C  CG  . TYR A 1 30 ? 1.315   -5.838  2.034   1.00 17.77 ? 29  TYR A CG  1 
ATOM   230 C  CD1 . TYR A 1 30 ? 1.895   -6.833  2.803   1.00 18.27 ? 29  TYR A CD1 1 
ATOM   231 C  CD2 . TYR A 1 30 ? 1.210   -6.052  0.672   1.00 19.18 ? 29  TYR A CD2 1 
ATOM   232 C  CE1 . TYR A 1 30 ? 2.382   -8.000  2.232   1.00 18.03 ? 29  TYR A CE1 1 
ATOM   233 C  CE2 . TYR A 1 30 ? 1.711   -7.201  0.081   1.00 18.32 ? 29  TYR A CE2 1 
ATOM   234 C  CZ  . TYR A 1 30 ? 2.277   -8.190  0.872   1.00 17.45 ? 29  TYR A CZ  1 
ATOM   235 O  OH  . TYR A 1 30 ? 2.785   -9.314  0.292   1.00 18.44 ? 29  TYR A OH  1 
ATOM   236 N  N   . ASP A 1 31 ? -1.369  -3.439  5.002   1.00 18.26 ? 30  ASP A N   1 
ATOM   237 C  CA  . ASP A 1 31 ? -1.639  -2.280  5.810   1.00 19.06 ? 30  ASP A CA  1 
ATOM   238 C  C   . ASP A 1 31 ? -0.302  -1.672  6.260   1.00 18.03 ? 30  ASP A C   1 
ATOM   239 O  O   . ASP A 1 31 ? 0.354   -2.196  7.159   1.00 17.67 ? 30  ASP A O   1 
ATOM   240 C  CB  . ASP A 1 31 ? -2.543  -2.629  7.000   1.00 21.06 ? 30  ASP A CB  1 
ATOM   241 C  CG  . ASP A 1 31 ? -2.859  -1.436  7.893   1.00 21.36 ? 30  ASP A CG  1 
ATOM   242 O  OD1 . ASP A 1 31 ? -2.453  -0.308  7.521   1.00 20.34 ? 30  ASP A OD1 1 
ATOM   243 O  OD2 . ASP A 1 31 ? -3.559  -1.632  8.927   1.00 22.39 ? 30  ASP A OD2 1 
ATOM   244 N  N   . VAL A 1 32 ? 0.054   -0.532  5.662   1.00 20.05 ? 31  VAL A N   1 
ATOM   245 C  CA  . VAL A 1 32 ? 1.295   0.156   5.955   1.00 21.88 ? 31  VAL A CA  1 
ATOM   246 C  C   . VAL A 1 32 ? 1.028   1.409   6.814   1.00 23.44 ? 31  VAL A C   1 
ATOM   247 O  O   . VAL A 1 32 ? 1.899   2.278   6.954   1.00 21.88 ? 31  VAL A O   1 
ATOM   248 C  CB  . VAL A 1 32 ? 2.075   0.479   4.665   1.00 22.48 ? 31  VAL A CB  1 
ATOM   249 C  CG1 . VAL A 1 32 ? 2.638   -0.784  4.032   1.00 22.09 ? 31  VAL A CG1 1 
ATOM   250 C  CG2 . VAL A 1 32 ? 1.260   1.267   3.648   1.00 20.44 ? 31  VAL A CG2 1 
ATOM   251 N  N   . THR A 1 33 ? -0.169  1.494   7.402   1.00 24.87 ? 32  THR A N   1 
ATOM   252 C  CA  . THR A 1 33 ? -0.472  2.526   8.389   1.00 28.85 ? 32  THR A CA  1 
ATOM   253 C  C   . THR A 1 33 ? 0.506   2.346   9.557   1.00 33.97 ? 32  THR A C   1 
ATOM   254 O  O   . THR A 1 33 ? 0.798   1.225   9.977   1.00 37.57 ? 32  THR A O   1 
ATOM   255 C  CB  . THR A 1 33 ? -1.938  2.478   8.851   1.00 29.07 ? 32  THR A CB  1 
ATOM   256 O  OG1 . THR A 1 33 ? -2.807  2.379   7.716   1.00 27.23 ? 32  THR A OG1 1 
ATOM   257 C  CG2 . THR A 1 33 ? -2.316  3.698   9.666   1.00 27.67 ? 32  THR A CG2 1 
ATOM   258 N  N   . GLY A 1 34 ? 1.075   3.450   10.035  1.00 37.64 ? 33  GLY A N   1 
ATOM   259 C  CA  . GLY A 1 34 ? 2.017   3.359   11.153  1.00 38.68 ? 33  GLY A CA  1 
ATOM   260 C  C   . GLY A 1 34 ? 3.468   3.390   10.701  1.00 37.22 ? 33  GLY A C   1 
ATOM   261 O  O   . GLY A 1 34 ? 4.304   3.829   11.462  1.00 41.03 ? 33  GLY A O   1 
ATOM   262 N  N   . SER A 1 35 ? 3.760   2.898   9.486   1.00 34.71 ? 34  SER A N   1 
ATOM   263 C  CA  . SER A 1 35 ? 5.028   3.162   8.805   1.00 32.54 ? 34  SER A CA  1 
ATOM   264 C  C   . SER A 1 35 ? 5.143   4.666   8.525   1.00 33.54 ? 34  SER A C   1 
ATOM   265 O  O   . SER A 1 35 ? 4.377   5.215   7.726   1.00 30.21 ? 34  SER A O   1 
ATOM   266 C  CB  . SER A 1 35 ? 5.144   2.377   7.523   1.00 33.41 ? 34  SER A CB  1 
ATOM   267 O  OG  . SER A 1 35 ? 6.289   2.763   6.773   1.00 30.71 ? 34  SER A OG  1 
ATOM   268 N  N   . PHE A 1 36 ? 6.126   5.322   9.146   1.00 34.67 ? 35  PHE A N   1 
ATOM   269 C  CA  . PHE A 1 36 ? 6.354   6.741   8.908   1.00 37.73 ? 35  PHE A CA  1 
ATOM   270 C  C   . PHE A 1 36 ? 6.733   6.999   7.440   1.00 37.86 ? 35  PHE A C   1 
ATOM   271 O  O   . PHE A 1 36 ? 6.587   8.112   6.956   1.00 36.00 ? 35  PHE A O   1 
ATOM   272 C  CB  . PHE A 1 36 ? 7.397   7.333   9.857   1.00 41.20 ? 35  PHE A CB  1 
ATOM   273 C  CG  . PHE A 1 36 ? 7.283   8.835   9.890   1.00 42.70 ? 35  PHE A CG  1 
ATOM   274 C  CD1 . PHE A 1 36 ? 6.269   9.447   10.616  1.00 43.52 ? 35  PHE A CD1 1 
ATOM   275 C  CD2 . PHE A 1 36 ? 8.110   9.626   9.105   1.00 42.56 ? 35  PHE A CD2 1 
ATOM   276 C  CE1 . PHE A 1 36 ? 6.127   10.826  10.607  1.00 43.33 ? 35  PHE A CE1 1 
ATOM   277 C  CE2 . PHE A 1 36 ? 7.956   11.004  9.084   1.00 44.83 ? 35  PHE A CE2 1 
ATOM   278 C  CZ  . PHE A 1 36 ? 6.968   11.601  9.839   1.00 45.62 ? 35  PHE A CZ  1 
ATOM   279 N  N   . HIS A 1 37 ? 7.168   5.956   6.725   1.00 35.94 ? 36  HIS A N   1 
ATOM   280 C  CA  . HIS A 1 37 ? 7.418   6.042   5.282   1.00 36.85 ? 36  HIS A CA  1 
ATOM   281 C  C   . HIS A 1 37 ? 6.125   6.262   4.491   1.00 33.12 ? 36  HIS A C   1 
ATOM   282 O  O   . HIS A 1 37 ? 6.179   6.697   3.356   1.00 31.71 ? 36  HIS A O   1 
ATOM   283 C  CB  . HIS A 1 37 ? 8.152   4.784   4.798   1.00 35.97 ? 36  HIS A CB  1 
ATOM   284 C  CG  . HIS A 1 37 ? 9.500   4.653   5.425   1.00 40.38 ? 36  HIS A CG  1 
ATOM   285 N  ND1 . HIS A 1 37 ? 10.651  5.113   4.809   1.00 37.64 ? 36  HIS A ND1 1 
ATOM   286 C  CD2 . HIS A 1 37 ? 9.877   4.179   6.635   1.00 41.26 ? 36  HIS A CD2 1 
ATOM   287 C  CE1 . HIS A 1 37 ? 11.680  4.909   5.602   1.00 40.66 ? 36  HIS A CE1 1 
ATOM   288 N  NE2 . HIS A 1 37 ? 11.238  4.317   6.719   1.00 40.97 ? 36  HIS A NE2 1 
ATOM   289 N  N   . TRP A 1 38 ? 4.976   5.924   5.083   1.00 31.91 ? 37  TRP A N   1 
ATOM   290 C  CA  . TRP A 1 38 ? 3.699   5.974   4.379   1.00 30.83 ? 37  TRP A CA  1 
ATOM   291 C  C   . TRP A 1 38 ? 2.675   6.895   5.048   1.00 33.40 ? 37  TRP A C   1 
ATOM   292 O  O   . TRP A 1 38 ? 1.552   6.966   4.560   1.00 34.10 ? 37  TRP A O   1 
ATOM   293 C  CB  . TRP A 1 38 ? 3.122   4.564   4.262   1.00 30.47 ? 37  TRP A CB  1 
ATOM   294 C  CG  . TRP A 1 38 ? 3.854   3.735   3.265   1.00 27.01 ? 37  TRP A CG  1 
ATOM   295 C  CD1 . TRP A 1 38 ? 4.891   2.888   3.500   1.00 26.77 ? 37  TRP A CD1 1 
ATOM   296 C  CD2 . TRP A 1 38 ? 3.625   3.723   1.851   1.00 27.35 ? 37  TRP A CD2 1 
ATOM   297 N  NE1 . TRP A 1 38 ? 5.293   2.307   2.334   1.00 26.97 ? 37  TRP A NE1 1 
ATOM   298 C  CE2 . TRP A 1 38 ? 4.544   2.808   1.304   1.00 25.15 ? 37  TRP A CE2 1 
ATOM   299 C  CE3 . TRP A 1 38 ? 2.712   4.364   1.006   1.00 25.46 ? 37  TRP A CE3 1 
ATOM   300 C  CZ2 . TRP A 1 38 ? 4.582   2.530   -0.055  1.00 25.34 ? 37  TRP A CZ2 1 
ATOM   301 C  CZ3 . TRP A 1 38 ? 2.762   4.096   -0.343  1.00 27.00 ? 37  TRP A CZ3 1 
ATOM   302 C  CH2 . TRP A 1 38 ? 3.692   3.195   -0.862  1.00 26.46 ? 37  TRP A CH2 1 
ATOM   303 N  N   . LYS A 1 39 ? 3.031   7.596   6.130   1.00 37.62 ? 38  LYS A N   1 
ATOM   304 C  CA  . LYS A 1 39 ? 2.049   8.474   6.799   1.00 40.25 ? 38  LYS A CA  1 
ATOM   305 C  C   . LYS A 1 39 ? 1.691   9.616   5.838   1.00 37.63 ? 38  LYS A C   1 
ATOM   306 O  O   . LYS A 1 39 ? 2.507   10.029  5.029   1.00 37.32 ? 38  LYS A O   1 
ATOM   307 C  CB  . LYS A 1 39 ? 2.575   8.958   8.155   1.00 48.20 ? 38  LYS A CB  1 
ATOM   308 C  CG  . LYS A 1 39 ? 2.667   7.892   9.253   1.00 52.44 ? 38  LYS A CG  1 
ATOM   309 C  CD  . LYS A 1 39 ? 1.507   6.901   9.331   1.00 55.86 ? 38  LYS A CD  1 
ATOM   310 C  CE  . LYS A 1 39 ? 0.135   7.524   9.532   1.00 61.40 ? 38  LYS A CE  1 
ATOM   311 N  NZ  . LYS A 1 39 ? -0.212  7.686   10.968  1.00 60.62 ? 38  LYS A NZ  1 
ATOM   312 N  N   . GLY A 1 40 ? 0.428   10.056  5.881   1.00 38.30 ? 39  GLY A N   1 
ATOM   313 C  CA  . GLY A 1 40 ? -0.122  10.983  4.892   1.00 36.65 ? 39  GLY A CA  1 
ATOM   314 C  C   . GLY A 1 40 ? -0.450  10.276  3.581   1.00 36.56 ? 39  GLY A C   1 
ATOM   315 O  O   . GLY A 1 40 ? -1.050  10.868  2.682   1.00 36.16 ? 39  GLY A O   1 
ATOM   316 N  N   . GLY A 1 41 ? -0.041  9.006   3.461   1.00 33.02 ? 40  GLY A N   1 
ATOM   317 C  CA  . GLY A 1 41 ? -0.292  8.192   2.263   1.00 37.30 ? 40  GLY A CA  1 
ATOM   318 C  C   . GLY A 1 41 ? 0.626   8.527   1.096   1.00 35.74 ? 40  GLY A C   1 
ATOM   319 O  O   . GLY A 1 41 ? 0.335   8.167   -0.045  1.00 32.35 ? 40  GLY A O   1 
ATOM   320 N  N   . LYS A 1 42 ? 1.739   9.212   1.384   1.00 37.48 ? 41  LYS A N   1 
ATOM   321 C  CA  . LYS A 1 42 ? 2.771   9.484   0.407   1.00 35.85 ? 41  LYS A CA  1 
ATOM   322 C  C   . LYS A 1 42 ? 4.025   8.720   0.839   1.00 34.62 ? 41  LYS A C   1 
ATOM   323 O  O   . LYS A 1 42 ? 4.319   8.608   2.061   1.00 32.44 ? 41  LYS A O   1 
ATOM   324 C  CB  . LYS A 1 42 ? 2.993   10.996  0.258   1.00 41.05 ? 41  LYS A CB  1 
ATOM   325 C  CG  . LYS A 1 42 ? 1.919   11.732  -0.544  1.00 45.45 ? 41  LYS A CG  1 
ATOM   326 C  CD  . LYS A 1 42 ? 1.055   12.713  0.249   1.00 48.65 ? 41  LYS A CD  1 
ATOM   327 C  CE  . LYS A 1 42 ? 0.105   13.507  -0.632  1.00 48.62 ? 41  LYS A CE  1 
ATOM   328 N  NZ  . LYS A 1 42 ? -0.532  14.635  0.087   1.00 47.89 ? 41  LYS A NZ  1 
ATOM   329 N  N   . HIS A 1 43 ? 4.707   8.145   -0.161  1.00 29.96 ? 42  HIS A N   1 
ATOM   330 C  CA  . HIS A 1 43 ? 5.944   7.371   0.017   1.00 27.92 ? 42  HIS A CA  1 
ATOM   331 C  C   . HIS A 1 43 ? 7.043   8.008   -0.843  1.00 26.40 ? 42  HIS A C   1 
ATOM   332 O  O   . HIS A 1 43 ? 7.109   7.793   -2.047  1.00 24.47 ? 42  HIS A O   1 
ATOM   333 C  CB  . HIS A 1 43 ? 5.692   5.881   -0.298  1.00 25.92 ? 42  HIS A CB  1 
ATOM   334 C  CG  . HIS A 1 43 ? 6.837   4.976   0.024   1.00 24.99 ? 42  HIS A CG  1 
ATOM   335 N  ND1 . HIS A 1 43 ? 7.365   4.866   1.299   1.00 23.95 ? 42  HIS A ND1 1 
ATOM   336 C  CD2 . HIS A 1 43 ? 7.518   4.098   -0.745  1.00 24.30 ? 42  HIS A CD2 1 
ATOM   337 C  CE1 . HIS A 1 43 ? 8.357   3.993   1.284   1.00 24.39 ? 42  HIS A CE1 1 
ATOM   338 N  NE2 . HIS A 1 43 ? 8.476   3.504   0.038   1.00 26.01 ? 42  HIS A NE2 1 
ATOM   339 N  N   . HIS A 1 44 ? 7.858   8.849   -0.201  1.00 26.50 ? 43  HIS A N   1 
ATOM   340 C  CA  . HIS A 1 44 ? 9.082   9.439   -0.799  1.00 28.66 ? 43  HIS A CA  1 
ATOM   341 C  C   . HIS A 1 44 ? 8.767   10.088  -2.144  1.00 28.51 ? 43  HIS A C   1 
ATOM   342 O  O   . HIS A 1 44 ? 9.488   9.869   -3.125  1.00 30.30 ? 43  HIS A O   1 
ATOM   343 C  CB  . HIS A 1 44 ? 10.206  8.392   -0.868  1.00 30.55 ? 43  HIS A CB  1 
ATOM   344 C  CG  . HIS A 1 44 ? 10.557  7.877   0.488   1.00 31.09 ? 43  HIS A CG  1 
ATOM   345 N  ND1 . HIS A 1 44 ? 11.094  8.693   1.469   1.00 31.22 ? 43  HIS A ND1 1 
ATOM   346 C  CD2 . HIS A 1 44 ? 10.360  6.671   1.064   1.00 31.57 ? 43  HIS A CD2 1 
ATOM   347 C  CE1 . HIS A 1 44 ? 11.254  7.996   2.586   1.00 33.57 ? 43  HIS A CE1 1 
ATOM   348 N  NE2 . HIS A 1 44 ? 10.801  6.748   2.367   1.00 31.37 ? 43  HIS A NE2 1 
ATOM   349 N  N   . VAL A 1 45 ? 7.674   10.869  -2.159  1.00 27.92 ? 44  VAL A N   1 
ATOM   350 C  CA  . VAL A 1 45 ? 7.316   11.816  -3.213  1.00 28.32 ? 44  VAL A CA  1 
ATOM   351 C  C   . VAL A 1 45 ? 6.653   11.081  -4.385  1.00 27.82 ? 44  VAL A C   1 
ATOM   352 O  O   . VAL A 1 45 ? 5.637   11.535  -4.870  1.00 27.69 ? 44  VAL A O   1 
ATOM   353 C  CB  . VAL A 1 45 ? 8.509   12.682  -3.683  1.00 29.18 ? 44  VAL A CB  1 
ATOM   354 C  CG1 . VAL A 1 45 ? 8.110   13.671  -4.773  1.00 28.84 ? 44  VAL A CG1 1 
ATOM   355 C  CG2 . VAL A 1 45 ? 9.163   13.429  -2.529  1.00 27.88 ? 44  VAL A CG2 1 
ATOM   356 N  N   . LEU A 1 46 ? 7.219   9.947   -4.809  1.00 27.32 ? 45  LEU A N   1 
ATOM   357 C  CA  . LEU A 1 46 ? 6.877   9.322   -6.079  1.00 28.19 ? 45  LEU A CA  1 
ATOM   358 C  C   . LEU A 1 46 ? 5.620   8.441   -5.979  1.00 30.08 ? 45  LEU A C   1 
ATOM   359 O  O   . LEU A 1 46 ? 5.001   8.162   -7.006  1.00 29.49 ? 45  LEU A O   1 
ATOM   360 C  CB  . LEU A 1 46 ? 8.079   8.481   -6.518  1.00 30.72 ? 45  LEU A CB  1 
ATOM   361 C  CG  . LEU A 1 46 ? 9.307   9.258   -6.995  1.00 31.78 ? 45  LEU A CG  1 
ATOM   362 C  CD1 . LEU A 1 46 ? 10.336  8.304   -7.575  1.00 32.43 ? 45  LEU A CD1 1 
ATOM   363 C  CD2 . LEU A 1 46 ? 8.917   10.296  -8.039  1.00 34.09 ? 45  LEU A CD2 1 
ATOM   364 N  N   . HIS A 1 47 ? 5.269   7.992   -4.761  1.00 29.44 ? 46  HIS A N   1 
ATOM   365 C  CA  . HIS A 1 47 ? 4.317   6.890   -4.562  1.00 29.13 ? 46  HIS A CA  1 
ATOM   366 C  C   . HIS A 1 47 ? 3.148   7.320   -3.660  1.00 28.49 ? 46  HIS A C   1 
ATOM   367 O  O   . HIS A 1 47 ? 3.309   8.060   -2.674  1.00 25.84 ? 46  HIS A O   1 
ATOM   368 C  CB  . HIS A 1 47 ? 5.040   5.642   -4.024  1.00 28.34 ? 46  HIS A CB  1 
ATOM   369 C  CG  . HIS A 1 47 ? 6.320   5.337   -4.736  1.00 29.44 ? 46  HIS A CG  1 
ATOM   370 N  ND1 . HIS A 1 47 ? 6.337   4.867   -6.031  1.00 31.39 ? 46  HIS A ND1 1 
ATOM   371 C  CD2 . HIS A 1 47 ? 7.608   5.466   -4.356  1.00 28.58 ? 46  HIS A CD2 1 
ATOM   372 C  CE1 . HIS A 1 47 ? 7.582   4.694   -6.421  1.00 31.24 ? 46  HIS A CE1 1 
ATOM   373 N  NE2 . HIS A 1 47 ? 8.403   5.051   -5.398  1.00 30.68 ? 46  HIS A NE2 1 
ATOM   374 N  N   . ASP A 1 48 ? 1.961   6.819   -4.018  1.00 28.42 ? 47  ASP A N   1 
ATOM   375 C  CA  . ASP A 1 48 ? 0.729   7.087   -3.305  1.00 29.08 ? 47  ASP A CA  1 
ATOM   376 C  C   . ASP A 1 48 ? 0.217   5.780   -2.703  1.00 27.39 ? 47  ASP A C   1 
ATOM   377 O  O   . ASP A 1 48 ? 0.252   4.730   -3.356  1.00 26.48 ? 47  ASP A O   1 
ATOM   378 C  CB  . ASP A 1 48 ? -0.285  7.744   -4.237  1.00 32.64 ? 47  ASP A CB  1 
ATOM   379 C  CG  . ASP A 1 48 ? 0.185   9.104   -4.723  1.00 36.20 ? 47  ASP A CG  1 
ATOM   380 O  OD1 . ASP A 1 48 ? 0.291   9.293   -5.961  1.00 35.89 ? 47  ASP A OD1 1 
ATOM   381 O  OD2 . ASP A 1 48 ? 0.479   9.949   -3.856  1.00 41.43 ? 47  ASP A OD2 1 
ATOM   382 N  N   . ALA A 1 49 ? -0.206  5.854   -1.437  1.00 26.48 ? 48  ALA A N   1 
ATOM   383 C  CA  . ALA A 1 49 ? -0.922  4.776   -0.793  1.00 24.35 ? 48  ALA A CA  1 
ATOM   384 C  C   . ALA A 1 49 ? -2.249  4.606   -1.525  1.00 23.49 ? 48  ALA A C   1 
ATOM   385 O  O   . ALA A 1 49 ? -2.680  5.515   -2.240  1.00 20.45 ? 48  ALA A O   1 
ATOM   386 C  CB  . ALA A 1 49 ? -1.113  5.052   0.675   1.00 24.28 ? 48  ALA A CB  1 
ATOM   387 N  N   . GLY A 1 50 ? -2.841  3.416   -1.395  1.00 20.16 ? 49  GLY A N   1 
ATOM   388 C  CA  . GLY A 1 50 ? -4.143  3.158   -1.940  1.00 20.49 ? 49  GLY A CA  1 
ATOM   389 C  C   . GLY A 1 50 ? -4.085  2.696   -3.376  1.00 19.11 ? 49  GLY A C   1 
ATOM   390 O  O   . GLY A 1 50 ? -5.083  2.771   -4.078  1.00 20.01 ? 49  GLY A O   1 
ATOM   391 N  N   . GLN A 1 51 ? -2.917  2.196   -3.809  1.00 20.11 ? 50  GLN A N   1 
ATOM   392 C  CA  . GLN A 1 51 ? -2.714  1.781   -5.176  1.00 20.23 ? 50  GLN A CA  1 
ATOM   393 C  C   . GLN A 1 51 ? -1.994  0.433   -5.226  1.00 18.90 ? 50  GLN A C   1 
ATOM   394 O  O   . GLN A 1 51 ? -1.305  0.012   -4.295  1.00 18.35 ? 50  GLN A O   1 
ATOM   395 C  CB  . GLN A 1 51 ? -1.914  2.823   -5.961  1.00 22.72 ? 50  GLN A CB  1 
ATOM   396 C  CG  . GLN A 1 51 ? -2.680  4.113   -6.211  1.00 23.13 ? 50  GLN A CG  1 
ATOM   397 C  CD  . GLN A 1 51 ? -1.819  5.152   -6.883  1.00 24.04 ? 50  GLN A CD  1 
ATOM   398 O  OE1 . GLN A 1 51 ? -0.599  5.030   -6.946  1.00 23.87 ? 50  GLN A OE1 1 
ATOM   399 N  NE2 . GLN A 1 51 ? -2.460  6.200   -7.375  1.00 27.10 ? 50  GLN A NE2 1 
ATOM   400 N  N   . ASP A 1 52 ? -2.161  -0.238  -6.364  1.00 19.60 ? 51  ASP A N   1 
ATOM   401 C  CA  . ASP A 1 52 ? -1.324  -1.342  -6.730  1.00 20.67 ? 51  ASP A CA  1 
ATOM   402 C  C   . ASP A 1 52 ? -0.008  -0.793  -7.308  1.00 22.61 ? 51  ASP A C   1 
ATOM   403 O  O   . ASP A 1 52 ? 0.012   -0.195  -8.380  1.00 22.76 ? 51  ASP A O   1 
ATOM   404 C  CB  . ASP A 1 52 ? -2.049  -2.249  -7.712  1.00 22.02 ? 51  ASP A CB  1 
ATOM   405 C  CG  . ASP A 1 52 ? -1.197  -3.399  -8.213  1.00 21.22 ? 51  ASP A CG  1 
ATOM   406 O  OD1 . ASP A 1 52 ? -1.581  -3.989  -9.199  1.00 23.94 ? 51  ASP A OD1 1 
ATOM   407 O  OD2 . ASP A 1 52 ? -0.155  -3.654  -7.627  1.00 20.96 ? 51  ASP A OD2 1 
ATOM   408 N  N   . LEU A 1 53 ? 1.083   -1.026  -6.584  1.00 22.08 ? 52  LEU A N   1 
ATOM   409 C  CA  . LEU A 1 53 ? 2.363   -0.479  -6.912  1.00 23.91 ? 52  LEU A CA  1 
ATOM   410 C  C   . LEU A 1 53 ? 3.333   -1.595  -7.325  1.00 24.97 ? 52  LEU A C   1 
ATOM   411 O  O   . LEU A 1 53 ? 4.575   -1.463  -7.176  1.00 26.81 ? 52  LEU A O   1 
ATOM   412 C  CB  . LEU A 1 53 ? 2.848   0.301   -5.686  1.00 25.11 ? 52  LEU A CB  1 
ATOM   413 C  CG  . LEU A 1 53 ? 1.974   1.485   -5.254  1.00 24.43 ? 52  LEU A CG  1 
ATOM   414 C  CD1 . LEU A 1 53 ? 2.608   2.214   -4.085  1.00 25.85 ? 52  LEU A CD1 1 
ATOM   415 C  CD2 . LEU A 1 53 ? 1.746   2.449   -6.402  1.00 24.82 ? 52  LEU A CD2 1 
ATOM   416 N  N   . THR A 1 54 ? 2.780   -2.688  -7.870  1.00 24.61 ? 53  THR A N   1 
ATOM   417 C  CA  . THR A 1 54 ? 3.560   -3.838  -8.271  1.00 26.28 ? 53  THR A CA  1 
ATOM   418 C  C   . THR A 1 54 ? 4.680   -3.390  -9.229  1.00 28.28 ? 53  THR A C   1 
ATOM   419 O  O   . THR A 1 54 ? 5.848   -3.660  -8.981  1.00 28.29 ? 53  THR A O   1 
ATOM   420 C  CB  . THR A 1 54 ? 2.674   -4.920  -8.908  1.00 27.82 ? 53  THR A CB  1 
ATOM   421 O  OG1 . THR A 1 54 ? 1.684   -5.347  -7.977  1.00 24.32 ? 53  THR A OG1 1 
ATOM   422 C  CG2 . THR A 1 54 ? 3.453   -6.129  -9.367  1.00 28.34 ? 53  THR A CG2 1 
ATOM   423 N  N   . GLU A 1 55 ? 4.312   -2.667  -10.286 1.00 30.10 ? 54  GLU A N   1 
ATOM   424 C  CA  . GLU A 1 55 ? 5.259   -2.199  -11.285 1.00 36.97 ? 54  GLU A CA  1 
ATOM   425 C  C   . GLU A 1 55 ? 6.248   -1.201  -10.680 1.00 34.83 ? 54  GLU A C   1 
ATOM   426 O  O   . GLU A 1 55 ? 7.412   -1.238  -11.038 1.00 42.74 ? 54  GLU A O   1 
ATOM   427 C  CB  . GLU A 1 55 ? 4.554   -1.536  -12.468 1.00 43.04 ? 54  GLU A CB  1 
ATOM   428 C  CG  . GLU A 1 55 ? 4.217   -2.505  -13.585 1.00 48.73 ? 54  GLU A CG  1 
ATOM   429 C  CD  . GLU A 1 55 ? 4.447   -1.957  -14.984 1.00 51.89 ? 54  GLU A CD  1 
ATOM   430 O  OE1 . GLU A 1 55 ? 5.629   -1.750  -15.365 1.00 51.91 ? 54  GLU A OE1 1 
ATOM   431 O  OE2 . GLU A 1 55 ? 3.438   -1.718  -15.685 1.00 63.04 ? 54  GLU A OE2 1 
ATOM   432 N  N   . SER A 1 56 ? 5.775   -0.354  -9.759  1.00 30.31 ? 55  SER A N   1 
ATOM   433 C  CA  . SER A 1 56 ? 6.532   0.773   -9.182  1.00 29.53 ? 55  SER A CA  1 
ATOM   434 C  C   . SER A 1 56 ? 7.789   0.327   -8.421  1.00 29.98 ? 55  SER A C   1 
ATOM   435 O  O   . SER A 1 56 ? 8.642   1.156   -8.138  1.00 31.28 ? 55  SER A O   1 
ATOM   436 C  CB  . SER A 1 56 ? 5.644   1.602   -8.268  1.00 29.09 ? 55  SER A CB  1 
ATOM   437 O  OG  . SER A 1 56 ? 4.540   2.147   -8.982  1.00 27.41 ? 55  SER A OG  1 
ATOM   438 N  N   . ILE A 1 57 ? 7.886   -0.949  -8.037  1.00 31.95 ? 56  ILE A N   1 
ATOM   439 C  CA  . ILE A 1 57 ? 8.944   -1.399  -7.105  1.00 34.21 ? 56  ILE A CA  1 
ATOM   440 C  C   . ILE A 1 57 ? 10.304  -1.403  -7.825  1.00 35.84 ? 56  ILE A C   1 
ATOM   441 O  O   . ILE A 1 57 ? 11.351  -1.266  -7.179  1.00 34.60 ? 56  ILE A O   1 
ATOM   442 C  CB  . ILE A 1 57 ? 8.600   -2.780  -6.505  1.00 36.07 ? 56  ILE A CB  1 
ATOM   443 C  CG1 . ILE A 1 57 ? 9.394   -3.075  -5.224  1.00 35.63 ? 56  ILE A CG1 1 
ATOM   444 C  CG2 . ILE A 1 57 ? 8.772   -3.884  -7.543  1.00 34.91 ? 56  ILE A CG2 1 
ATOM   445 C  CD1 . ILE A 1 57 ? 9.015   -2.208  -4.033  1.00 36.30 ? 56  ILE A CD1 1 
ATOM   446 N  N   . GLY A 1 58 ? 10.270  -1.549  -9.159  1.00 38.52 ? 57  GLY A N   1 
ATOM   447 C  CA  . GLY A 1 58 ? 11.448  -1.657  -10.017 1.00 41.02 ? 57  GLY A CA  1 
ATOM   448 C  C   . GLY A 1 58 ? 12.412  -0.488  -9.854  1.00 44.18 ? 57  GLY A C   1 
ATOM   449 O  O   . GLY A 1 58 ? 13.626  -0.675  -9.938  1.00 40.34 ? 57  GLY A O   1 
ATOM   450 N  N   . ARG A 1 59 ? 11.855  0.707   -9.616  1.00 43.12 ? 58  ARG A N   1 
ATOM   451 C  CA  . ARG A 1 59 ? 12.602  1.949   -9.495  1.00 44.37 ? 58  ARG A CA  1 
ATOM   452 C  C   . ARG A 1 59 ? 12.967  2.238   -8.025  1.00 43.30 ? 58  ARG A C   1 
ATOM   453 O  O   . ARG A 1 59 ? 13.806  3.090   -7.771  1.00 43.35 ? 58  ARG A O   1 
ATOM   454 C  CB  . ARG A 1 59 ? 11.778  3.077   -10.127 1.00 49.95 ? 58  ARG A CB  1 
ATOM   455 C  CG  . ARG A 1 59 ? 11.439  2.844   -11.596 1.00 54.07 ? 58  ARG A CG  1 
ATOM   456 C  CD  . ARG A 1 59 ? 10.162  3.524   -12.073 1.00 57.47 ? 58  ARG A CD  1 
ATOM   457 N  NE  . ARG A 1 59 ? 10.225  3.803   -13.505 1.00 58.68 ? 58  ARG A NE  1 
ATOM   458 C  CZ  . ARG A 1 59 ? 10.575  4.973   -14.043 1.00 60.32 ? 58  ARG A CZ  1 
ATOM   459 N  NH1 . ARG A 1 59 ? 10.526  6.084   -13.329 1.00 59.70 ? 58  ARG A NH1 1 
ATOM   460 N  NH2 . ARG A 1 59 ? 10.978  5.026   -15.300 1.00 58.55 ? 58  ARG A NH2 1 
ATOM   461 N  N   . ALA A 1 60 ? 12.355  1.530   -7.063  1.00 38.34 ? 59  ALA A N   1 
ATOM   462 C  CA  . ALA A 1 60 ? 12.621  1.739   -5.626  1.00 36.84 ? 59  ALA A CA  1 
ATOM   463 C  C   . ALA A 1 60 ? 14.070  1.380   -5.307  1.00 34.69 ? 59  ALA A C   1 
ATOM   464 O  O   . ALA A 1 60 ? 14.621  0.505   -5.964  1.00 30.14 ? 59  ALA A O   1 
ATOM   465 C  CB  . ALA A 1 60 ? 11.680  0.901   -4.791  1.00 36.94 ? 59  ALA A CB  1 
ATOM   466 N  N   . PRO A 1 61 ? 14.678  1.966   -4.245  1.00 33.72 ? 60  PRO A N   1 
ATOM   467 C  CA  . PRO A 1 61 ? 16.012  1.572   -3.770  1.00 36.54 ? 60  PRO A CA  1 
ATOM   468 C  C   . PRO A 1 61 ? 15.987  0.341   -2.852  1.00 37.24 ? 60  PRO A C   1 
ATOM   469 O  O   . PRO A 1 61 ? 16.835  0.183   -1.973  1.00 42.77 ? 60  PRO A O   1 
ATOM   470 C  CB  . PRO A 1 61 ? 16.449  2.798   -2.950  1.00 34.94 ? 60  PRO A CB  1 
ATOM   471 C  CG  . PRO A 1 61 ? 15.149  3.271   -2.323  1.00 34.71 ? 60  PRO A CG  1 
ATOM   472 C  CD  . PRO A 1 61 ? 14.102  3.026   -3.401  1.00 35.20 ? 60  PRO A CD  1 
ATOM   473 N  N   . HIS A 1 62 ? 14.980  -0.510  -3.049  1.00 39.50 ? 61  HIS A N   1 
ATOM   474 C  CA  . HIS A 1 62 ? 14.700  -1.642  -2.197  1.00 35.81 ? 61  HIS A CA  1 
ATOM   475 C  C   . HIS A 1 62 ? 13.821  -2.608  -2.991  1.00 33.72 ? 61  HIS A C   1 
ATOM   476 O  O   . HIS A 1 62 ? 13.451  -2.305  -4.135  1.00 33.81 ? 61  HIS A O   1 
ATOM   477 C  CB  . HIS A 1 62 ? 14.050  -1.177  -0.880  1.00 35.44 ? 61  HIS A CB  1 
ATOM   478 C  CG  . HIS A 1 62 ? 12.679  -0.593  -1.013  1.00 36.85 ? 61  HIS A CG  1 
ATOM   479 N  ND1 . HIS A 1 62 ? 11.569  -1.359  -1.326  1.00 35.76 ? 61  HIS A ND1 1 
ATOM   480 C  CD2 . HIS A 1 62 ? 12.224  0.671   -0.825  1.00 34.87 ? 61  HIS A CD2 1 
ATOM   481 C  CE1 . HIS A 1 62 ? 10.495  -0.586  -1.336  1.00 31.91 ? 61  HIS A CE1 1 
ATOM   482 N  NE2 . HIS A 1 62 ? 10.858  0.668   -1.007  1.00 32.27 ? 61  HIS A NE2 1 
ATOM   483 N  N   . THR A 1 63 ? 13.501  -3.759  -2.392  1.00 32.37 ? 62  THR A N   1 
ATOM   484 C  CA  . THR A 1 63 ? 12.578  -4.733  -3.015  1.00 33.78 ? 62  THR A CA  1 
ATOM   485 C  C   . THR A 1 63 ? 11.346  -4.898  -2.110  1.00 33.18 ? 62  THR A C   1 
ATOM   486 O  O   . THR A 1 63 ? 11.231  -4.259  -1.044  1.00 29.61 ? 62  THR A O   1 
ATOM   487 C  CB  . THR A 1 63 ? 13.318  -6.032  -3.385  1.00 34.72 ? 62  THR A CB  1 
ATOM   488 O  OG1 . THR A 1 63 ? 13.879  -6.626  -2.215  1.00 32.21 ? 62  THR A OG1 1 
ATOM   489 C  CG2 . THR A 1 63 ? 14.409  -5.800  -4.407  1.00 33.26 ? 62  THR A CG2 1 
ATOM   490 N  N   . ALA A 1 64 ? 10.415  -5.747  -2.553  1.00 34.99 ? 63  ALA A N   1 
ATOM   491 C  CA  . ALA A 1 64 ? 9.107   -5.913  -1.930  1.00 33.34 ? 63  ALA A CA  1 
ATOM   492 C  C   . ALA A 1 64 ? 9.197   -6.663  -0.597  1.00 32.79 ? 63  ALA A C   1 
ATOM   493 O  O   . ALA A 1 64 ? 8.209   -6.710  0.127   1.00 32.18 ? 63  ALA A O   1 
ATOM   494 C  CB  . ALA A 1 64 ? 8.189   -6.623  -2.888  1.00 36.94 ? 63  ALA A CB  1 
ATOM   495 N  N   . GLU A 1 65 ? 10.376  -7.220  -0.279  1.00 34.83 ? 64  GLU A N   1 
ATOM   496 C  CA  . GLU A 1 65 ? 10.658  -7.919  0.995   1.00 37.65 ? 64  GLU A CA  1 
ATOM   497 C  C   . GLU A 1 65 ? 10.175  -7.094  2.197   1.00 35.10 ? 64  GLU A C   1 
ATOM   498 O  O   . GLU A 1 65 ? 9.706   -7.664  3.202   1.00 33.43 ? 64  GLU A O   1 
ATOM   499 C  CB  . GLU A 1 65 ? 12.150  -8.257  1.152   1.00 41.68 ? 64  GLU A CB  1 
ATOM   500 C  CG  . GLU A 1 65 ? 13.109  -7.157  0.702   1.00 48.13 ? 64  GLU A CG  1 
ATOM   501 C  CD  . GLU A 1 65 ? 14.564  -7.297  1.134   1.00 52.58 ? 64  GLU A CD  1 
ATOM   502 O  OE1 . GLU A 1 65 ? 15.223  -8.277  0.708   1.00 59.38 ? 64  GLU A OE1 1 
ATOM   503 O  OE2 . GLU A 1 65 ? 15.045  -6.422  1.896   1.00 49.87 ? 64  GLU A OE2 1 
ATOM   504 N  N   . LEU A 1 66 ? 10.287  -5.763  2.099   1.00 31.12 ? 65  LEU A N   1 
ATOM   505 C  CA  . LEU A 1 66 ? 10.012  -4.863  3.223   1.00 30.77 ? 65  LEU A CA  1 
ATOM   506 C  C   . LEU A 1 66 ? 8.506   -4.847  3.567   1.00 27.41 ? 65  LEU A C   1 
ATOM   507 O  O   . LEU A 1 66 ? 8.142   -4.502  4.671   1.00 28.34 ? 65  LEU A O   1 
ATOM   508 C  CB  . LEU A 1 66 ? 10.530  -3.460  2.876   1.00 31.91 ? 65  LEU A CB  1 
ATOM   509 C  CG  . LEU A 1 66 ? 12.038  -3.324  2.629   1.00 34.71 ? 65  LEU A CG  1 
ATOM   510 C  CD1 . LEU A 1 66 ? 12.424  -1.866  2.392   1.00 33.81 ? 65  LEU A CD1 1 
ATOM   511 C  CD2 . LEU A 1 66 ? 12.855  -3.895  3.786   1.00 34.53 ? 65  LEU A CD2 1 
ATOM   512 N  N   . LEU A 1 67 ? 7.638   -5.236  2.628   1.00 26.11 ? 66  LEU A N   1 
ATOM   513 C  CA  . LEU A 1 67 ? 6.178   -5.382  2.891   1.00 24.43 ? 66  LEU A CA  1 
ATOM   514 C  C   . LEU A 1 67 ? 5.886   -6.460  3.947   1.00 25.23 ? 66  LEU A C   1 
ATOM   515 O  O   . LEU A 1 67 ? 4.790   -6.479  4.519   1.00 27.31 ? 66  LEU A O   1 
ATOM   516 C  CB  . LEU A 1 67 ? 5.476   -5.708  1.568   1.00 23.63 ? 66  LEU A CB  1 
ATOM   517 C  CG  . LEU A 1 67 ? 5.267   -4.499  0.658   1.00 22.36 ? 66  LEU A CG  1 
ATOM   518 C  CD1 . LEU A 1 67 ? 4.919   -4.896  -0.773  1.00 22.95 ? 66  LEU A CD1 1 
ATOM   519 C  CD2 . LEU A 1 67 ? 4.203   -3.599  1.222   1.00 21.20 ? 66  LEU A CD2 1 
ATOM   520 N  N   . GLU A 1 68 ? 6.842   -7.361  4.210   1.00 24.81 ? 67  GLU A N   1 
ATOM   521 C  CA  . GLU A 1 68 ? 6.597   -8.538  5.049   1.00 27.83 ? 67  GLU A CA  1 
ATOM   522 C  C   . GLU A 1 68 ? 6.355   -8.168  6.513   1.00 27.63 ? 67  GLU A C   1 
ATOM   523 O  O   . GLU A 1 68 ? 5.693   -8.912  7.239   1.00 30.04 ? 67  GLU A O   1 
ATOM   524 C  CB  . GLU A 1 68 ? 7.782   -9.502  5.010   1.00 31.55 ? 67  GLU A CB  1 
ATOM   525 C  CG  . GLU A 1 68 ? 7.448   -10.854 5.612   1.00 34.90 ? 67  GLU A CG  1 
ATOM   526 C  CD  . GLU A 1 68 ? 8.582   -11.859 5.533   1.00 37.47 ? 67  GLU A CD  1 
ATOM   527 O  OE1 . GLU A 1 68 ? 9.730   -11.476 5.840   1.00 37.16 ? 67  GLU A OE1 1 
ATOM   528 O  OE2 . GLU A 1 68 ? 8.309   -13.007 5.152   1.00 41.71 ? 67  GLU A OE2 1 
ATOM   529 N  N   . LYS A 1 69 ? 6.880   -7.027  6.953   1.00 25.40 ? 68  LYS A N   1 
ATOM   530 C  CA  . LYS A 1 69 ? 6.698   -6.578  8.320   1.00 27.26 ? 68  LYS A CA  1 
ATOM   531 C  C   . LYS A 1 69 ? 5.244   -6.128  8.572   1.00 24.61 ? 68  LYS A C   1 
ATOM   532 O  O   . LYS A 1 69 ? 4.853   -5.971  9.734   1.00 25.59 ? 68  LYS A O   1 
ATOM   533 C  CB  . LYS A 1 69 ? 7.678   -5.442  8.636   1.00 30.38 ? 68  LYS A CB  1 
ATOM   534 C  CG  . LYS A 1 69 ? 9.142   -5.753  8.345   1.00 32.09 ? 68  LYS A CG  1 
ATOM   535 C  CD  . LYS A 1 69 ? 10.134  -4.716  8.809   1.00 34.28 ? 68  LYS A CD  1 
ATOM   536 C  CE  . LYS A 1 69 ? 9.596   -3.300  8.804   1.00 35.21 ? 68  LYS A CE  1 
ATOM   537 N  NZ  . LYS A 1 69 ? 10.664  -2.326  9.144   1.00 37.85 ? 68  LYS A NZ  1 
ATOM   538 N  N   . PHE A 1 70 ? 4.447   -5.938  7.509   1.00 22.02 ? 69  PHE A N   1 
ATOM   539 C  CA  . PHE A 1 70 ? 3.108   -5.339  7.602   1.00 20.97 ? 69  PHE A CA  1 
ATOM   540 C  C   . PHE A 1 70 ? 2.005   -6.390  7.421   1.00 20.50 ? 69  PHE A C   1 
ATOM   541 O  O   . PHE A 1 70 ? 2.143   -7.342  6.648   1.00 17.92 ? 69  PHE A O   1 
ATOM   542 C  CB  . PHE A 1 70 ? 3.033   -4.192  6.590   1.00 22.36 ? 69  PHE A CB  1 
ATOM   543 C  CG  . PHE A 1 70 ? 4.031   -3.111  6.929   1.00 22.67 ? 69  PHE A CG  1 
ATOM   544 C  CD1 . PHE A 1 70 ? 3.783   -2.239  7.976   1.00 23.81 ? 69  PHE A CD1 1 
ATOM   545 C  CD2 . PHE A 1 70 ? 5.246   -3.035  6.277   1.00 23.46 ? 69  PHE A CD2 1 
ATOM   546 C  CE1 . PHE A 1 70 ? 4.712   -1.285  8.350   1.00 24.04 ? 69  PHE A CE1 1 
ATOM   547 C  CE2 . PHE A 1 70 ? 6.177   -2.073  6.644   1.00 24.45 ? 69  PHE A CE2 1 
ATOM   548 C  CZ  . PHE A 1 70 ? 5.912   -1.213  7.684   1.00 25.33 ? 69  PHE A CZ  1 
ATOM   549 N  N   . PRO A 1 71 ? 0.844   -6.235  8.098   1.00 19.99 ? 70  PRO A N   1 
ATOM   550 C  CA  . PRO A 1 71 ? -0.266  -7.181  7.930   1.00 21.41 ? 70  PRO A CA  1 
ATOM   551 C  C   . PRO A 1 71 ? -0.795  -7.198  6.484   1.00 20.29 ? 70  PRO A C   1 
ATOM   552 O  O   . PRO A 1 71 ? -0.864  -6.164  5.849   1.00 17.42 ? 70  PRO A O   1 
ATOM   553 C  CB  . PRO A 1 71 ? -1.366  -6.712  8.886   1.00 20.50 ? 70  PRO A CB  1 
ATOM   554 C  CG  . PRO A 1 71 ? -0.802  -5.520  9.641   1.00 21.26 ? 70  PRO A CG  1 
ATOM   555 C  CD  . PRO A 1 71 ? 0.556   -5.178  9.067   1.00 21.07 ? 70  PRO A CD  1 
ATOM   556 N  N   . VAL A 1 72 ? -1.093  -8.393  5.980   1.00 22.77 ? 71  VAL A N   1 
ATOM   557 C  CA  . VAL A 1 72 ? -1.878  -8.564  4.764   1.00 23.90 ? 71  VAL A CA  1 
ATOM   558 C  C   . VAL A 1 72 ? -3.351  -8.527  5.192   1.00 24.43 ? 71  VAL A C   1 
ATOM   559 O  O   . VAL A 1 72 ? -3.777  -9.334  6.033   1.00 27.05 ? 71  VAL A O   1 
ATOM   560 C  CB  . VAL A 1 72 ? -1.530  -9.878  4.042   1.00 25.85 ? 71  VAL A CB  1 
ATOM   561 C  CG1 . VAL A 1 72 ? -2.383  -10.098 2.794   1.00 25.81 ? 71  VAL A CG1 1 
ATOM   562 C  CG2 . VAL A 1 72 ? -0.051  -9.950  3.698   1.00 25.43 ? 71  VAL A CG2 1 
ATOM   563 N  N   . VAL A 1 73 ? -4.110  -7.590  4.628   1.00 20.80 ? 72  VAL A N   1 
ATOM   564 C  CA  . VAL A 1 73 ? -5.489  -7.386  5.021   1.00 21.76 ? 72  VAL A CA  1 
ATOM   565 C  C   . VAL A 1 73 ? -6.424  -7.937  3.929   1.00 20.28 ? 72  VAL A C   1 
ATOM   566 O  O   . VAL A 1 73 ? -7.604  -8.101  4.136   1.00 18.69 ? 72  VAL A O   1 
ATOM   567 C  CB  . VAL A 1 73 ? -5.759  -5.904  5.356   1.00 22.04 ? 72  VAL A CB  1 
ATOM   568 C  CG1 . VAL A 1 73 ? -4.997  -5.473  6.599   1.00 23.09 ? 72  VAL A CG1 1 
ATOM   569 C  CG2 . VAL A 1 73 ? -5.432  -4.972  4.199   1.00 22.14 ? 72  VAL A CG2 1 
ATOM   570 N  N   . GLY A 1 74 ? -5.875  -8.311  2.779   1.00 21.23 ? 73  GLY A N   1 
ATOM   571 C  CA  . GLY A 1 74 ? -6.694  -8.951  1.774   1.00 20.77 ? 73  GLY A CA  1 
ATOM   572 C  C   . GLY A 1 74 ? -5.976  -9.113  0.452   1.00 21.00 ? 73  GLY A C   1 
ATOM   573 O  O   . GLY A 1 74 ? -4.744  -9.037  0.372   1.00 18.48 ? 73  GLY A O   1 
ATOM   574 N  N   . VAL A 1 75 ? -6.784  -9.376  -0.580  1.00 18.45 ? 74  VAL A N   1 
ATOM   575 C  CA  . VAL A 1 75 ? -6.324  -9.559  -1.909  1.00 19.42 ? 74  VAL A CA  1 
ATOM   576 C  C   . VAL A 1 75 ? -7.051  -8.536  -2.781  1.00 20.40 ? 74  VAL A C   1 
ATOM   577 O  O   . VAL A 1 75 ? -8.152  -8.084  -2.432  1.00 18.78 ? 74  VAL A O   1 
ATOM   578 C  CB  . VAL A 1 75 ? -6.520  -11.008 -2.397  1.00 19.43 ? 74  VAL A CB  1 
ATOM   579 C  CG1 . VAL A 1 75 ? -5.789  -11.992 -1.488  1.00 20.82 ? 74  VAL A CG1 1 
ATOM   580 C  CG2 . VAL A 1 75 ? -7.991  -11.393 -2.534  1.00 19.61 ? 74  VAL A CG2 1 
ATOM   581 N  N   . LEU A 1 76 ? -6.409  -8.179  -3.897  1.00 20.57 ? 75  LEU A N   1 
ATOM   582 C  CA  . LEU A 1 76 ? -6.875  -7.142  -4.762  1.00 22.94 ? 75  LEU A CA  1 
ATOM   583 C  C   . LEU A 1 76 ? -7.462  -7.777  -6.028  1.00 26.79 ? 75  LEU A C   1 
ATOM   584 O  O   . LEU A 1 76 ? -6.755  -8.461  -6.749  1.00 27.44 ? 75  LEU A O   1 
ATOM   585 C  CB  . LEU A 1 76 ? -5.707  -6.205  -5.065  1.00 23.02 ? 75  LEU A CB  1 
ATOM   586 C  CG  . LEU A 1 76 ? -6.034  -5.073  -6.028  1.00 23.96 ? 75  LEU A CG  1 
ATOM   587 C  CD1 . LEU A 1 76 ? -7.018  -4.101  -5.412  1.00 23.10 ? 75  LEU A CD1 1 
ATOM   588 C  CD2 . LEU A 1 76 ? -4.758  -4.360  -6.462  1.00 24.14 ? 75  LEU A CD2 1 
ATOM   589 N  N   . ARG A 1 77 ? -8.726  -7.416  -6.289  1.00 31.06 ? 76  ARG A N   1 
ATOM   590 C  CA  . ARG A 1 77 ? -9.776  -8.144  -7.029  1.00 36.68 ? 76  ARG A CA  1 
ATOM   591 C  C   . ARG A 1 77 ? -9.162  -9.228  -7.912  1.00 42.29 ? 76  ARG A C   1 
ATOM   592 O  O   . ARG A 1 77 ? -9.221  -10.401 -7.539  1.00 52.51 ? 76  ARG A O   1 
ATOM   593 C  CB  . ARG A 1 77 ? -10.672 -7.160  -7.797  1.00 33.80 ? 76  ARG A CB  1 
ATOM   594 C  CG  . ARG A 1 77 ? -10.146 -6.759  -9.169  1.00 34.25 ? 76  ARG A CG  1 
ATOM   595 C  CD  . ARG A 1 77 ? -11.018 -5.717  -9.850  1.00 35.76 ? 76  ARG A CD  1 
ATOM   596 N  NE  . ARG A 1 77 ? -10.868 -4.313  -9.422  1.00 33.06 ? 76  ARG A NE  1 
ATOM   597 C  CZ  . ARG A 1 77 ? -11.749 -3.358  -9.740  1.00 36.80 ? 76  ARG A CZ  1 
ATOM   598 N  NH1 . ARG A 1 77 ? -12.908 -3.704  -10.278 1.00 41.28 ? 76  ARG A NH1 1 
ATOM   599 N  NH2 . ARG A 1 77 ? -11.509 -2.069  -9.519  1.00 37.65 ? 76  ARG A NH2 1 
HETATM 600 C  CHA . HEM B 2 .  ? 10.843  1.550   2.750   1.00 29.58 ? 101 HEM A CHA 1 
HETATM 601 C  CHB . HEM B 2 .  ? 12.046  4.579   -0.960  1.00 29.56 ? 101 HEM A CHB 1 
HETATM 602 C  CHC . HEM B 2 .  ? 8.550   2.512   -3.693  1.00 28.61 ? 101 HEM A CHC 1 
HETATM 603 C  CHD . HEM B 2 .  ? 7.194   -0.214  0.107   1.00 27.26 ? 101 HEM A CHD 1 
HETATM 604 C  C1A . HEM B 2 .  ? 11.525  2.544   1.928   1.00 31.66 ? 101 HEM A C1A 1 
HETATM 605 C  C2A . HEM B 2 .  ? 12.673  3.280   2.482   1.00 35.27 ? 101 HEM A C2A 1 
HETATM 606 C  C3A . HEM B 2 .  ? 13.013  4.176   1.346   1.00 32.96 ? 101 HEM A C3A 1 
HETATM 607 C  C4A . HEM B 2 .  ? 12.082  3.867   0.344   1.00 28.50 ? 101 HEM A C4A 1 
HETATM 608 C  CMA . HEM B 2 .  ? 14.135  5.188   1.339   1.00 32.28 ? 101 HEM A CMA 1 
HETATM 609 C  CAA . HEM B 2 .  ? 13.309  3.096   3.850   1.00 40.54 ? 101 HEM A CAA 1 
HETATM 610 C  CBA . HEM B 2 .  ? 14.229  1.852   3.855   1.00 48.27 ? 101 HEM A CBA 1 
HETATM 611 C  CGA . HEM B 2 .  ? 13.970  0.869   5.006   1.00 57.24 ? 101 HEM A CGA 1 
HETATM 612 O  O1A . HEM B 2 .  ? 14.135  -0.358  4.795   1.00 59.59 ? 101 HEM A O1A 1 
HETATM 613 O  O2A . HEM B 2 .  ? 13.613  1.282   6.141   1.00 63.08 ? 101 HEM A O2A 1 
HETATM 614 C  C1B . HEM B 2 .  ? 11.141  4.330   -2.097  1.00 27.84 ? 101 HEM A C1B 1 
HETATM 615 C  C2B . HEM B 2 .  ? 11.239  5.015   -3.313  1.00 29.05 ? 101 HEM A C2B 1 
HETATM 616 C  C3B . HEM B 2 .  ? 10.199  4.398   -4.167  1.00 28.89 ? 101 HEM A C3B 1 
HETATM 617 C  C4B . HEM B 2 .  ? 9.646   3.386   -3.262  1.00 28.67 ? 101 HEM A C4B 1 
HETATM 618 C  CMB . HEM B 2 .  ? 12.163  6.137   -3.723  1.00 28.65 ? 101 HEM A CMB 1 
HETATM 619 C  CAB . HEM B 2 .  ? 9.685   4.699   -5.574  1.00 31.33 ? 101 HEM A CAB 1 
HETATM 620 C  CBB . HEM B 2 .  ? 10.650  4.309   -6.684  1.00 30.11 ? 101 HEM A CBB 1 
HETATM 621 C  C1C . HEM B 2 .  ? 7.855   1.509   -2.906  1.00 26.37 ? 101 HEM A C1C 1 
HETATM 622 C  C2C . HEM B 2 .  ? 6.794   0.817   -3.456  1.00 26.45 ? 101 HEM A C2C 1 
HETATM 623 C  C3C . HEM B 2 .  ? 6.327   -0.001  -2.314  1.00 27.17 ? 101 HEM A C3C 1 
HETATM 624 C  C4C . HEM B 2 .  ? 7.259   0.353   -1.237  1.00 25.64 ? 101 HEM A C4C 1 
HETATM 625 C  CMC . HEM B 2 .  ? 6.312   0.970   -4.867  1.00 27.19 ? 101 HEM A CMC 1 
HETATM 626 C  CAC . HEM B 2 .  ? 5.263   -1.040  -2.194  1.00 27.12 ? 101 HEM A CAC 1 
HETATM 627 C  CBC . HEM B 2 .  ? 4.650   -1.564  -3.235  1.00 27.81 ? 101 HEM A CBC 1 
HETATM 628 C  C1D . HEM B 2 .  ? 8.094   0.047   1.232   1.00 27.93 ? 101 HEM A C1D 1 
HETATM 629 C  C2D . HEM B 2 .  ? 7.930   -0.598  2.454   1.00 29.60 ? 101 HEM A C2D 1 
HETATM 630 C  C3D . HEM B 2 .  ? 9.034   -0.094  3.265   1.00 28.78 ? 101 HEM A C3D 1 
HETATM 631 C  C4D . HEM B 2 .  ? 9.660   0.790   2.378   1.00 29.13 ? 101 HEM A C4D 1 
HETATM 632 C  CMD . HEM B 2 .  ? 6.891   -1.613  2.846   1.00 30.77 ? 101 HEM A CMD 1 
HETATM 633 C  CAD . HEM B 2 .  ? 9.376   -0.439  4.710   1.00 28.96 ? 101 HEM A CAD 1 
HETATM 634 C  CBD . HEM B 2 .  ? 8.608   0.541   5.608   1.00 28.50 ? 101 HEM A CBD 1 
HETATM 635 C  CGD . HEM B 2 .  ? 8.943   0.398   7.074   1.00 26.97 ? 101 HEM A CGD 1 
HETATM 636 O  O1D . HEM B 2 .  ? 8.392   1.158   7.902   1.00 24.73 ? 101 HEM A O1D 1 
HETATM 637 O  O2D . HEM B 2 .  ? 9.760   -0.472  7.442   1.00 28.52 ? 101 HEM A O2D 1 
HETATM 638 N  NA  . HEM B 2 .  ? 11.178  2.919   0.691   1.00 29.17 ? 101 HEM A NA  1 
HETATM 639 N  NB  . HEM B 2 .  ? 10.207  3.352   -2.054  1.00 28.34 ? 101 HEM A NB  1 
HETATM 640 N  NC  . HEM B 2 .  ? 8.142   1.283   -1.631  1.00 26.95 ? 101 HEM A NC  1 
HETATM 641 N  ND  . HEM B 2 .  ? 9.124   0.892   1.152   1.00 27.62 ? 101 HEM A ND  1 
HETATM 642 FE FE  . HEM B 2 .  ? 9.666   2.098   -0.476  0.84 24.51 ? 101 HEM A FE  1 
HETATM 643 O  O   . HOH C 3 .  ? -7.332  -1.365  8.506   1.00 26.78 ? 201 HOH A O   1 
HETATM 644 O  O   . HOH C 3 .  ? 14.095  -2.487  -6.464  1.00 40.11 ? 202 HOH A O   1 
HETATM 645 O  O   . HOH C 3 .  ? 2.527   -9.726  -2.161  1.00 28.13 ? 203 HOH A O   1 
HETATM 646 O  O   . HOH C 3 .  ? 1.823   5.844   -6.911  1.00 20.94 ? 204 HOH A O   1 
HETATM 647 O  O   . HOH C 3 .  ? -13.493 -2.809  0.674   1.00 34.12 ? 205 HOH A O   1 
HETATM 648 O  O   . HOH C 3 .  ? 7.678   -0.944  -16.677 1.00 66.63 ? 206 HOH A O   1 
HETATM 649 O  O   . HOH C 3 .  ? 4.778   -8.212  11.048  1.00 29.43 ? 207 HOH A O   1 
HETATM 650 O  O   . HOH C 3 .  ? -10.718 7.691   1.865   1.00 30.38 ? 208 HOH A O   1 
HETATM 651 O  O   . HOH C 3 .  ? -3.976  8.079   8.027   1.00 38.01 ? 209 HOH A O   1 
HETATM 652 O  O   . HOH C 3 .  ? 2.936   -5.041  11.249  1.00 29.95 ? 210 HOH A O   1 
HETATM 653 O  O   . HOH C 3 .  ? -12.121 -4.000  -12.830 1.00 43.86 ? 211 HOH A O   1 
HETATM 654 O  O   . HOH C 3 .  ? -1.521  -6.204  -6.794  1.00 34.42 ? 212 HOH A O   1 
HETATM 655 O  O   . HOH C 3 .  ? 7.576   8.959   2.608   1.00 43.19 ? 213 HOH A O   1 
HETATM 656 O  O   . HOH C 3 .  ? 3.911   4.616   -7.857  1.00 24.18 ? 214 HOH A O   1 
HETATM 657 O  O   . HOH C 3 .  ? -6.295  1.594   -6.406  1.00 27.26 ? 215 HOH A O   1 
HETATM 658 O  O   . HOH C 3 .  ? -13.676 -5.325  0.668   1.00 33.42 ? 216 HOH A O   1 
HETATM 659 O  O   . HOH C 3 .  ? -13.618 -1.033  2.170   1.00 27.20 ? 217 HOH A O   1 
HETATM 660 O  O   . HOH C 3 .  ? 10.776  -6.469  -5.434  1.00 29.03 ? 218 HOH A O   1 
HETATM 661 O  O   . HOH C 3 .  ? -8.962  13.648  9.653   1.00 49.67 ? 219 HOH A O   1 
HETATM 662 O  O   . HOH C 3 .  ? -4.226  -12.709 -4.659  1.00 40.13 ? 220 HOH A O   1 
HETATM 663 O  O   . HOH C 3 .  ? -6.785  -6.067  -9.254  1.00 43.80 ? 221 HOH A O   1 
# 
